data_6E9I
#
_entry.id   6E9I
#
_cell.length_a   148.547
_cell.length_b   148.547
_cell.length_c   165.443
_cell.angle_alpha   90.00
_cell.angle_beta   90.00
_cell.angle_gamma   120.00
#
_symmetry.space_group_name_H-M   'P 32 2 1'
#
loop_
_entity.id
_entity.type
_entity.pdbx_description
1 polymer 'Bovine ultralong antibody BOV-4 heavy chain'
2 polymer 'Bovine ultralong antibody BOV-4 light chain'
3 water water
#
loop_
_entity_poly.entity_id
_entity_poly.type
_entity_poly.pdbx_seq_one_letter_code
_entity_poly.pdbx_strand_id
1 'polypeptide(L)'
;QVQLRESGPSLVKPSQTLSLTCTASGLSLSDKAVGWVRQAPGKALEWLGSIDTGGSAGYNPGLKSRVSITKDNSKSQVSL
SVRGVTTEDSATYYCTTVHQKTQLTKSCPDGYSDCYGCGAYCPYGCSGDDCYSYSSYGGYTYSSYSSTYIYEFFVDAWGQ
GLLVTVSSASTTAPKVYPLSSCCGDKSSSTVTLGCLVSSYMPEPVTVTWNSGALKSGVHTFPAVLQSSGLYSLSSMVTVP
GSTSGQTFTCNVAHPASSTKVDKAVEPKSCDGS
;
A,C,H
2 'polypeptide(L)'
;EAVLNQPSSVSGSLGQRVSITCSGSSSNVGNGYVSWYQLIPGSAPRTLIYGDTSRASGVPDRFSGSRSGNTATLTISSLQ
AEDEADYFCASAEDSSSNAVFGSGTTLTVLGQPKSPPSVTLFPPSTEELNGNKATLVCLISDFYPGSVTVVWKADGSTIT
RNVETTRASKQSNSKYAASSYLSLTSSDWKSKGSYSCEVTHEGSTVTKTVKPSECS
;
B,D,L
#
# COMPACT_ATOMS: atom_id res chain seq x y z
N GLN A 1 -20.49 -6.29 -19.55
CA GLN A 1 -19.23 -5.68 -19.93
C GLN A 1 -18.80 -4.62 -18.91
N VAL A 2 -17.50 -4.39 -18.81
CA VAL A 2 -16.93 -3.44 -17.84
C VAL A 2 -15.91 -2.56 -18.55
N GLN A 3 -15.87 -1.29 -18.15
CA GLN A 3 -14.79 -0.39 -18.52
C GLN A 3 -14.33 0.34 -17.27
N LEU A 4 -13.05 0.19 -16.93
CA LEU A 4 -12.44 0.86 -15.79
C LEU A 4 -11.24 1.64 -16.29
N ARG A 5 -11.15 2.91 -15.91
CA ARG A 5 -10.03 3.75 -16.34
C ARG A 5 -9.59 4.66 -15.20
N GLU A 6 -8.30 4.62 -14.88
CA GLU A 6 -7.73 5.44 -13.83
C GLU A 6 -7.22 6.76 -14.39
N SER A 7 -7.33 7.82 -13.59
CA SER A 7 -6.81 9.13 -13.96
C SER A 7 -6.30 9.82 -12.71
N GLY A 8 -5.37 10.76 -12.91
CA GLY A 8 -4.73 11.43 -11.80
C GLY A 8 -3.26 11.67 -12.07
N PRO A 9 -2.60 12.44 -11.21
CA PRO A 9 -1.20 12.79 -11.47
C PRO A 9 -0.28 11.59 -11.33
N SER A 10 0.75 11.58 -12.16
CA SER A 10 1.77 10.54 -12.13
C SER A 10 2.86 10.81 -11.09
N LEU A 11 2.93 12.02 -10.54
CA LEU A 11 4.00 12.41 -9.63
C LEU A 11 3.39 13.20 -8.47
N VAL A 12 3.75 12.81 -7.25
CA VAL A 12 3.23 13.43 -6.04
C VAL A 12 4.39 13.64 -5.07
N LYS A 13 4.37 14.77 -4.34
CA LYS A 13 5.45 15.04 -3.40
C LYS A 13 5.21 14.35 -2.06
N PRO A 14 6.29 13.97 -1.36
CA PRO A 14 6.13 13.36 -0.05
C PRO A 14 5.40 14.27 0.92
N SER A 15 4.62 13.65 1.81
CA SER A 15 3.72 14.23 2.81
C SER A 15 2.45 14.84 2.19
N GLN A 16 2.37 14.96 0.86
CA GLN A 16 1.15 15.44 0.23
C GLN A 16 0.15 14.29 0.14
N THR A 17 -1.02 14.58 -0.42
CA THR A 17 -2.11 13.62 -0.54
C THR A 17 -2.23 13.16 -1.98
N LEU A 18 -2.15 11.85 -2.19
CA LEU A 18 -2.33 11.24 -3.50
C LEU A 18 -3.83 11.11 -3.80
N SER A 19 -4.27 11.66 -4.92
CA SER A 19 -5.67 11.60 -5.32
C SER A 19 -5.80 10.98 -6.70
N LEU A 20 -6.64 9.95 -6.81
CA LEU A 20 -6.88 9.27 -8.06
C LEU A 20 -8.38 9.12 -8.28
N THR A 21 -8.74 8.98 -9.55
CA THR A 21 -10.14 8.86 -9.96
C THR A 21 -10.28 7.68 -10.91
N CYS A 22 -11.36 6.93 -10.76
CA CYS A 22 -11.69 5.83 -11.66
C CYS A 22 -13.05 6.10 -12.29
N THR A 23 -13.08 6.13 -13.62
CA THR A 23 -14.32 6.26 -14.37
C THR A 23 -14.78 4.87 -14.78
N ALA A 24 -15.87 4.40 -14.17
CA ALA A 24 -16.40 3.07 -14.41
C ALA A 24 -17.66 3.15 -15.26
N SER A 25 -17.87 2.13 -16.09
CA SER A 25 -19.05 2.06 -16.95
C SER A 25 -19.26 0.63 -17.40
N GLY A 26 -20.51 0.23 -17.54
CA GLY A 26 -20.85 -1.10 -18.02
C GLY A 26 -21.91 -1.80 -17.21
N LEU A 27 -22.70 -2.64 -17.89
CA LEU A 27 -23.77 -3.37 -17.23
C LEU A 27 -23.23 -4.31 -16.16
N SER A 28 -22.01 -4.80 -16.33
CA SER A 28 -21.42 -5.72 -15.36
C SER A 28 -20.94 -5.03 -14.09
N LEU A 29 -21.15 -3.72 -13.96
CA LEU A 29 -20.81 -3.04 -12.72
C LEU A 29 -21.76 -3.44 -11.60
N SER A 30 -23.04 -3.60 -11.93
CA SER A 30 -24.03 -3.91 -10.90
C SER A 30 -23.74 -5.24 -10.24
N ASP A 31 -24.04 -5.31 -8.94
CA ASP A 31 -23.72 -6.41 -8.02
C ASP A 31 -22.26 -6.38 -7.58
N LYS A 32 -21.51 -5.30 -7.85
CA LYS A 32 -20.09 -5.30 -7.59
C LYS A 32 -19.66 -3.97 -6.97
N ALA A 33 -18.69 -4.05 -6.08
CA ALA A 33 -18.04 -2.89 -5.51
C ALA A 33 -16.86 -2.48 -6.36
N VAL A 34 -16.51 -1.19 -6.32
CA VAL A 34 -15.35 -0.66 -7.02
C VAL A 34 -14.21 -0.54 -6.01
N GLY A 35 -13.09 -1.23 -6.28
CA GLY A 35 -11.99 -1.28 -5.36
C GLY A 35 -10.70 -0.76 -5.99
N TRP A 36 -9.71 -0.55 -5.13
CA TRP A 36 -8.39 -0.07 -5.53
C TRP A 36 -7.34 -1.07 -5.05
N VAL A 37 -6.51 -1.52 -5.99
CA VAL A 37 -5.37 -2.38 -5.68
C VAL A 37 -4.11 -1.73 -6.23
N ARG A 38 -3.02 -1.82 -5.48
CA ARG A 38 -1.75 -1.28 -5.91
C ARG A 38 -0.68 -2.36 -5.86
N GLN A 39 0.41 -2.13 -6.58
CA GLN A 39 1.58 -3.00 -6.54
C GLN A 39 2.84 -2.16 -6.65
N ALA A 40 3.62 -2.10 -5.57
CA ALA A 40 4.90 -1.43 -5.57
C ALA A 40 5.93 -2.24 -6.38
N PRO A 41 7.03 -1.63 -6.81
CA PRO A 41 7.90 -2.28 -7.82
C PRO A 41 8.32 -3.71 -7.52
N GLY A 42 8.86 -3.98 -6.33
CA GLY A 42 9.29 -5.32 -5.99
C GLY A 42 8.34 -6.09 -5.10
N LYS A 43 7.17 -5.56 -4.80
CA LYS A 43 6.29 -6.13 -3.80
C LYS A 43 5.15 -6.91 -4.44
N ALA A 44 4.32 -7.50 -3.59
CA ALA A 44 3.13 -8.21 -4.03
C ALA A 44 1.96 -7.24 -4.21
N LEU A 45 0.86 -7.76 -4.73
CA LEU A 45 -0.37 -6.98 -4.78
C LEU A 45 -0.81 -6.62 -3.37
N GLU A 46 -1.28 -5.39 -3.19
CA GLU A 46 -1.75 -4.92 -1.90
C GLU A 46 -3.13 -4.31 -2.03
N TRP A 47 -4.06 -4.77 -1.19
CA TRP A 47 -5.43 -4.29 -1.20
C TRP A 47 -5.53 -2.98 -0.44
N LEU A 48 -6.24 -2.01 -1.02
CA LEU A 48 -6.45 -0.73 -0.38
C LEU A 48 -7.85 -0.56 0.19
N GLY A 49 -8.88 -0.96 -0.55
CA GLY A 49 -10.24 -0.81 -0.07
C GLY A 49 -11.22 -0.81 -1.23
N SER A 50 -12.48 -0.50 -0.90
CA SER A 50 -13.54 -0.53 -1.87
C SER A 50 -14.77 0.16 -1.29
N ILE A 51 -15.65 0.60 -2.19
CA ILE A 51 -16.96 1.14 -1.83
C ILE A 51 -18.02 0.38 -2.61
N ASP A 52 -19.09 0.00 -1.92
CA ASP A 52 -20.08 -0.89 -2.50
C ASP A 52 -21.33 -0.12 -2.94
N THR A 53 -22.28 -0.85 -3.52
CA THR A 53 -23.54 -0.25 -3.94
C THR A 53 -24.27 0.40 -2.78
N GLY A 54 -24.14 -0.15 -1.57
CA GLY A 54 -24.73 0.45 -0.39
C GLY A 54 -24.12 1.77 0.03
N GLY A 55 -23.04 2.20 -0.62
CA GLY A 55 -22.43 3.47 -0.32
C GLY A 55 -21.49 3.47 0.88
N SER A 56 -21.06 2.30 1.34
CA SER A 56 -20.15 2.19 2.46
C SER A 56 -18.77 1.74 1.99
N ALA A 57 -17.73 2.27 2.62
CA ALA A 57 -16.36 2.00 2.24
C ALA A 57 -15.69 1.08 3.27
N GLY A 58 -15.00 0.06 2.78
CA GLY A 58 -14.18 -0.79 3.62
C GLY A 58 -12.72 -0.66 3.20
N TYR A 59 -11.82 -0.85 4.16
CA TYR A 59 -10.42 -0.57 3.94
C TYR A 59 -9.54 -1.72 4.46
N ASN A 60 -8.36 -1.82 3.87
CA ASN A 60 -7.27 -2.57 4.48
C ASN A 60 -7.00 -2.01 5.88
N PRO A 61 -7.02 -2.85 6.92
CA PRO A 61 -6.83 -2.32 8.28
C PRO A 61 -5.52 -1.59 8.48
N GLY A 62 -4.45 -1.99 7.78
CA GLY A 62 -3.18 -1.31 7.92
C GLY A 62 -3.15 0.08 7.32
N LEU A 63 -4.08 0.40 6.43
CA LEU A 63 -4.09 1.68 5.73
C LEU A 63 -5.34 2.50 5.97
N LYS A 64 -6.26 2.06 6.84
CA LYS A 64 -7.53 2.75 7.01
C LYS A 64 -7.33 4.20 7.45
N SER A 65 -6.34 4.46 8.30
CA SER A 65 -6.10 5.82 8.78
C SER A 65 -5.65 6.77 7.67
N ARG A 66 -5.06 6.25 6.59
CA ARG A 66 -4.51 7.10 5.54
C ARG A 66 -5.32 7.08 4.25
N VAL A 67 -6.28 6.16 4.10
CA VAL A 67 -6.99 5.95 2.85
C VAL A 67 -8.43 6.42 2.99
N SER A 68 -8.98 7.00 1.92
CA SER A 68 -10.38 7.36 1.84
C SER A 68 -10.86 7.07 0.42
N ILE A 69 -12.04 6.46 0.31
CA ILE A 69 -12.61 6.07 -0.98
C ILE A 69 -14.05 6.56 -1.04
N THR A 70 -14.36 7.38 -2.04
CA THR A 70 -15.68 7.96 -2.23
C THR A 70 -16.17 7.67 -3.65
N LYS A 71 -17.42 8.02 -3.92
CA LYS A 71 -18.00 7.82 -5.23
C LYS A 71 -18.87 9.01 -5.61
N ASP A 72 -18.87 9.33 -6.90
CA ASP A 72 -19.68 10.39 -7.48
C ASP A 72 -20.50 9.75 -8.61
N ASN A 73 -21.73 9.35 -8.28
CA ASN A 73 -22.58 8.68 -9.27
C ASN A 73 -23.03 9.64 -10.36
N SER A 74 -23.05 10.94 -10.09
CA SER A 74 -23.39 11.90 -11.14
C SER A 74 -22.32 11.91 -12.24
N LYS A 75 -21.09 11.53 -11.90
CA LYS A 75 -20.02 11.40 -12.87
C LYS A 75 -19.62 9.96 -13.13
N SER A 76 -20.28 8.99 -12.48
CA SER A 76 -19.93 7.58 -12.59
C SER A 76 -18.45 7.36 -12.28
N GLN A 77 -17.99 7.98 -11.20
CA GLN A 77 -16.59 7.93 -10.81
C GLN A 77 -16.47 7.51 -9.35
N VAL A 78 -15.35 6.84 -9.06
CA VAL A 78 -14.96 6.47 -7.71
C VAL A 78 -13.56 7.02 -7.48
N SER A 79 -13.35 7.62 -6.31
CA SER A 79 -12.10 8.31 -6.03
C SER A 79 -11.30 7.58 -4.95
N LEU A 80 -9.99 7.80 -4.98
CA LEU A 80 -9.06 7.25 -4.00
C LEU A 80 -8.19 8.38 -3.47
N SER A 81 -8.02 8.43 -2.16
CA SER A 81 -7.16 9.40 -1.50
C SER A 81 -6.21 8.67 -0.56
N VAL A 82 -4.92 9.02 -0.64
CA VAL A 82 -3.91 8.51 0.27
C VAL A 82 -3.18 9.70 0.86
N ARG A 83 -3.31 9.89 2.16
CA ARG A 83 -2.70 11.03 2.85
C ARG A 83 -1.28 10.70 3.29
N GLY A 84 -0.47 11.76 3.46
CA GLY A 84 0.88 11.67 3.97
C GLY A 84 1.75 10.64 3.30
N VAL A 85 1.84 10.70 1.96
CA VAL A 85 2.52 9.64 1.22
C VAL A 85 4.02 9.73 1.41
N THR A 86 4.68 8.58 1.36
CA THR A 86 6.13 8.45 1.31
C THR A 86 6.49 7.67 0.05
N THR A 87 7.80 7.44 -0.14
CA THR A 87 8.23 6.66 -1.30
C THR A 87 7.67 5.24 -1.25
N GLU A 88 7.23 4.77 -0.09
CA GLU A 88 6.60 3.45 0.01
C GLU A 88 5.29 3.40 -0.78
N ASP A 89 4.69 4.54 -1.08
CA ASP A 89 3.43 4.60 -1.79
C ASP A 89 3.59 4.69 -3.30
N SER A 90 4.83 4.79 -3.79
CA SER A 90 5.06 4.69 -5.22
C SER A 90 4.67 3.30 -5.71
N ALA A 91 3.74 3.23 -6.65
CA ALA A 91 3.23 1.94 -7.11
C ALA A 91 2.44 2.16 -8.39
N THR A 92 1.98 1.06 -8.97
CA THR A 92 0.95 1.08 -10.00
C THR A 92 -0.40 0.85 -9.34
N TYR A 93 -1.35 1.75 -9.62
CA TYR A 93 -2.64 1.74 -8.95
C TYR A 93 -3.72 1.25 -9.91
N TYR A 94 -4.44 0.22 -9.52
CA TYR A 94 -5.45 -0.43 -10.35
C TYR A 94 -6.85 -0.13 -9.82
N CYS A 95 -7.74 0.31 -10.71
CA CYS A 95 -9.16 0.33 -10.42
C CYS A 95 -9.77 -1.02 -10.76
N THR A 96 -10.65 -1.51 -9.90
CA THR A 96 -11.20 -2.85 -10.04
C THR A 96 -12.69 -2.87 -9.73
N THR A 97 -13.37 -3.90 -10.22
CA THR A 97 -14.66 -4.33 -9.70
C THR A 97 -14.43 -5.55 -8.81
N VAL A 98 -15.13 -5.59 -7.69
CA VAL A 98 -14.86 -6.56 -6.64
C VAL A 98 -16.14 -7.27 -6.24
N HIS A 99 -16.03 -8.57 -6.01
CA HIS A 99 -17.11 -9.39 -5.45
C HIS A 99 -16.83 -9.61 -3.97
N GLN A 100 -17.75 -9.18 -3.12
CA GLN A 100 -17.67 -9.38 -1.67
C GLN A 100 -19.04 -9.74 -1.14
N LYS A 101 -19.10 -10.84 -0.38
CA LYS A 101 -20.38 -11.35 0.10
C LYS A 101 -20.13 -12.33 1.25
N THR A 102 -20.86 -12.13 2.34
CA THR A 102 -20.84 -13.08 3.45
C THR A 102 -21.99 -14.06 3.24
N GLN A 103 -21.66 -15.35 3.17
CA GLN A 103 -22.63 -16.38 2.83
C GLN A 103 -22.80 -17.36 3.98
N LEU A 104 -24.04 -17.57 4.41
CA LEU A 104 -24.32 -18.60 5.39
C LEU A 104 -24.23 -19.97 4.72
N THR A 105 -23.46 -20.88 5.32
CA THR A 105 -23.17 -22.17 4.72
C THR A 105 -23.51 -23.27 5.72
N LYS A 106 -24.25 -24.27 5.26
CA LYS A 106 -24.69 -25.38 6.08
C LYS A 106 -23.79 -26.59 5.85
N SER A 107 -23.28 -27.16 6.93
CA SER A 107 -22.44 -28.36 6.87
C SER A 107 -22.83 -29.29 8.00
N CYS A 108 -22.49 -30.56 7.84
CA CYS A 108 -22.71 -31.52 8.91
C CYS A 108 -21.72 -31.27 10.04
N PRO A 109 -22.16 -31.39 11.29
CA PRO A 109 -21.24 -31.26 12.42
C PRO A 109 -20.13 -32.30 12.36
N ASP A 110 -19.15 -32.13 13.25
CA ASP A 110 -17.97 -32.98 13.28
C ASP A 110 -18.36 -34.45 13.45
N GLY A 111 -17.92 -35.29 12.53
CA GLY A 111 -18.15 -36.71 12.60
C GLY A 111 -19.45 -37.19 11.97
N TYR A 112 -20.25 -36.30 11.42
CA TYR A 112 -21.54 -36.64 10.82
C TYR A 112 -21.48 -36.54 9.31
N SER A 113 -22.20 -37.44 8.64
CA SER A 113 -22.28 -37.48 7.20
C SER A 113 -23.63 -36.97 6.74
N ASP A 114 -23.70 -36.60 5.46
CA ASP A 114 -24.94 -36.06 4.91
C ASP A 114 -25.90 -37.18 4.57
N CYS A 115 -27.14 -37.06 5.05
CA CYS A 115 -28.17 -38.06 4.79
C CYS A 115 -28.54 -38.14 3.31
N TYR A 116 -28.13 -37.17 2.49
CA TYR A 116 -28.38 -37.22 1.05
C TYR A 116 -27.35 -38.04 0.30
N GLY A 117 -26.19 -38.33 0.90
CA GLY A 117 -25.14 -39.04 0.19
C GLY A 117 -24.62 -40.30 0.85
N CYS A 118 -25.57 -41.11 1.32
CA CYS A 118 -25.27 -42.38 1.97
C CYS A 118 -25.70 -43.57 1.13
N GLY A 119 -26.26 -43.34 -0.06
CA GLY A 119 -26.54 -44.42 -1.00
C GLY A 119 -27.53 -45.40 -0.42
N ALA A 120 -27.13 -46.67 -0.29
CA ALA A 120 -27.98 -47.73 0.24
C ALA A 120 -27.71 -48.04 1.70
N TYR A 121 -26.84 -47.26 2.36
CA TYR A 121 -26.49 -47.46 3.76
C TYR A 121 -27.16 -46.46 4.69
N CYS A 122 -28.06 -45.64 4.16
CA CYS A 122 -28.69 -44.61 4.97
C CYS A 122 -29.50 -45.23 6.09
N PRO A 123 -29.31 -44.80 7.34
CA PRO A 123 -30.17 -45.26 8.43
C PRO A 123 -31.56 -44.66 8.31
N TYR A 124 -32.53 -45.40 8.85
CA TYR A 124 -33.93 -45.03 8.70
C TYR A 124 -34.24 -43.67 9.31
N GLY A 125 -33.56 -43.32 10.41
CA GLY A 125 -33.79 -42.05 11.08
C GLY A 125 -33.36 -40.83 10.28
N CYS A 126 -32.61 -41.04 9.19
CA CYS A 126 -32.24 -39.93 8.31
C CYS A 126 -33.45 -39.17 7.79
N SER A 127 -34.63 -39.79 7.81
CA SER A 127 -35.85 -39.14 7.35
C SER A 127 -36.21 -37.93 8.21
N GLY A 128 -35.69 -37.84 9.44
CA GLY A 128 -36.10 -36.79 10.35
C GLY A 128 -35.08 -35.68 10.56
N ASP A 129 -33.84 -35.89 10.11
CA ASP A 129 -32.77 -34.92 10.32
C ASP A 129 -31.83 -34.93 9.11
N ASP A 130 -30.82 -34.06 9.17
CA ASP A 130 -29.93 -33.83 8.03
C ASP A 130 -28.68 -34.68 8.03
N CYS A 131 -28.13 -34.99 9.20
CA CYS A 131 -26.86 -35.69 9.32
C CYS A 131 -27.01 -36.88 10.24
N TYR A 132 -26.06 -37.81 10.13
CA TYR A 132 -26.10 -39.00 10.97
C TYR A 132 -24.68 -39.45 11.29
N SER A 133 -24.55 -40.16 12.40
CA SER A 133 -23.28 -40.69 12.86
C SER A 133 -23.51 -42.06 13.48
N TYR A 134 -22.43 -42.85 13.56
CA TYR A 134 -22.53 -44.20 14.11
C TYR A 134 -21.32 -44.51 14.98
N SER A 135 -21.57 -45.09 16.14
CA SER A 135 -20.56 -45.67 17.00
C SER A 135 -21.07 -47.01 17.51
N SER A 136 -20.19 -48.01 17.53
CA SER A 136 -20.59 -49.32 18.03
C SER A 136 -21.02 -49.27 19.49
N TYR A 137 -20.71 -48.18 20.19
CA TYR A 137 -21.22 -47.98 21.55
C TYR A 137 -22.72 -47.67 21.52
N GLY A 138 -23.09 -46.53 20.92
CA GLY A 138 -24.45 -46.06 20.99
C GLY A 138 -25.24 -46.13 19.69
N GLY A 139 -24.66 -46.72 18.65
CA GLY A 139 -25.37 -46.89 17.39
C GLY A 139 -25.53 -45.62 16.60
N TYR A 140 -26.69 -45.46 15.96
CA TYR A 140 -26.95 -44.32 15.08
C TYR A 140 -27.47 -43.13 15.89
N THR A 141 -26.80 -42.00 15.76
CA THR A 141 -27.30 -40.72 16.27
C THR A 141 -27.53 -39.77 15.10
N TYR A 142 -28.30 -38.73 15.36
CA TYR A 142 -28.72 -37.81 14.31
C TYR A 142 -28.53 -36.37 14.78
N SER A 143 -28.54 -35.45 13.80
CA SER A 143 -28.24 -34.05 14.06
C SER A 143 -28.67 -33.23 12.86
N SER A 144 -28.92 -31.95 13.11
CA SER A 144 -29.26 -31.01 12.05
C SER A 144 -27.99 -30.34 11.52
N TYR A 145 -28.15 -29.54 10.48
CA TYR A 145 -27.02 -28.86 9.87
C TYR A 145 -26.45 -27.79 10.82
N SER A 146 -25.12 -27.69 10.84
CA SER A 146 -24.48 -26.53 11.46
C SER A 146 -24.41 -25.41 10.45
N SER A 147 -24.41 -24.17 10.95
CA SER A 147 -24.42 -22.99 10.10
C SER A 147 -23.17 -22.15 10.35
N THR A 148 -22.45 -21.86 9.27
CA THR A 148 -21.25 -21.04 9.31
C THR A 148 -21.31 -20.00 8.21
N TYR A 149 -20.59 -18.90 8.42
CA TYR A 149 -20.48 -17.82 7.44
C TYR A 149 -19.19 -18.01 6.63
N ILE A 150 -19.31 -17.95 5.31
CA ILE A 150 -18.17 -18.02 4.40
C ILE A 150 -18.03 -16.67 3.71
N TYR A 151 -16.86 -16.04 3.86
CA TYR A 151 -16.62 -14.70 3.33
C TYR A 151 -16.00 -14.83 1.94
N GLU A 152 -16.78 -14.47 0.92
CA GLU A 152 -16.33 -14.59 -0.46
C GLU A 152 -15.67 -13.29 -0.91
N PHE A 153 -14.51 -13.42 -1.55
CA PHE A 153 -13.82 -12.27 -2.14
C PHE A 153 -13.13 -12.71 -3.42
N PHE A 154 -13.28 -11.91 -4.47
CA PHE A 154 -12.42 -12.03 -5.64
C PHE A 154 -12.58 -10.77 -6.49
N VAL A 155 -11.47 -10.32 -7.08
CA VAL A 155 -11.51 -9.24 -8.04
C VAL A 155 -12.04 -9.78 -9.36
N ASP A 156 -13.02 -9.10 -9.93
CA ASP A 156 -13.63 -9.54 -11.18
C ASP A 156 -12.93 -8.94 -12.38
N ALA A 157 -12.86 -7.61 -12.45
CA ALA A 157 -12.27 -6.91 -13.57
C ALA A 157 -11.18 -5.98 -13.08
N TRP A 158 -10.20 -5.73 -13.95
CA TRP A 158 -9.07 -4.87 -13.66
C TRP A 158 -8.96 -3.76 -14.69
N GLY A 159 -8.58 -2.57 -14.24
CA GLY A 159 -8.18 -1.52 -15.16
C GLY A 159 -6.74 -1.69 -15.61
N GLN A 160 -6.34 -0.86 -16.56
CA GLN A 160 -4.98 -0.95 -17.08
C GLN A 160 -3.96 -0.55 -16.03
N GLY A 161 -4.35 0.28 -15.07
CA GLY A 161 -3.45 0.73 -14.03
C GLY A 161 -2.76 2.04 -14.39
N LEU A 162 -2.36 2.76 -13.36
CA LEU A 162 -1.69 4.04 -13.51
C LEU A 162 -0.51 4.08 -12.55
N LEU A 163 0.65 4.47 -13.06
CA LEU A 163 1.88 4.52 -12.26
C LEU A 163 1.97 5.88 -11.57
N VAL A 164 2.17 5.84 -10.26
CA VAL A 164 2.37 7.05 -9.46
C VAL A 164 3.74 6.97 -8.80
N THR A 165 4.51 8.05 -8.93
CA THR A 165 5.82 8.15 -8.31
C THR A 165 5.77 9.22 -7.22
N VAL A 166 6.14 8.83 -6.01
CA VAL A 166 6.28 9.77 -4.90
C VAL A 166 7.72 10.23 -4.85
N SER A 167 7.94 11.52 -5.10
CA SER A 167 9.29 12.08 -5.08
C SER A 167 9.19 13.59 -4.98
N SER A 168 10.22 14.19 -4.40
CA SER A 168 10.32 15.63 -4.32
C SER A 168 11.02 16.25 -5.53
N ALA A 169 11.55 15.43 -6.43
CA ALA A 169 12.26 15.93 -7.60
C ALA A 169 11.29 16.39 -8.68
N SER A 170 11.73 17.38 -9.47
CA SER A 170 10.93 17.94 -10.54
C SER A 170 10.94 17.03 -11.76
N THR A 171 10.25 17.46 -12.81
CA THR A 171 10.16 16.72 -14.06
C THR A 171 11.07 17.32 -15.12
N THR A 172 11.34 16.52 -16.14
CA THR A 172 12.00 16.98 -17.35
C THR A 172 11.31 16.34 -18.53
N ALA A 173 10.81 17.16 -19.44
CA ALA A 173 10.16 16.63 -20.63
C ALA A 173 11.19 16.10 -21.62
N PRO A 174 10.84 15.09 -22.42
CA PRO A 174 11.81 14.51 -23.35
C PRO A 174 11.94 15.32 -24.64
N LYS A 175 13.07 15.09 -25.30
CA LYS A 175 13.27 15.47 -26.69
C LYS A 175 13.05 14.22 -27.54
N VAL A 176 12.40 14.40 -28.69
CA VAL A 176 12.11 13.30 -29.60
C VAL A 176 12.97 13.47 -30.85
N TYR A 177 13.81 12.49 -31.13
CA TYR A 177 14.64 12.54 -32.31
C TYR A 177 14.28 11.42 -33.28
N PRO A 178 14.36 11.65 -34.58
CA PRO A 178 14.01 10.60 -35.55
C PRO A 178 15.11 9.57 -35.67
N LEU A 179 14.69 8.32 -35.90
CA LEU A 179 15.60 7.21 -36.10
C LEU A 179 15.42 6.69 -37.52
N SER A 180 16.51 6.68 -38.29
CA SER A 180 16.50 6.16 -39.65
C SER A 180 17.88 5.60 -39.95
N SER A 181 17.92 4.51 -40.72
CA SER A 181 19.16 3.80 -40.96
C SER A 181 20.15 4.64 -41.75
N CYS A 182 21.44 4.33 -41.59
CA CYS A 182 22.49 5.02 -42.31
C CYS A 182 22.32 4.82 -43.81
N CYS A 183 22.83 5.79 -44.59
CA CYS A 183 22.80 5.66 -46.04
C CYS A 183 23.77 4.59 -46.52
N GLY A 184 24.88 4.40 -45.81
CA GLY A 184 25.85 3.38 -46.19
C GLY A 184 25.55 2.01 -45.61
N ASP A 185 24.30 1.80 -45.23
CA ASP A 185 23.86 0.52 -44.67
C ASP A 185 23.49 -0.44 -45.80
N LYS A 186 23.91 -1.69 -45.67
CA LYS A 186 23.47 -2.73 -46.59
C LYS A 186 21.96 -2.80 -46.59
N SER A 187 21.38 -2.81 -47.79
CA SER A 187 19.96 -2.53 -47.96
C SER A 187 19.13 -3.81 -48.04
N SER A 188 17.82 -3.64 -47.90
CA SER A 188 16.84 -4.70 -48.06
C SER A 188 15.52 -4.05 -48.45
N SER A 189 14.52 -4.89 -48.73
CA SER A 189 13.19 -4.37 -49.03
C SER A 189 12.45 -3.90 -47.79
N THR A 190 12.98 -4.18 -46.61
CA THR A 190 12.38 -3.77 -45.34
C THR A 190 13.03 -2.48 -44.87
N VAL A 191 12.21 -1.52 -44.45
CA VAL A 191 12.68 -0.24 -43.94
C VAL A 191 12.45 -0.22 -42.43
N THR A 192 13.50 0.15 -41.69
CA THR A 192 13.41 0.31 -40.23
C THR A 192 13.46 1.79 -39.91
N LEU A 193 12.41 2.28 -39.27
CA LEU A 193 12.32 3.66 -38.78
C LEU A 193 12.03 3.63 -37.29
N GLY A 194 12.22 4.77 -36.63
CA GLY A 194 11.96 4.81 -35.20
C GLY A 194 12.00 6.20 -34.63
N CYS A 195 11.75 6.27 -33.32
CA CYS A 195 11.75 7.51 -32.56
C CYS A 195 12.51 7.32 -31.27
N LEU A 196 13.48 8.21 -31.01
CA LEU A 196 14.26 8.18 -29.77
C LEU A 196 13.64 9.19 -28.81
N VAL A 197 13.04 8.68 -27.74
CA VAL A 197 12.50 9.51 -26.66
C VAL A 197 13.62 9.66 -25.63
N SER A 198 14.21 10.86 -25.56
CA SER A 198 15.51 11.04 -24.92
C SER A 198 15.43 11.98 -23.72
N SER A 199 16.01 11.53 -22.60
CA SER A 199 16.34 12.37 -21.45
C SER A 199 15.08 12.98 -20.82
N TYR A 200 14.31 12.11 -20.17
CA TYR A 200 13.11 12.53 -19.46
C TYR A 200 13.10 11.94 -18.05
N MET A 201 12.28 12.55 -17.19
CA MET A 201 12.00 12.02 -15.86
C MET A 201 10.78 12.69 -15.26
N PRO A 202 9.93 11.96 -14.51
CA PRO A 202 10.06 10.52 -14.26
C PRO A 202 9.32 9.68 -15.29
N GLU A 203 9.28 8.37 -15.07
CA GLU A 203 8.42 7.50 -15.85
C GLU A 203 6.95 7.85 -15.59
N PRO A 204 6.04 7.49 -16.51
CA PRO A 204 6.22 6.77 -17.77
C PRO A 204 6.14 7.66 -19.01
N VAL A 205 6.38 7.06 -20.18
CA VAL A 205 5.98 7.65 -21.45
C VAL A 205 5.31 6.56 -22.28
N THR A 206 4.44 6.99 -23.19
CA THR A 206 3.75 6.11 -24.11
C THR A 206 4.07 6.55 -25.53
N VAL A 207 4.09 5.59 -26.44
CA VAL A 207 4.39 5.85 -27.84
C VAL A 207 3.34 5.16 -28.71
N THR A 208 2.75 5.92 -29.63
CA THR A 208 1.92 5.36 -30.69
C THR A 208 2.45 5.87 -32.02
N TRP A 209 1.96 5.27 -33.10
CA TRP A 209 2.38 5.63 -34.44
C TRP A 209 1.16 5.96 -35.28
N ASN A 210 1.16 7.16 -35.87
CA ASN A 210 0.06 7.66 -36.69
C ASN A 210 -1.26 7.61 -35.92
N SER A 211 -1.23 8.15 -34.70
CA SER A 211 -2.40 8.22 -33.83
C SER A 211 -3.03 6.84 -33.63
N GLY A 212 -2.19 5.82 -33.46
CA GLY A 212 -2.65 4.47 -33.25
C GLY A 212 -3.04 3.72 -34.50
N ALA A 213 -3.13 4.38 -35.66
CA ALA A 213 -3.59 3.67 -36.86
C ALA A 213 -2.58 2.64 -37.33
N LEU A 214 -1.29 2.86 -37.06
CA LEU A 214 -0.23 1.93 -37.45
C LEU A 214 0.25 1.16 -36.23
N LYS A 215 0.13 -0.18 -36.26
CA LYS A 215 0.44 -0.99 -35.09
C LYS A 215 1.27 -2.23 -35.44
N SER A 216 0.94 -2.91 -36.52
CA SER A 216 1.72 -4.08 -36.91
C SER A 216 3.09 -3.64 -37.40
N GLY A 217 4.13 -4.32 -36.91
CA GLY A 217 5.49 -3.92 -37.18
C GLY A 217 6.04 -2.89 -36.22
N VAL A 218 5.33 -2.56 -35.15
CA VAL A 218 5.75 -1.56 -34.19
C VAL A 218 6.27 -2.26 -32.94
N HIS A 219 7.46 -1.88 -32.50
CA HIS A 219 8.09 -2.46 -31.31
C HIS A 219 8.63 -1.31 -30.46
N THR A 220 8.05 -1.11 -29.28
CA THR A 220 8.46 -0.08 -28.34
C THR A 220 9.19 -0.73 -27.17
N PHE A 221 10.35 -0.18 -26.81
CA PHE A 221 11.28 -0.76 -25.86
C PHE A 221 11.22 -0.06 -24.51
N PRO A 222 11.39 -0.82 -23.42
CA PRO A 222 11.46 -0.18 -22.09
C PRO A 222 12.69 0.70 -21.98
N ALA A 223 12.60 1.66 -21.06
CA ALA A 223 13.58 2.74 -21.00
C ALA A 223 14.87 2.28 -20.33
N VAL A 224 15.95 2.96 -20.70
CA VAL A 224 17.22 2.88 -20.00
C VAL A 224 17.30 4.08 -19.07
N LEU A 225 18.09 3.95 -18.00
CA LEU A 225 18.28 5.03 -17.03
C LEU A 225 19.75 5.40 -16.99
N GLN A 226 20.04 6.67 -17.23
CA GLN A 226 21.41 7.14 -17.31
C GLN A 226 21.90 7.63 -15.95
N SER A 227 23.21 7.92 -15.89
CA SER A 227 23.79 8.45 -14.66
C SER A 227 23.16 9.78 -14.27
N SER A 228 22.70 10.55 -15.25
CA SER A 228 22.10 11.86 -14.98
C SER A 228 20.79 11.76 -14.22
N GLY A 229 20.21 10.56 -14.09
CA GLY A 229 18.89 10.41 -13.53
C GLY A 229 17.76 10.50 -14.53
N LEU A 230 18.07 10.60 -15.82
CA LEU A 230 17.08 10.77 -16.87
C LEU A 230 16.90 9.47 -17.63
N TYR A 231 15.66 9.21 -18.05
CA TYR A 231 15.33 8.01 -18.80
C TYR A 231 15.36 8.29 -20.30
N SER A 232 15.55 7.22 -21.07
CA SER A 232 15.48 7.28 -22.52
C SER A 232 14.97 5.94 -23.04
N LEU A 233 14.09 5.98 -24.03
CA LEU A 233 13.62 4.78 -24.69
C LEU A 233 13.40 5.07 -26.17
N SER A 234 13.33 4.00 -26.95
CA SER A 234 13.17 4.07 -28.39
C SER A 234 12.01 3.17 -28.82
N SER A 235 11.35 3.58 -29.90
CA SER A 235 10.31 2.78 -30.53
C SER A 235 10.61 2.72 -32.02
N MET A 236 10.55 1.53 -32.59
CA MET A 236 10.90 1.33 -34.00
C MET A 236 9.74 0.70 -34.76
N VAL A 237 9.70 1.00 -36.07
CA VAL A 237 8.71 0.44 -36.98
C VAL A 237 9.45 -0.27 -38.11
N THR A 238 8.93 -1.42 -38.51
CA THR A 238 9.43 -2.15 -39.68
C THR A 238 8.31 -2.27 -40.70
N VAL A 239 8.60 -1.92 -41.94
CA VAL A 239 7.60 -1.97 -43.00
C VAL A 239 8.11 -2.74 -44.22
N GLN A 246 4.02 6.69 -47.94
CA GLN A 246 3.38 6.74 -46.62
C GLN A 246 4.09 7.72 -45.71
N THR A 247 3.41 8.13 -44.65
CA THR A 247 3.96 9.01 -43.62
C THR A 247 4.07 8.24 -42.30
N PHE A 248 5.00 8.68 -41.46
CA PHE A 248 5.27 7.98 -40.20
C PHE A 248 5.45 9.02 -39.10
N THR A 249 4.45 9.13 -38.22
CA THR A 249 4.47 10.07 -37.12
C THR A 249 4.36 9.29 -35.81
N CYS A 250 5.32 9.48 -34.93
CA CYS A 250 5.28 8.86 -33.61
C CYS A 250 4.71 9.86 -32.61
N ASN A 251 3.77 9.40 -31.79
CA ASN A 251 3.09 10.23 -30.81
C ASN A 251 3.61 9.85 -29.43
N VAL A 252 4.30 10.79 -28.80
CA VAL A 252 4.95 10.58 -27.51
C VAL A 252 4.21 11.39 -26.45
N ALA A 253 3.83 10.75 -25.36
CA ALA A 253 3.17 11.41 -24.24
C ALA A 253 3.96 11.19 -22.98
N HIS A 254 4.23 12.26 -22.24
CA HIS A 254 4.93 12.21 -20.95
C HIS A 254 4.02 12.86 -19.91
N PRO A 255 3.21 12.08 -19.20
CA PRO A 255 2.16 12.68 -18.35
C PRO A 255 2.70 13.55 -17.23
N ALA A 256 3.84 13.18 -16.62
CA ALA A 256 4.31 13.90 -15.45
C ALA A 256 4.60 15.37 -15.77
N SER A 257 4.99 15.67 -16.99
CA SER A 257 5.25 17.05 -17.41
C SER A 257 4.13 17.61 -18.27
N SER A 258 3.07 16.85 -18.51
CA SER A 258 1.93 17.30 -19.31
C SER A 258 2.38 17.69 -20.71
N THR A 259 3.18 16.83 -21.32
CA THR A 259 3.74 17.08 -22.64
C THR A 259 3.35 15.96 -23.59
N LYS A 260 2.88 16.33 -24.77
CA LYS A 260 2.66 15.42 -25.88
C LYS A 260 3.41 15.93 -27.09
N VAL A 261 4.10 15.03 -27.79
CA VAL A 261 4.96 15.40 -28.92
C VAL A 261 4.60 14.55 -30.12
N ASP A 262 4.44 15.20 -31.26
CA ASP A 262 4.25 14.53 -32.55
C ASP A 262 5.49 14.77 -33.40
N LYS A 263 6.11 13.69 -33.87
CA LYS A 263 7.37 13.76 -34.60
C LYS A 263 7.24 12.93 -35.88
N ALA A 264 7.28 13.60 -37.03
CA ALA A 264 7.22 12.92 -38.32
C ALA A 264 8.60 12.40 -38.68
N VAL A 265 8.67 11.12 -39.06
CA VAL A 265 9.94 10.45 -39.32
C VAL A 265 9.97 9.97 -40.76
N GLU A 266 11.09 10.23 -41.43
CA GLU A 266 11.31 9.89 -42.81
C GLU A 266 12.57 9.05 -42.92
N PRO A 267 12.63 8.12 -43.88
CA PRO A 267 13.90 7.48 -44.19
C PRO A 267 14.88 8.49 -44.76
N LYS A 268 16.17 8.23 -44.55
CA LYS A 268 17.19 9.12 -45.07
C LYS A 268 17.10 9.21 -46.59
N SER A 269 17.17 10.44 -47.11
CA SER A 269 17.00 10.63 -48.55
C SER A 269 18.16 10.05 -49.34
N CYS A 270 19.38 10.11 -48.79
CA CYS A 270 20.59 9.66 -49.49
C CYS A 270 20.68 10.29 -50.88
N ASP A 271 20.46 11.60 -50.91
CA ASP A 271 20.33 12.37 -52.14
C ASP A 271 21.36 13.47 -52.27
N GLY A 272 22.16 13.72 -51.23
CA GLY A 272 22.82 14.99 -51.05
C GLY A 272 21.92 16.04 -50.44
N SER A 273 20.65 15.73 -50.24
CA SER A 273 19.69 16.63 -49.62
C SER A 273 19.40 16.19 -48.19
N ALA B 2 -0.77 -11.98 7.71
CA ALA B 2 -0.90 -10.82 6.84
C ALA B 2 -0.58 -11.18 5.40
N VAL B 3 0.34 -12.12 5.22
CA VAL B 3 0.76 -12.58 3.90
C VAL B 3 0.36 -14.04 3.75
N LEU B 4 -0.03 -14.41 2.53
CA LEU B 4 -0.20 -15.81 2.16
C LEU B 4 1.09 -16.29 1.50
N ASN B 5 1.66 -17.36 2.03
CA ASN B 5 3.00 -17.79 1.64
C ASN B 5 2.94 -18.62 0.37
N GLN B 6 3.54 -18.10 -0.70
CA GLN B 6 3.76 -18.80 -1.95
C GLN B 6 5.25 -18.99 -2.16
N PRO B 7 5.66 -20.00 -2.95
CA PRO B 7 7.06 -20.09 -3.34
C PRO B 7 7.44 -18.92 -4.24
N SER B 8 8.66 -18.41 -4.06
CA SER B 8 9.09 -17.25 -4.83
C SER B 8 9.10 -17.54 -6.32
N SER B 9 9.56 -18.73 -6.71
CA SER B 9 9.64 -19.09 -8.11
C SER B 9 9.38 -20.57 -8.28
N VAL B 10 8.85 -20.93 -9.46
CA VAL B 10 8.58 -22.32 -9.80
C VAL B 10 8.85 -22.49 -11.29
N SER B 11 9.29 -23.69 -11.68
CA SER B 11 9.58 -23.99 -13.07
C SER B 11 8.86 -25.27 -13.51
N GLY B 12 8.48 -25.31 -14.77
CA GLY B 12 7.85 -26.48 -15.34
C GLY B 12 8.24 -26.63 -16.80
N SER B 13 8.04 -27.84 -17.31
CA SER B 13 8.41 -28.14 -18.70
C SER B 13 7.25 -27.81 -19.63
N LEU B 14 7.61 -27.50 -20.88
CA LEU B 14 6.60 -27.23 -21.89
C LEU B 14 5.76 -28.48 -22.14
N GLY B 15 4.44 -28.32 -22.13
CA GLY B 15 3.53 -29.42 -22.35
C GLY B 15 3.23 -30.27 -21.14
N GLN B 16 3.79 -29.95 -19.98
CA GLN B 16 3.59 -30.72 -18.76
C GLN B 16 2.76 -29.91 -17.75
N ARG B 17 2.77 -30.34 -16.50
CA ARG B 17 1.98 -29.71 -15.45
C ARG B 17 2.88 -29.09 -14.39
N VAL B 18 2.34 -28.05 -13.73
CA VAL B 18 3.01 -27.40 -12.62
C VAL B 18 1.95 -27.05 -11.58
N SER B 19 2.39 -26.87 -10.34
CA SER B 19 1.50 -26.54 -9.25
C SER B 19 2.13 -25.45 -8.38
N ILE B 20 1.31 -24.47 -7.99
CA ILE B 20 1.71 -23.37 -7.13
C ILE B 20 0.84 -23.40 -5.88
N THR B 21 1.48 -23.34 -4.71
CA THR B 21 0.77 -23.48 -3.44
C THR B 21 0.58 -22.14 -2.76
N CYS B 22 -0.46 -22.07 -1.92
CA CYS B 22 -0.81 -20.87 -1.17
C CYS B 22 -1.24 -21.33 0.23
N SER B 23 -0.36 -21.15 1.21
CA SER B 23 -0.58 -21.65 2.56
C SER B 23 -0.84 -20.48 3.51
N GLY B 24 -1.87 -20.62 4.34
CA GLY B 24 -2.24 -19.59 5.30
C GLY B 24 -2.68 -20.15 6.63
N SER B 25 -3.80 -19.66 7.16
CA SER B 25 -4.30 -20.09 8.45
C SER B 25 -5.82 -20.27 8.33
N SER B 26 -6.47 -20.53 9.49
CA SER B 26 -7.90 -20.74 9.49
C SER B 26 -8.66 -19.47 9.11
N SER B 27 -8.05 -18.30 9.32
CA SER B 27 -8.75 -17.04 9.09
C SER B 27 -8.90 -16.73 7.61
N ASN B 28 -7.98 -17.20 6.77
CA ASN B 28 -8.02 -16.84 5.35
C ASN B 28 -8.25 -18.05 4.45
N VAL B 29 -7.21 -18.85 4.23
CA VAL B 29 -7.34 -20.02 3.36
C VAL B 29 -8.32 -21.02 3.97
N GLY B 30 -8.26 -21.20 5.29
CA GLY B 30 -9.22 -22.05 5.97
C GLY B 30 -10.65 -21.60 5.85
N ASN B 31 -10.87 -20.34 5.46
CA ASN B 31 -12.24 -19.85 5.26
C ASN B 31 -12.89 -20.51 4.06
N GLY B 32 -12.11 -20.97 3.09
CA GLY B 32 -12.64 -21.76 2.00
C GLY B 32 -13.05 -21.02 0.76
N TYR B 33 -12.61 -19.77 0.58
CA TYR B 33 -12.87 -19.00 -0.63
C TYR B 33 -11.57 -18.35 -1.06
N VAL B 34 -10.95 -18.90 -2.10
CA VAL B 34 -9.61 -18.51 -2.52
C VAL B 34 -9.64 -18.22 -4.02
N SER B 35 -8.97 -17.15 -4.42
CA SER B 35 -8.89 -16.73 -5.81
C SER B 35 -7.44 -16.70 -6.27
N TRP B 36 -7.25 -16.83 -7.59
CA TRP B 36 -5.94 -16.82 -8.21
C TRP B 36 -5.92 -15.84 -9.37
N TYR B 37 -4.77 -15.20 -9.58
CA TYR B 37 -4.63 -14.17 -10.60
C TYR B 37 -3.31 -14.34 -11.33
N GLN B 38 -3.32 -13.98 -12.61
CA GLN B 38 -2.16 -14.07 -13.49
C GLN B 38 -1.73 -12.68 -13.91
N LEU B 39 -0.43 -12.39 -13.82
CA LEU B 39 0.12 -11.09 -14.15
C LEU B 39 1.30 -11.25 -15.09
N ILE B 40 1.09 -10.96 -16.36
CA ILE B 40 2.15 -10.93 -17.36
C ILE B 40 2.72 -9.53 -17.38
N PRO B 41 4.03 -9.34 -17.18
CA PRO B 41 4.56 -7.98 -17.00
C PRO B 41 4.22 -7.07 -18.17
N GLY B 42 3.78 -5.85 -17.84
CA GLY B 42 3.28 -4.95 -18.85
C GLY B 42 1.88 -5.28 -19.32
N SER B 43 1.05 -5.83 -18.44
CA SER B 43 -0.32 -6.18 -18.80
C SER B 43 -1.19 -6.11 -17.57
N ALA B 44 -2.49 -5.94 -17.79
CA ALA B 44 -3.43 -5.87 -16.68
C ALA B 44 -3.58 -7.24 -16.04
N PRO B 45 -3.71 -7.32 -14.72
CA PRO B 45 -3.90 -8.61 -14.06
C PRO B 45 -5.16 -9.30 -14.59
N ARG B 46 -5.13 -10.62 -14.59
CA ARG B 46 -6.21 -11.44 -15.10
C ARG B 46 -6.63 -12.42 -14.02
N THR B 47 -7.91 -12.36 -13.63
CA THR B 47 -8.44 -13.32 -12.67
C THR B 47 -8.57 -14.68 -13.34
N LEU B 48 -8.12 -15.74 -12.66
CA LEU B 48 -8.19 -17.10 -13.17
C LEU B 48 -9.20 -17.95 -12.42
N ILE B 49 -9.17 -17.91 -11.10
CA ILE B 49 -9.93 -18.81 -10.23
C ILE B 49 -10.61 -17.98 -9.15
N TYR B 50 -11.82 -18.37 -8.78
CA TYR B 50 -12.49 -17.78 -7.62
C TYR B 50 -13.27 -18.87 -6.91
N GLY B 51 -13.41 -18.71 -5.59
CA GLY B 51 -14.12 -19.71 -4.80
C GLY B 51 -13.49 -21.08 -4.83
N ASP B 52 -12.16 -21.15 -4.74
CA ASP B 52 -11.38 -22.38 -4.68
C ASP B 52 -11.25 -23.06 -6.05
N THR B 53 -12.37 -23.39 -6.70
CA THR B 53 -12.33 -24.25 -7.86
C THR B 53 -13.01 -23.68 -9.11
N SER B 54 -13.67 -22.53 -9.01
CA SER B 54 -14.41 -21.99 -10.14
C SER B 54 -13.50 -21.17 -11.03
N ARG B 55 -13.53 -21.45 -12.34
CA ARG B 55 -12.69 -20.77 -13.32
C ARG B 55 -13.41 -19.52 -13.84
N ALA B 56 -12.70 -18.40 -13.82
CA ALA B 56 -13.23 -17.16 -14.37
C ALA B 56 -13.52 -17.33 -15.86
N SER B 57 -14.28 -16.38 -16.42
CA SER B 57 -14.68 -16.46 -17.81
C SER B 57 -13.44 -16.40 -18.71
N GLY B 58 -13.43 -17.25 -19.73
CA GLY B 58 -12.36 -17.26 -20.72
C GLY B 58 -11.08 -17.95 -20.30
N VAL B 59 -11.05 -18.56 -19.11
CA VAL B 59 -9.87 -19.25 -18.62
C VAL B 59 -10.01 -20.73 -18.99
N PRO B 60 -9.07 -21.31 -19.75
CA PRO B 60 -9.24 -22.71 -20.18
C PRO B 60 -9.14 -23.68 -19.01
N ASP B 61 -9.57 -24.92 -19.27
CA ASP B 61 -9.56 -25.96 -18.25
C ASP B 61 -8.16 -26.41 -17.86
N ARG B 62 -7.13 -26.00 -18.62
CA ARG B 62 -5.76 -26.30 -18.23
C ARG B 62 -5.42 -25.72 -16.85
N PHE B 63 -6.07 -24.61 -16.49
CA PHE B 63 -5.92 -24.03 -15.17
C PHE B 63 -6.94 -24.67 -14.23
N SER B 64 -6.48 -25.02 -13.03
CA SER B 64 -7.32 -25.76 -12.11
C SER B 64 -6.98 -25.35 -10.67
N GLY B 65 -8.02 -25.14 -9.87
CA GLY B 65 -7.87 -24.73 -8.49
C GLY B 65 -8.35 -25.82 -7.54
N SER B 66 -7.69 -25.91 -6.39
CA SER B 66 -8.07 -26.87 -5.36
C SER B 66 -7.58 -26.34 -4.01
N ARG B 67 -8.09 -26.94 -2.94
CA ARG B 67 -7.75 -26.52 -1.59
C ARG B 67 -7.86 -27.71 -0.64
N SER B 68 -6.93 -27.78 0.30
CA SER B 68 -6.95 -28.80 1.36
C SER B 68 -6.53 -28.12 2.66
N GLY B 69 -7.51 -27.81 3.51
CA GLY B 69 -7.19 -27.15 4.76
C GLY B 69 -6.75 -25.72 4.53
N ASN B 70 -5.60 -25.36 5.10
CA ASN B 70 -5.07 -24.01 5.02
C ASN B 70 -4.09 -23.84 3.86
N THR B 71 -4.18 -24.65 2.82
CA THR B 71 -3.28 -24.55 1.68
C THR B 71 -4.05 -24.79 0.39
N ALA B 72 -4.11 -23.77 -0.45
CA ALA B 72 -4.69 -23.87 -1.78
C ALA B 72 -3.57 -23.98 -2.81
N THR B 73 -3.85 -24.71 -3.89
CA THR B 73 -2.87 -24.89 -4.96
C THR B 73 -3.50 -24.57 -6.30
N LEU B 74 -2.75 -23.89 -7.14
CA LEU B 74 -3.13 -23.66 -8.54
C LEU B 74 -2.34 -24.63 -9.40
N THR B 75 -3.03 -25.29 -10.32
CA THR B 75 -2.44 -26.32 -11.18
C THR B 75 -2.66 -25.94 -12.63
N ILE B 76 -1.56 -25.81 -13.39
CA ILE B 76 -1.59 -25.49 -14.80
C ILE B 76 -1.08 -26.71 -15.57
N SER B 77 -1.91 -27.23 -16.48
CA SER B 77 -1.56 -28.39 -17.28
C SER B 77 -1.31 -27.96 -18.72
N SER B 78 -0.58 -28.81 -19.45
CA SER B 78 -0.20 -28.55 -20.83
C SER B 78 0.40 -27.15 -20.96
N LEU B 79 1.45 -26.92 -20.17
CA LEU B 79 2.05 -25.59 -20.06
C LEU B 79 2.51 -25.09 -21.42
N GLN B 80 2.29 -23.80 -21.65
CA GLN B 80 2.70 -23.13 -22.88
C GLN B 80 3.61 -21.96 -22.53
N ALA B 81 4.22 -21.36 -23.56
CA ALA B 81 5.15 -20.27 -23.35
C ALA B 81 4.46 -19.07 -22.72
N GLU B 82 3.22 -18.79 -23.14
CA GLU B 82 2.51 -17.61 -22.65
C GLU B 82 2.03 -17.76 -21.22
N ASP B 83 2.16 -18.94 -20.61
CA ASP B 83 1.83 -19.08 -19.19
C ASP B 83 2.88 -18.49 -18.27
N GLU B 84 4.05 -18.14 -18.82
CA GLU B 84 5.10 -17.47 -18.06
C GLU B 84 4.58 -16.15 -17.51
N ALA B 85 4.44 -16.07 -16.20
CA ALA B 85 3.90 -14.87 -15.55
C ALA B 85 4.10 -15.00 -14.05
N ASP B 86 3.67 -13.98 -13.32
CA ASP B 86 3.58 -14.01 -11.87
C ASP B 86 2.16 -14.37 -11.47
N TYR B 87 2.03 -15.32 -10.54
CA TYR B 87 0.73 -15.82 -10.10
C TYR B 87 0.54 -15.49 -8.63
N PHE B 88 -0.62 -14.92 -8.31
CA PHE B 88 -0.95 -14.50 -6.95
C PHE B 88 -2.21 -15.21 -6.49
N CYS B 89 -2.19 -15.72 -5.27
CA CYS B 89 -3.41 -16.15 -4.60
C CYS B 89 -3.95 -14.99 -3.75
N ALA B 90 -5.24 -15.07 -3.43
CA ALA B 90 -5.86 -14.05 -2.60
C ALA B 90 -7.02 -14.67 -1.84
N SER B 91 -7.37 -14.05 -0.72
CA SER B 91 -8.44 -14.54 0.12
C SER B 91 -8.91 -13.41 1.03
N ALA B 92 -10.13 -13.56 1.52
CA ALA B 92 -10.66 -12.68 2.54
C ALA B 92 -10.28 -13.19 3.92
N GLU B 93 -10.08 -12.28 4.85
CA GLU B 93 -9.68 -12.62 6.22
C GLU B 93 -10.54 -11.83 7.19
N ASP B 94 -11.39 -12.54 7.94
CA ASP B 94 -12.33 -11.98 8.92
C ASP B 94 -13.46 -11.22 8.24
N SER B 95 -13.13 -10.27 7.37
CA SER B 95 -14.11 -9.47 6.66
C SER B 95 -14.08 -9.81 5.17
N SER B 96 -15.21 -9.57 4.51
CA SER B 96 -15.30 -9.75 3.07
C SER B 96 -14.79 -8.55 2.29
N SER B 97 -14.45 -7.45 2.97
CA SER B 97 -13.85 -6.28 2.33
C SER B 97 -12.46 -6.01 2.89
N ASN B 98 -11.79 -7.06 3.36
CA ASN B 98 -10.43 -6.99 3.89
C ASN B 98 -9.66 -8.13 3.24
N ALA B 99 -9.00 -7.83 2.12
CA ALA B 99 -8.36 -8.86 1.32
C ALA B 99 -6.87 -8.96 1.65
N VAL B 100 -6.36 -10.19 1.59
CA VAL B 100 -4.95 -10.48 1.74
C VAL B 100 -4.47 -11.18 0.47
N PHE B 101 -3.35 -10.72 -0.07
CA PHE B 101 -2.78 -11.30 -1.28
C PHE B 101 -1.58 -12.18 -0.93
N GLY B 102 -1.33 -13.16 -1.80
CA GLY B 102 -0.14 -13.97 -1.64
C GLY B 102 1.12 -13.23 -2.01
N SER B 103 2.26 -13.77 -1.56
CA SER B 103 3.54 -13.13 -1.84
C SER B 103 3.97 -13.26 -3.30
N GLY B 104 3.29 -14.08 -4.08
CA GLY B 104 3.56 -14.14 -5.51
C GLY B 104 4.56 -15.22 -5.88
N THR B 105 4.35 -15.79 -7.06
CA THR B 105 5.21 -16.84 -7.59
C THR B 105 5.51 -16.56 -9.04
N THR B 106 6.79 -16.51 -9.39
CA THR B 106 7.23 -16.33 -10.77
C THR B 106 7.37 -17.71 -11.42
N LEU B 107 6.67 -17.92 -12.52
CA LEU B 107 6.65 -19.21 -13.21
C LEU B 107 7.53 -19.15 -14.45
N THR B 108 8.40 -20.15 -14.60
CA THR B 108 9.25 -20.29 -15.78
C THR B 108 8.90 -21.58 -16.49
N VAL B 109 8.68 -21.50 -17.79
CA VAL B 109 8.36 -22.65 -18.63
C VAL B 109 9.64 -23.09 -19.32
N LEU B 110 10.16 -24.25 -18.93
CA LEU B 110 11.41 -24.75 -19.48
C LEU B 110 11.16 -25.48 -20.80
N GLY B 111 12.24 -25.68 -21.56
CA GLY B 111 12.20 -26.53 -22.73
C GLY B 111 11.68 -25.88 -23.99
N GLN B 112 11.71 -24.55 -24.08
CA GLN B 112 11.32 -23.89 -25.32
C GLN B 112 12.53 -23.70 -26.22
N PRO B 113 12.31 -23.57 -27.53
CA PRO B 113 13.44 -23.49 -28.46
C PRO B 113 14.28 -22.23 -28.25
N LYS B 114 15.58 -22.37 -28.50
CA LYS B 114 16.48 -21.23 -28.52
C LYS B 114 16.10 -20.28 -29.66
N SER B 115 16.31 -18.99 -29.43
CA SER B 115 15.99 -18.01 -30.46
C SER B 115 17.07 -16.93 -30.53
N PRO B 116 17.74 -16.77 -31.68
CA PRO B 116 18.78 -15.76 -31.79
C PRO B 116 18.19 -14.37 -31.79
N PRO B 117 18.91 -13.37 -31.31
CA PRO B 117 18.36 -12.02 -31.25
C PRO B 117 18.41 -11.32 -32.60
N SER B 118 17.42 -10.47 -32.84
CA SER B 118 17.39 -9.57 -33.99
C SER B 118 17.90 -8.21 -33.55
N VAL B 119 18.81 -7.62 -34.33
CA VAL B 119 19.55 -6.43 -33.94
C VAL B 119 19.39 -5.35 -34.98
N THR B 120 19.04 -4.13 -34.55
CA THR B 120 19.02 -2.94 -35.40
C THR B 120 19.83 -1.84 -34.74
N LEU B 121 20.80 -1.29 -35.47
CA LEU B 121 21.66 -0.22 -34.98
C LEU B 121 21.30 1.07 -35.68
N PHE B 122 20.91 2.08 -34.90
CA PHE B 122 20.53 3.39 -35.43
C PHE B 122 21.61 4.42 -35.15
N PRO B 123 22.01 5.20 -36.14
CA PRO B 123 22.98 6.27 -35.90
C PRO B 123 22.32 7.46 -35.26
N PRO B 124 23.10 8.44 -34.81
CA PRO B 124 22.49 9.69 -34.32
C PRO B 124 21.84 10.47 -35.46
N SER B 125 20.78 11.19 -35.11
CA SER B 125 20.08 12.01 -36.08
C SER B 125 20.81 13.32 -36.32
N THR B 126 20.56 13.91 -37.49
CA THR B 126 21.12 15.23 -37.80
C THR B 126 20.67 16.28 -36.81
N GLU B 127 19.44 16.16 -36.30
CA GLU B 127 18.95 17.11 -35.30
C GLU B 127 19.75 17.03 -34.01
N GLU B 128 20.01 15.81 -33.53
CA GLU B 128 20.73 15.66 -32.26
C GLU B 128 22.16 16.14 -32.38
N LEU B 129 22.84 15.79 -33.48
CA LEU B 129 24.22 16.21 -33.66
C LEU B 129 24.36 17.72 -33.76
N ASN B 130 23.28 18.43 -34.09
CA ASN B 130 23.31 19.88 -34.06
C ASN B 130 23.54 20.42 -32.65
N GLY B 131 23.20 19.64 -31.62
CA GLY B 131 23.49 19.96 -30.25
C GLY B 131 24.82 19.43 -29.74
N ASN B 132 25.68 18.97 -30.63
CA ASN B 132 27.01 18.43 -30.28
C ASN B 132 26.91 17.15 -29.47
N LYS B 133 25.90 16.32 -29.72
CA LYS B 133 25.80 15.04 -29.03
C LYS B 133 25.28 13.98 -29.99
N ALA B 134 25.74 12.75 -29.79
CA ALA B 134 25.40 11.64 -30.66
C ALA B 134 25.01 10.43 -29.81
N THR B 135 23.81 9.91 -30.06
CA THR B 135 23.30 8.74 -29.34
C THR B 135 23.15 7.61 -30.34
N LEU B 136 23.99 6.58 -30.21
CA LEU B 136 23.86 5.37 -30.99
C LEU B 136 22.92 4.42 -30.26
N VAL B 137 21.96 3.86 -30.99
CA VAL B 137 20.88 3.09 -30.40
C VAL B 137 20.89 1.69 -30.99
N CYS B 138 21.06 0.70 -30.12
CA CYS B 138 21.06 -0.71 -30.51
C CYS B 138 19.79 -1.35 -29.96
N LEU B 139 18.93 -1.82 -30.85
CA LEU B 139 17.65 -2.41 -30.47
C LEU B 139 17.71 -3.92 -30.69
N ILE B 140 17.41 -4.68 -29.63
CA ILE B 140 17.59 -6.12 -29.60
C ILE B 140 16.24 -6.77 -29.27
N SER B 141 15.78 -7.66 -30.14
CA SER B 141 14.47 -8.26 -29.98
C SER B 141 14.49 -9.74 -30.35
N ASP B 142 13.49 -10.47 -29.83
CA ASP B 142 13.21 -11.85 -30.20
C ASP B 142 14.31 -12.82 -29.82
N PHE B 143 14.67 -12.88 -28.52
CA PHE B 143 15.64 -13.88 -28.07
C PHE B 143 15.10 -14.60 -26.84
N TYR B 144 15.20 -15.92 -26.87
CA TYR B 144 14.95 -16.78 -25.72
C TYR B 144 16.09 -17.80 -25.63
N PRO B 145 16.63 -18.05 -24.42
CA PRO B 145 16.24 -17.45 -23.14
C PRO B 145 16.63 -15.97 -23.02
N GLY B 146 16.14 -15.30 -21.98
CA GLY B 146 16.27 -13.86 -21.88
C GLY B 146 17.52 -13.36 -21.20
N SER B 147 18.66 -13.47 -21.87
CA SER B 147 19.91 -12.95 -21.35
C SER B 147 20.87 -12.73 -22.50
N VAL B 148 21.37 -11.51 -22.64
CA VAL B 148 22.34 -11.16 -23.67
C VAL B 148 23.44 -10.31 -23.04
N THR B 149 24.62 -10.36 -23.63
CA THR B 149 25.71 -9.47 -23.29
C THR B 149 26.03 -8.60 -24.49
N VAL B 150 26.19 -7.30 -24.26
CA VAL B 150 26.33 -6.31 -25.32
C VAL B 150 27.76 -5.77 -25.29
N VAL B 151 28.32 -5.56 -26.48
CA VAL B 151 29.67 -5.02 -26.63
C VAL B 151 29.66 -3.98 -27.74
N TRP B 152 30.23 -2.82 -27.47
CA TRP B 152 30.39 -1.76 -28.45
C TRP B 152 31.84 -1.69 -28.91
N LYS B 153 32.03 -1.48 -30.21
CA LYS B 153 33.37 -1.36 -30.78
C LYS B 153 33.39 -0.22 -31.80
N ALA B 154 34.54 0.46 -31.88
CA ALA B 154 34.82 1.40 -32.95
C ALA B 154 36.19 1.07 -33.52
N ASP B 155 36.23 0.81 -34.83
CA ASP B 155 37.49 0.53 -35.53
C ASP B 155 38.26 -0.61 -34.86
N GLY B 156 37.52 -1.64 -34.43
CA GLY B 156 38.12 -2.82 -33.86
C GLY B 156 38.39 -2.76 -32.37
N SER B 157 38.41 -1.57 -31.77
CA SER B 157 38.68 -1.43 -30.35
C SER B 157 37.38 -1.43 -29.56
N THR B 158 37.43 -2.02 -28.36
CA THR B 158 36.24 -2.11 -27.52
C THR B 158 36.02 -0.81 -26.76
N ILE B 159 34.77 -0.37 -26.70
CA ILE B 159 34.39 0.87 -26.02
C ILE B 159 33.58 0.51 -24.78
N THR B 160 34.03 1.02 -23.63
CA THR B 160 33.29 0.85 -22.38
C THR B 160 32.71 2.15 -21.83
N ARG B 161 33.17 3.30 -22.31
CA ARG B 161 32.75 4.57 -21.74
C ARG B 161 31.39 4.99 -22.31
N ASN B 162 30.51 5.43 -21.41
CA ASN B 162 29.23 6.02 -21.78
C ASN B 162 28.33 5.00 -22.49
N VAL B 163 28.38 3.75 -22.03
CA VAL B 163 27.51 2.69 -22.49
C VAL B 163 26.48 2.41 -21.40
N GLU B 164 25.22 2.33 -21.78
CA GLU B 164 24.14 2.01 -20.85
C GLU B 164 23.16 1.06 -21.52
N THR B 165 23.00 -0.12 -20.94
CA THR B 165 22.20 -1.19 -21.53
C THR B 165 21.07 -1.58 -20.57
N THR B 166 19.90 -1.85 -21.13
CA THR B 166 18.79 -2.28 -20.32
C THR B 166 18.91 -3.76 -19.97
N ARG B 167 18.11 -4.19 -19.01
CA ARG B 167 17.90 -5.61 -18.79
C ARG B 167 16.86 -6.13 -19.77
N ALA B 168 16.90 -7.44 -20.02
CA ALA B 168 15.94 -8.04 -20.94
C ALA B 168 14.53 -7.96 -20.35
N SER B 169 13.57 -7.61 -21.19
CA SER B 169 12.18 -7.47 -20.77
C SER B 169 11.29 -8.36 -21.64
N LYS B 170 10.17 -8.77 -21.07
CA LYS B 170 9.27 -9.69 -21.75
C LYS B 170 8.52 -8.99 -22.88
N GLN B 171 8.57 -9.58 -24.07
CA GLN B 171 7.82 -9.07 -25.21
C GLN B 171 6.38 -9.57 -25.17
N SER B 172 5.60 -9.16 -26.17
CA SER B 172 4.22 -9.64 -26.26
C SER B 172 4.16 -11.12 -26.63
N ASN B 173 5.14 -11.61 -27.38
CA ASN B 173 5.19 -13.01 -27.80
C ASN B 173 5.94 -13.89 -26.82
N SER B 174 6.08 -13.45 -25.57
CA SER B 174 6.75 -14.19 -24.49
C SER B 174 8.24 -14.41 -24.75
N LYS B 175 8.81 -13.74 -25.75
CA LYS B 175 10.26 -13.67 -25.91
C LYS B 175 10.77 -12.38 -25.26
N TYR B 176 12.06 -12.09 -25.42
CA TYR B 176 12.68 -11.01 -24.67
C TYR B 176 13.28 -9.96 -25.60
N ALA B 177 13.36 -8.74 -25.09
CA ALA B 177 13.91 -7.60 -25.82
C ALA B 177 14.78 -6.79 -24.88
N ALA B 178 15.68 -6.00 -25.47
CA ALA B 178 16.56 -5.13 -24.70
C ALA B 178 17.10 -4.05 -25.64
N SER B 179 17.85 -3.11 -25.07
CA SER B 179 18.47 -2.06 -25.85
C SER B 179 19.72 -1.56 -25.15
N SER B 180 20.64 -1.02 -25.95
CA SER B 180 21.88 -0.43 -25.47
C SER B 180 22.07 0.91 -26.15
N TYR B 181 22.67 1.86 -25.42
CA TYR B 181 22.85 3.22 -25.90
C TYR B 181 24.30 3.64 -25.74
N LEU B 182 24.91 4.11 -26.82
CA LEU B 182 26.25 4.69 -26.79
C LEU B 182 26.12 6.19 -26.93
N SER B 183 26.56 6.92 -25.91
CA SER B 183 26.46 8.37 -25.88
C SER B 183 27.82 8.97 -26.23
N LEU B 184 27.85 9.79 -27.27
CA LEU B 184 29.09 10.40 -27.75
C LEU B 184 28.88 11.89 -27.96
N THR B 185 29.99 12.62 -28.08
CA THR B 185 29.95 13.95 -28.65
C THR B 185 29.87 13.85 -30.17
N SER B 186 29.52 14.98 -30.81
CA SER B 186 29.46 14.99 -32.26
C SER B 186 30.82 14.71 -32.88
N SER B 187 31.89 15.19 -32.24
CA SER B 187 33.23 14.97 -32.77
C SER B 187 33.65 13.51 -32.59
N ASP B 188 33.26 12.90 -31.48
CA ASP B 188 33.52 11.47 -31.29
C ASP B 188 32.88 10.64 -32.40
N TRP B 189 31.67 11.02 -32.81
CA TRP B 189 30.93 10.25 -33.80
C TRP B 189 31.64 10.27 -35.16
N LYS B 190 32.06 11.45 -35.60
CA LYS B 190 32.70 11.60 -36.90
C LYS B 190 34.15 11.16 -36.92
N SER B 191 34.78 10.98 -35.76
CA SER B 191 36.22 10.72 -35.70
C SER B 191 36.60 9.26 -35.94
N LYS B 192 35.64 8.36 -36.16
CA LYS B 192 35.93 6.94 -36.32
C LYS B 192 35.37 6.43 -37.65
N GLY B 193 35.99 5.36 -38.16
CA GLY B 193 35.55 4.81 -39.44
C GLY B 193 34.25 4.04 -39.32
N SER B 194 34.08 3.29 -38.23
CA SER B 194 32.86 2.51 -38.06
C SER B 194 32.63 2.20 -36.59
N TYR B 195 31.36 2.10 -36.23
CA TYR B 195 30.93 1.64 -34.91
C TYR B 195 30.13 0.35 -35.08
N SER B 196 30.21 -0.51 -34.06
CA SER B 196 29.51 -1.79 -34.11
C SER B 196 28.81 -2.07 -32.78
N CYS B 197 27.66 -2.73 -32.87
CA CYS B 197 26.94 -3.25 -31.72
C CYS B 197 26.95 -4.77 -31.84
N GLU B 198 27.63 -5.44 -30.92
CA GLU B 198 27.78 -6.89 -30.96
C GLU B 198 27.01 -7.49 -29.79
N VAL B 199 25.98 -8.27 -30.11
CA VAL B 199 25.08 -8.85 -29.12
C VAL B 199 25.35 -10.35 -29.05
N THR B 200 25.77 -10.82 -27.89
CA THR B 200 26.06 -12.24 -27.69
C THR B 200 24.93 -12.87 -26.89
N HIS B 201 24.42 -14.00 -27.40
CA HIS B 201 23.31 -14.71 -26.79
C HIS B 201 23.60 -16.20 -26.85
N GLU B 202 23.66 -16.85 -25.69
CA GLU B 202 23.95 -18.28 -25.58
C GLU B 202 25.22 -18.63 -26.35
N GLY B 203 26.24 -17.81 -26.18
CA GLY B 203 27.53 -18.04 -26.81
C GLY B 203 27.66 -17.60 -28.25
N SER B 204 26.59 -17.12 -28.87
CA SER B 204 26.61 -16.69 -30.26
C SER B 204 26.42 -15.18 -30.35
N THR B 205 27.20 -14.55 -31.23
CA THR B 205 27.24 -13.10 -31.35
C THR B 205 26.59 -12.64 -32.65
N VAL B 206 25.73 -11.63 -32.55
CA VAL B 206 25.11 -10.99 -33.71
C VAL B 206 25.58 -9.53 -33.73
N THR B 207 26.00 -9.06 -34.91
CA THR B 207 26.65 -7.77 -35.05
C THR B 207 25.97 -6.92 -36.11
N LYS B 208 25.82 -5.63 -35.81
CA LYS B 208 25.42 -4.62 -36.79
C LYS B 208 26.42 -3.47 -36.73
N THR B 209 26.62 -2.80 -37.87
CA THR B 209 27.68 -1.82 -38.00
C THR B 209 27.21 -0.62 -38.82
N VAL B 210 27.57 0.58 -38.37
CA VAL B 210 27.29 1.82 -39.09
C VAL B 210 28.60 2.54 -39.35
N LYS B 211 28.69 3.20 -40.50
CA LYS B 211 29.87 3.98 -40.87
C LYS B 211 29.51 5.45 -40.90
N PRO B 212 30.12 6.28 -40.03
CA PRO B 212 29.71 7.69 -39.98
C PRO B 212 29.90 8.44 -41.30
N SER B 213 31.06 8.33 -41.93
CA SER B 213 31.33 9.08 -43.15
C SER B 213 30.40 8.68 -44.29
N GLU B 214 29.83 7.48 -44.26
CA GLU B 214 28.89 7.03 -45.28
C GLU B 214 27.45 7.11 -44.82
N CYS B 215 27.18 7.78 -43.71
CA CYS B 215 25.82 7.81 -43.16
C CYS B 215 24.98 8.94 -43.74
N SER B 216 25.60 10.04 -44.15
CA SER B 216 24.91 11.15 -44.79
C SER B 216 23.76 11.70 -43.92
N GLN C 1 -22.84 41.11 6.73
CA GLN C 1 -22.92 41.09 5.27
C GLN C 1 -23.06 39.65 4.75
N VAL C 2 -24.03 38.92 5.30
CA VAL C 2 -24.31 37.55 4.87
C VAL C 2 -25.74 37.20 5.24
N GLN C 3 -26.48 36.60 4.30
CA GLN C 3 -27.87 36.21 4.54
C GLN C 3 -28.12 34.83 3.94
N LEU C 4 -28.66 33.92 4.73
CA LEU C 4 -28.93 32.55 4.32
C LEU C 4 -30.38 32.20 4.61
N ARG C 5 -31.06 31.60 3.64
CA ARG C 5 -32.46 31.24 3.77
C ARG C 5 -32.70 29.88 3.17
N GLU C 6 -33.16 28.94 4.00
CA GLU C 6 -33.51 27.61 3.55
C GLU C 6 -34.94 27.57 3.03
N SER C 7 -35.22 26.61 2.17
CA SER C 7 -36.56 26.47 1.59
C SER C 7 -36.74 25.04 1.11
N GLY C 8 -37.98 24.57 1.11
CA GLY C 8 -38.29 23.22 0.72
C GLY C 8 -39.39 22.63 1.57
N PRO C 9 -39.86 21.43 1.21
CA PRO C 9 -40.96 20.82 1.95
C PRO C 9 -40.57 20.46 3.36
N SER C 10 -41.55 20.54 4.26
CA SER C 10 -41.37 20.16 5.66
C SER C 10 -41.67 18.68 5.91
N LEU C 11 -42.19 17.97 4.92
CA LEU C 11 -42.62 16.59 5.10
C LEU C 11 -42.21 15.78 3.87
N VAL C 12 -41.48 14.69 4.11
CA VAL C 12 -41.02 13.79 3.07
C VAL C 12 -41.39 12.38 3.49
N LYS C 13 -41.72 11.55 2.50
CA LYS C 13 -42.13 10.19 2.82
C LYS C 13 -40.92 9.26 2.83
N PRO C 14 -40.99 8.17 3.60
CA PRO C 14 -39.86 7.25 3.69
C PRO C 14 -39.42 6.75 2.32
N SER C 15 -38.10 6.63 2.15
CA SER C 15 -37.39 6.15 0.96
C SER C 15 -37.34 7.18 -0.16
N GLN C 16 -37.98 8.33 -0.02
CA GLN C 16 -37.92 9.36 -1.06
C GLN C 16 -36.64 10.17 -0.92
N THR C 17 -36.51 11.16 -1.80
CA THR C 17 -35.37 12.07 -1.80
C THR C 17 -35.76 13.38 -1.13
N LEU C 18 -35.10 13.69 -0.01
CA LEU C 18 -35.27 14.97 0.67
C LEU C 18 -34.47 16.03 -0.08
N SER C 19 -35.15 17.09 -0.53
CA SER C 19 -34.51 18.16 -1.30
C SER C 19 -34.77 19.50 -0.64
N LEU C 20 -33.70 20.24 -0.38
CA LEU C 20 -33.79 21.59 0.15
C LEU C 20 -32.90 22.51 -0.67
N THR C 21 -33.21 23.80 -0.61
CA THR C 21 -32.49 24.83 -1.36
C THR C 21 -32.15 25.98 -0.42
N CYS C 22 -30.90 26.41 -0.47
CA CYS C 22 -30.45 27.58 0.29
C CYS C 22 -30.18 28.73 -0.66
N THR C 23 -30.69 29.90 -0.33
CA THR C 23 -30.43 31.13 -1.07
C THR C 23 -29.43 31.96 -0.27
N ALA C 24 -28.25 32.19 -0.84
CA ALA C 24 -27.15 32.84 -0.14
C ALA C 24 -26.78 34.15 -0.83
N SER C 25 -26.36 35.12 -0.01
CA SER C 25 -25.95 36.42 -0.52
C SER C 25 -25.06 37.11 0.50
N GLY C 26 -24.23 38.03 0.01
CA GLY C 26 -23.44 38.87 0.89
C GLY C 26 -21.96 38.95 0.57
N LEU C 27 -21.30 40.01 1.04
CA LEU C 27 -19.87 40.16 0.88
C LEU C 27 -19.12 39.02 1.56
N SER C 28 -19.61 38.58 2.72
CA SER C 28 -18.96 37.55 3.51
C SER C 28 -19.02 36.17 2.86
N LEU C 29 -19.71 36.02 1.72
CA LEU C 29 -19.71 34.74 1.02
C LEU C 29 -18.37 34.45 0.37
N SER C 30 -17.64 35.49 -0.02
CA SER C 30 -16.33 35.29 -0.60
C SER C 30 -15.41 34.58 0.38
N ASP C 31 -14.58 33.68 -0.16
CA ASP C 31 -13.69 32.82 0.62
C ASP C 31 -14.44 31.81 1.48
N LYS C 32 -15.72 31.56 1.19
CA LYS C 32 -16.52 30.66 2.01
C LYS C 32 -17.19 29.60 1.16
N ALA C 33 -17.21 28.38 1.69
CA ALA C 33 -18.02 27.31 1.13
C ALA C 33 -19.38 27.31 1.82
N VAL C 34 -20.39 26.83 1.10
CA VAL C 34 -21.74 26.71 1.64
C VAL C 34 -21.95 25.26 2.05
N GLY C 35 -22.31 25.05 3.32
CA GLY C 35 -22.46 23.71 3.86
C GLY C 35 -23.82 23.50 4.49
N TRP C 36 -24.13 22.23 4.73
CA TRP C 36 -25.39 21.82 5.34
C TRP C 36 -25.10 21.05 6.63
N VAL C 37 -25.73 21.48 7.71
CA VAL C 37 -25.67 20.80 9.00
C VAL C 37 -27.10 20.49 9.42
N ARG C 38 -27.26 19.37 10.14
CA ARG C 38 -28.57 18.99 10.64
C ARG C 38 -28.46 18.56 12.10
N GLN C 39 -29.60 18.62 12.79
CA GLN C 39 -29.69 18.20 14.18
C GLN C 39 -31.05 17.55 14.38
N ALA C 40 -31.07 16.25 14.58
CA ALA C 40 -32.30 15.56 14.90
C ALA C 40 -32.65 15.80 16.36
N PRO C 41 -33.92 15.64 16.74
CA PRO C 41 -34.34 16.01 18.10
C PRO C 41 -33.60 15.20 19.16
N GLY C 42 -33.04 15.92 20.13
CA GLY C 42 -32.32 15.29 21.22
C GLY C 42 -30.95 14.76 20.87
N LYS C 43 -30.44 15.06 19.68
CA LYS C 43 -29.12 14.59 19.27
C LYS C 43 -28.20 15.77 18.96
N ALA C 44 -26.95 15.44 18.68
CA ALA C 44 -25.93 16.45 18.45
C ALA C 44 -25.94 16.89 16.99
N LEU C 45 -25.31 18.03 16.73
CA LEU C 45 -25.16 18.52 15.37
C LEU C 45 -24.41 17.49 14.53
N GLU C 46 -24.89 17.29 13.30
CA GLU C 46 -24.29 16.34 12.37
C GLU C 46 -23.99 17.07 11.07
N TRP C 47 -22.74 17.01 10.64
CA TRP C 47 -22.33 17.60 9.37
C TRP C 47 -22.84 16.76 8.21
N LEU C 48 -23.27 17.42 7.14
CA LEU C 48 -23.75 16.73 5.94
C LEU C 48 -22.79 16.88 4.77
N GLY C 49 -22.32 18.08 4.50
CA GLY C 49 -21.45 18.31 3.36
C GLY C 49 -21.38 19.78 3.02
N SER C 50 -20.63 20.07 1.97
CA SER C 50 -20.43 21.46 1.53
C SER C 50 -19.92 21.47 0.10
N ILE C 51 -20.08 22.63 -0.54
CA ILE C 51 -19.54 22.88 -1.87
C ILE C 51 -18.83 24.23 -1.82
N ASP C 52 -17.61 24.29 -2.35
CA ASP C 52 -16.82 25.51 -2.24
C ASP C 52 -16.98 26.38 -3.48
N THR C 53 -16.26 27.50 -3.51
CA THR C 53 -16.39 28.46 -4.60
C THR C 53 -15.98 27.84 -5.94
N GLY C 54 -15.00 26.94 -5.93
CA GLY C 54 -14.60 26.29 -7.17
C GLY C 54 -15.56 25.23 -7.68
N GLY C 55 -16.41 24.71 -6.80
CA GLY C 55 -17.33 23.66 -7.17
C GLY C 55 -17.03 22.29 -6.57
N SER C 56 -16.01 22.18 -5.71
CA SER C 56 -15.70 20.92 -5.05
C SER C 56 -16.68 20.66 -3.92
N ALA C 57 -17.25 19.46 -3.90
CA ALA C 57 -18.19 19.06 -2.86
C ALA C 57 -17.57 17.96 -2.01
N GLY C 58 -17.65 18.11 -0.69
CA GLY C 58 -17.21 17.07 0.22
C GLY C 58 -18.32 16.72 1.18
N TYR C 59 -18.31 15.46 1.62
CA TYR C 59 -19.45 14.90 2.34
C TYR C 59 -19.00 14.15 3.60
N ASN C 60 -19.89 14.11 4.58
CA ASN C 60 -19.75 13.24 5.74
C ASN C 60 -19.78 11.78 5.27
N PRO C 61 -18.71 11.01 5.45
CA PRO C 61 -18.72 9.61 4.98
C PRO C 61 -19.73 8.74 5.70
N GLY C 62 -20.17 9.12 6.90
CA GLY C 62 -21.18 8.36 7.61
C GLY C 62 -22.55 8.41 6.97
N LEU C 63 -22.78 9.30 6.01
CA LEU C 63 -24.05 9.38 5.32
C LEU C 63 -24.16 8.37 4.18
N LYS C 64 -23.13 7.55 3.96
CA LYS C 64 -23.20 6.39 3.07
C LYS C 64 -23.53 6.78 1.62
N SER C 65 -22.90 7.85 1.15
CA SER C 65 -23.02 8.33 -0.23
C SER C 65 -24.43 8.76 -0.59
N ARG C 66 -25.26 9.09 0.39
CA ARG C 66 -26.65 9.47 0.11
C ARG C 66 -26.83 10.96 -0.14
N VAL C 67 -25.80 11.78 0.03
CA VAL C 67 -25.92 13.23 0.01
C VAL C 67 -25.26 13.78 -1.26
N SER C 68 -25.96 14.72 -1.90
CA SER C 68 -25.42 15.50 -3.01
C SER C 68 -25.71 16.97 -2.79
N ILE C 69 -24.72 17.82 -3.12
CA ILE C 69 -24.85 19.26 -2.97
C ILE C 69 -24.37 19.90 -4.27
N THR C 70 -25.24 20.68 -4.91
CA THR C 70 -24.92 21.42 -6.12
C THR C 70 -25.13 22.90 -5.89
N LYS C 71 -24.74 23.70 -6.88
CA LYS C 71 -24.90 25.14 -6.80
C LYS C 71 -25.26 25.70 -8.17
N ASP C 72 -26.02 26.80 -8.16
CA ASP C 72 -26.44 27.51 -9.37
C ASP C 72 -26.15 28.98 -9.13
N ASN C 73 -25.04 29.48 -9.68
CA ASN C 73 -24.66 30.86 -9.50
C ASN C 73 -25.61 31.82 -10.20
N SER C 74 -26.31 31.37 -11.24
CA SER C 74 -27.32 32.19 -11.88
C SER C 74 -28.49 32.49 -10.95
N LYS C 75 -28.73 31.65 -9.95
CA LYS C 75 -29.75 31.90 -8.94
C LYS C 75 -29.17 32.21 -7.57
N SER C 76 -27.86 32.12 -7.40
CA SER C 76 -27.20 32.28 -6.10
C SER C 76 -27.78 31.31 -5.08
N GLN C 77 -27.95 30.06 -5.51
CA GLN C 77 -28.56 29.03 -4.68
C GLN C 77 -27.64 27.82 -4.57
N VAL C 78 -27.74 27.12 -3.44
CA VAL C 78 -27.03 25.87 -3.20
C VAL C 78 -28.06 24.83 -2.78
N SER C 79 -28.00 23.65 -3.39
CA SER C 79 -29.04 22.64 -3.24
C SER C 79 -28.54 21.46 -2.43
N LEU C 80 -29.45 20.86 -1.66
CA LEU C 80 -29.14 19.67 -0.86
C LEU C 80 -30.08 18.53 -1.26
N SER C 81 -29.53 17.32 -1.35
CA SER C 81 -30.28 16.12 -1.65
C SER C 81 -29.83 14.99 -0.75
N VAL C 82 -30.77 14.36 -0.06
CA VAL C 82 -30.50 13.19 0.77
C VAL C 82 -31.42 12.08 0.28
N ARG C 83 -30.83 11.04 -0.30
CA ARG C 83 -31.60 9.96 -0.91
C ARG C 83 -31.98 8.91 0.13
N GLY C 84 -33.07 8.20 -0.16
CA GLY C 84 -33.54 7.09 0.65
C GLY C 84 -33.73 7.38 2.12
N VAL C 85 -34.44 8.46 2.43
CA VAL C 85 -34.56 8.91 3.80
C VAL C 85 -35.41 7.94 4.61
N THR C 86 -35.04 7.74 5.87
CA THR C 86 -35.84 7.06 6.87
C THR C 86 -36.09 8.03 8.02
N THR C 87 -36.69 7.51 9.09
CA THR C 87 -37.07 8.36 10.22
C THR C 87 -35.87 8.99 10.91
N GLU C 88 -34.64 8.48 10.68
CA GLU C 88 -33.44 9.07 11.25
C GLU C 88 -33.05 10.38 10.58
N ASP C 89 -33.52 10.63 9.36
CA ASP C 89 -33.20 11.86 8.66
C ASP C 89 -34.15 12.99 9.00
N SER C 90 -35.13 12.73 9.86
CA SER C 90 -35.94 13.80 10.44
C SER C 90 -35.05 14.66 11.33
N ALA C 91 -34.95 15.95 10.99
CA ALA C 91 -34.06 16.86 11.71
C ALA C 91 -34.38 18.28 11.29
N THR C 92 -33.77 19.22 11.98
CA THR C 92 -33.71 20.61 11.55
C THR C 92 -32.49 20.77 10.67
N TYR C 93 -32.66 21.33 9.47
CA TYR C 93 -31.60 21.45 8.49
C TYR C 93 -31.18 22.91 8.34
N TYR C 94 -29.89 23.16 8.51
CA TYR C 94 -29.33 24.51 8.49
C TYR C 94 -28.46 24.71 7.27
N CYS C 95 -28.67 25.83 6.57
CA CYS C 95 -27.69 26.32 5.60
C CYS C 95 -26.61 27.10 6.34
N THR C 96 -25.36 26.93 5.91
CA THR C 96 -24.23 27.56 6.58
C THR C 96 -23.18 28.00 5.58
N THR C 97 -22.45 29.05 5.95
CA THR C 97 -21.19 29.40 5.31
C THR C 97 -20.05 28.81 6.13
N VAL C 98 -19.05 28.26 5.44
CA VAL C 98 -17.99 27.50 6.10
C VAL C 98 -16.65 27.99 5.61
N HIS C 99 -15.70 28.15 6.54
CA HIS C 99 -14.30 28.34 6.21
C HIS C 99 -13.63 26.97 6.13
N GLN C 100 -13.00 26.69 4.99
CA GLN C 100 -12.35 25.41 4.75
C GLN C 100 -10.96 25.65 4.18
N LYS C 101 -9.95 25.07 4.83
CA LYS C 101 -8.57 25.26 4.40
C LYS C 101 -7.72 24.11 4.89
N THR C 102 -7.03 23.45 3.97
CA THR C 102 -5.97 22.50 4.33
C THR C 102 -4.67 23.30 4.32
N GLN C 103 -4.16 23.61 5.51
CA GLN C 103 -3.05 24.54 5.66
C GLN C 103 -1.75 23.77 5.86
N LEU C 104 -0.75 24.11 5.04
CA LEU C 104 0.58 23.56 5.21
C LEU C 104 1.19 24.05 6.52
N THR C 105 1.69 23.12 7.32
CA THR C 105 2.28 23.43 8.61
C THR C 105 3.69 22.86 8.69
N LYS C 106 4.62 23.65 9.18
CA LYS C 106 5.97 23.20 9.48
C LYS C 106 6.09 22.98 10.98
N SER C 107 6.64 21.83 11.37
CA SER C 107 6.80 21.50 12.78
C SER C 107 7.95 20.52 12.93
N CYS C 108 8.64 20.62 14.05
CA CYS C 108 9.83 19.81 14.27
C CYS C 108 9.47 18.34 14.46
N PRO C 109 10.34 17.43 14.01
CA PRO C 109 10.03 15.99 14.13
C PRO C 109 10.12 15.48 15.56
N ASP C 110 9.84 14.19 15.73
CA ASP C 110 9.86 13.59 17.06
C ASP C 110 11.27 13.58 17.63
N GLY C 111 11.40 13.94 18.91
CA GLY C 111 12.66 13.97 19.60
C GLY C 111 13.43 15.26 19.48
N TYR C 112 12.99 16.19 18.65
CA TYR C 112 13.70 17.45 18.42
C TYR C 112 12.84 18.62 18.90
N SER C 113 13.49 19.76 19.11
CA SER C 113 12.82 20.96 19.59
C SER C 113 13.02 22.10 18.59
N ASP C 114 12.22 23.15 18.77
CA ASP C 114 12.19 24.28 17.84
C ASP C 114 13.26 25.29 18.22
N CYS C 115 14.02 25.76 17.21
CA CYS C 115 15.17 26.61 17.46
C CYS C 115 14.78 28.02 17.89
N TYR C 116 13.54 28.43 17.70
CA TYR C 116 13.12 29.76 18.10
C TYR C 116 12.70 29.84 19.56
N GLY C 117 12.58 28.69 20.24
CA GLY C 117 12.04 28.68 21.58
C GLY C 117 13.02 28.36 22.70
N CYS C 118 14.27 28.08 22.36
CA CYS C 118 15.27 27.68 23.36
C CYS C 118 15.83 28.85 24.15
N GLY C 119 15.47 30.08 23.82
CA GLY C 119 15.93 31.22 24.61
C GLY C 119 17.43 31.37 24.49
N ALA C 120 18.12 31.40 25.63
CA ALA C 120 19.56 31.55 25.68
C ALA C 120 20.30 30.22 25.74
N TYR C 121 19.59 29.11 25.52
CA TYR C 121 20.20 27.79 25.54
C TYR C 121 20.39 27.18 24.15
N CYS C 122 20.11 27.94 23.10
CA CYS C 122 20.13 27.37 21.76
C CYS C 122 21.55 27.01 21.35
N PRO C 123 21.75 25.87 20.72
CA PRO C 123 23.09 25.55 20.17
C PRO C 123 23.38 26.41 18.95
N TYR C 124 24.68 26.58 18.68
CA TYR C 124 25.07 27.43 17.55
C TYR C 124 24.57 26.88 16.22
N GLY C 125 24.35 25.56 16.14
CA GLY C 125 23.81 24.98 14.91
C GLY C 125 22.38 25.36 14.64
N CYS C 126 21.66 25.87 15.64
CA CYS C 126 20.32 26.41 15.39
C CYS C 126 20.35 27.62 14.48
N SER C 127 21.51 28.26 14.34
CA SER C 127 21.64 29.41 13.44
C SER C 127 21.41 29.02 11.99
N GLY C 128 21.53 27.73 11.66
CA GLY C 128 21.27 27.27 10.31
C GLY C 128 20.00 26.47 10.18
N ASP C 129 19.90 25.35 10.91
CA ASP C 129 18.78 24.44 10.80
C ASP C 129 17.54 25.01 11.51
N ASP C 130 16.46 24.22 11.48
CA ASP C 130 15.20 24.60 12.12
C ASP C 130 15.02 23.95 13.48
N CYS C 131 15.55 22.74 13.68
CA CYS C 131 15.30 21.96 14.89
C CYS C 131 16.61 21.39 15.40
N TYR C 132 16.63 21.09 16.70
CA TYR C 132 17.82 20.53 17.33
C TYR C 132 17.40 19.49 18.36
N SER C 133 18.37 18.66 18.76
CA SER C 133 18.19 17.67 19.81
C SER C 133 19.54 17.45 20.48
N TYR C 134 19.51 17.18 21.78
CA TYR C 134 20.72 16.93 22.54
C TYR C 134 20.71 15.51 23.09
N SER C 135 21.80 14.78 22.84
CA SER C 135 22.07 13.51 23.47
C SER C 135 23.30 13.65 24.35
N SER C 136 23.23 13.10 25.58
CA SER C 136 24.37 13.18 26.48
C SER C 136 25.58 12.45 25.90
N TYR C 137 25.35 11.32 25.24
CA TYR C 137 26.46 10.56 24.66
C TYR C 137 26.89 11.13 23.31
N GLY C 138 25.97 11.70 22.54
CA GLY C 138 26.28 12.12 21.20
C GLY C 138 26.33 13.62 20.95
N GLY C 139 25.93 14.42 21.95
CA GLY C 139 25.95 15.86 21.78
C GLY C 139 24.70 16.36 21.07
N TYR C 140 24.88 17.44 20.30
CA TYR C 140 23.77 18.09 19.63
C TYR C 140 23.62 17.56 18.21
N THR C 141 22.38 17.25 17.83
CA THR C 141 22.03 16.90 16.46
C THR C 141 20.89 17.81 16.00
N TYR C 142 20.79 17.98 14.68
CA TYR C 142 19.90 18.98 14.11
C TYR C 142 19.11 18.38 12.96
N SER C 143 17.97 19.01 12.66
CA SER C 143 17.10 18.51 11.61
C SER C 143 16.25 19.68 11.09
N SER C 144 15.67 19.46 9.92
CA SER C 144 14.83 20.45 9.27
C SER C 144 13.37 20.27 9.68
N TYR C 145 12.57 21.30 9.41
CA TYR C 145 11.15 21.26 9.70
C TYR C 145 10.47 20.12 8.95
N SER C 146 9.57 19.43 9.64
CA SER C 146 8.73 18.44 8.98
C SER C 146 7.50 19.11 8.40
N SER C 147 6.96 18.52 7.33
CA SER C 147 5.81 19.07 6.63
C SER C 147 4.59 18.21 6.89
N THR C 148 3.52 18.82 7.40
CA THR C 148 2.24 18.16 7.61
C THR C 148 1.13 19.11 7.17
N TYR C 149 -0.10 18.63 7.23
CA TYR C 149 -1.27 19.42 6.89
C TYR C 149 -2.17 19.56 8.11
N ILE C 150 -2.66 20.77 8.34
CA ILE C 150 -3.66 21.05 9.34
C ILE C 150 -4.96 21.40 8.62
N TYR C 151 -6.02 20.66 8.90
CA TYR C 151 -7.30 20.86 8.22
C TYR C 151 -8.13 21.85 9.03
N GLU C 152 -8.31 23.04 8.48
CA GLU C 152 -9.04 24.10 9.15
C GLU C 152 -10.52 24.05 8.78
N PHE C 153 -11.38 24.19 9.79
CA PHE C 153 -12.82 24.18 9.59
C PHE C 153 -13.48 24.97 10.71
N PHE C 154 -14.44 25.81 10.34
CA PHE C 154 -15.39 26.34 11.30
C PHE C 154 -16.56 26.92 10.54
N VAL C 155 -17.74 26.84 11.16
CA VAL C 155 -18.93 27.45 10.60
C VAL C 155 -18.91 28.94 10.91
N ASP C 156 -19.09 29.77 9.89
CA ASP C 156 -19.05 31.22 10.05
C ASP C 156 -20.44 31.78 10.33
N ALA C 157 -21.40 31.51 9.44
CA ALA C 157 -22.76 32.01 9.58
C ALA C 157 -23.75 30.85 9.50
N TRP C 158 -24.86 30.98 10.21
CA TRP C 158 -25.91 29.97 10.25
C TRP C 158 -27.21 30.54 9.75
N GLY C 159 -27.93 29.76 8.95
CA GLY C 159 -29.31 30.07 8.64
C GLY C 159 -30.21 29.76 9.82
N GLN C 160 -31.50 30.10 9.66
CA GLN C 160 -32.46 29.87 10.73
C GLN C 160 -32.86 28.41 10.87
N GLY C 161 -32.64 27.60 9.84
CA GLY C 161 -32.99 26.19 9.94
C GLY C 161 -34.39 25.90 9.42
N LEU C 162 -34.57 24.67 8.94
CA LEU C 162 -35.85 24.21 8.40
C LEU C 162 -36.09 22.80 8.90
N LEU C 163 -37.19 22.60 9.62
CA LEU C 163 -37.53 21.30 10.17
C LEU C 163 -38.15 20.42 9.10
N VAL C 164 -37.61 19.22 8.93
CA VAL C 164 -38.13 18.25 7.99
C VAL C 164 -38.48 16.97 8.75
N THR C 165 -39.68 16.45 8.50
CA THR C 165 -40.15 15.22 9.11
C THR C 165 -40.28 14.15 8.03
N VAL C 166 -39.65 13.00 8.26
CA VAL C 166 -39.78 11.84 7.40
C VAL C 166 -40.86 10.94 8.00
N SER C 167 -41.97 10.78 7.29
CA SER C 167 -43.09 10.01 7.80
C SER C 167 -44.03 9.64 6.67
N SER C 168 -44.75 8.54 6.85
CA SER C 168 -45.80 8.14 5.92
C SER C 168 -47.11 8.87 6.18
N ALA C 169 -47.25 9.51 7.35
CA ALA C 169 -48.51 10.15 7.69
C ALA C 169 -48.73 11.42 6.88
N SER C 170 -49.98 11.69 6.56
CA SER C 170 -50.36 12.88 5.80
C SER C 170 -50.46 14.08 6.75
N THR C 171 -50.91 15.22 6.24
CA THR C 171 -50.99 16.45 6.99
C THR C 171 -52.42 16.74 7.44
N THR C 172 -52.53 17.62 8.44
CA THR C 172 -53.81 18.17 8.88
C THR C 172 -53.56 19.63 9.24
N ALA C 173 -54.24 20.54 8.55
CA ALA C 173 -54.05 21.95 8.84
C ALA C 173 -54.73 22.34 10.15
N PRO C 174 -54.21 23.34 10.85
CA PRO C 174 -54.82 23.76 12.11
C PRO C 174 -56.04 24.65 11.90
N LYS C 175 -56.92 24.63 12.89
CA LYS C 175 -57.93 25.66 13.08
C LYS C 175 -57.41 26.64 14.12
N VAL C 176 -57.67 27.93 13.91
CA VAL C 176 -57.17 28.98 14.79
C VAL C 176 -58.35 29.66 15.46
N TYR C 177 -58.37 29.64 16.80
CA TYR C 177 -59.45 30.22 17.56
C TYR C 177 -58.95 31.38 18.41
N PRO C 178 -59.74 32.45 18.54
CA PRO C 178 -59.32 33.57 19.40
C PRO C 178 -59.39 33.18 20.87
N LEU C 179 -58.46 33.73 21.65
CA LEU C 179 -58.41 33.51 23.09
C LEU C 179 -58.57 34.87 23.78
N SER C 180 -59.65 35.02 24.54
CA SER C 180 -59.90 36.24 25.29
C SER C 180 -60.50 35.90 26.64
N SER C 181 -60.17 36.71 27.64
CA SER C 181 -60.66 36.48 28.99
C SER C 181 -62.16 36.72 29.07
N CYS C 182 -62.77 36.22 30.15
CA CYS C 182 -64.19 36.41 30.37
C CYS C 182 -64.48 37.81 30.91
N CYS C 183 -65.75 38.20 30.79
CA CYS C 183 -66.18 39.52 31.25
C CYS C 183 -66.38 39.54 32.76
N SER C 189 -55.08 47.38 34.09
CA SER C 189 -55.38 48.16 32.89
C SER C 189 -55.02 47.39 31.63
N THR C 190 -54.12 46.42 31.77
CA THR C 190 -53.69 45.60 30.65
C THR C 190 -54.65 44.45 30.43
N VAL C 191 -54.77 44.03 29.16
CA VAL C 191 -55.62 42.91 28.78
C VAL C 191 -54.76 41.85 28.11
N THR C 192 -55.24 40.61 28.17
CA THR C 192 -54.54 39.46 27.61
C THR C 192 -55.40 38.82 26.53
N LEU C 193 -54.86 38.76 25.31
CA LEU C 193 -55.51 38.09 24.19
C LEU C 193 -54.60 36.99 23.68
N GLY C 194 -55.18 36.08 22.89
CA GLY C 194 -54.39 34.97 22.40
C GLY C 194 -55.00 34.31 21.18
N CYS C 195 -54.27 33.30 20.68
CA CYS C 195 -54.69 32.50 19.54
C CYS C 195 -54.40 31.04 19.83
N LEU C 196 -55.42 30.20 19.73
CA LEU C 196 -55.25 28.75 19.89
C LEU C 196 -55.08 28.12 18.51
N VAL C 197 -53.92 27.53 18.28
CA VAL C 197 -53.62 26.78 17.06
C VAL C 197 -53.93 25.32 17.37
N SER C 198 -55.12 24.87 16.96
CA SER C 198 -55.70 23.63 17.47
C SER C 198 -55.66 22.53 16.41
N SER C 199 -55.15 21.35 16.81
CA SER C 199 -55.26 20.11 16.05
C SER C 199 -54.58 20.19 14.68
N TYR C 200 -53.28 19.95 14.63
CA TYR C 200 -52.54 19.93 13.37
C TYR C 200 -51.48 18.84 13.43
N MET C 201 -50.92 18.53 12.26
CA MET C 201 -49.81 17.58 12.13
C MET C 201 -49.24 17.68 10.72
N PRO C 202 -47.92 17.53 10.54
CA PRO C 202 -46.95 17.46 11.63
C PRO C 202 -46.50 18.87 12.02
N GLU C 203 -45.54 18.95 12.95
CA GLU C 203 -44.93 20.23 13.25
C GLU C 203 -43.96 20.64 12.13
N PRO C 204 -43.59 21.93 12.05
CA PRO C 204 -43.86 23.05 12.94
C PRO C 204 -45.03 23.95 12.53
N VAL C 205 -45.38 24.87 13.43
CA VAL C 205 -46.15 26.06 13.10
C VAL C 205 -45.44 27.26 13.71
N THR C 206 -45.56 28.39 13.03
CA THR C 206 -45.02 29.66 13.50
C THR C 206 -46.16 30.62 13.74
N VAL C 207 -46.03 31.45 14.77
CA VAL C 207 -47.02 32.46 15.12
C VAL C 207 -46.33 33.80 15.22
N THR C 208 -46.90 34.80 14.55
CA THR C 208 -46.54 36.20 14.73
C THR C 208 -47.82 36.99 14.95
N TRP C 209 -47.66 38.22 15.43
CA TRP C 209 -48.78 39.11 15.71
C TRP C 209 -48.63 40.38 14.89
N ASN C 210 -49.70 40.76 14.20
CA ASN C 210 -49.73 41.96 13.36
C ASN C 210 -48.57 41.97 12.37
N SER C 211 -48.35 40.82 11.73
CA SER C 211 -47.28 40.63 10.74
C SER C 211 -45.90 40.92 11.31
N GLY C 212 -45.73 40.82 12.63
CA GLY C 212 -44.47 41.10 13.27
C GLY C 212 -44.35 42.47 13.90
N ALA C 213 -45.32 43.37 13.65
CA ALA C 213 -45.27 44.69 14.27
C ALA C 213 -45.33 44.59 15.79
N LEU C 214 -46.12 43.67 16.30
CA LEU C 214 -46.26 43.45 17.74
C LEU C 214 -45.33 42.31 18.15
N LYS C 215 -44.27 42.63 18.89
CA LYS C 215 -43.36 41.64 19.42
C LYS C 215 -43.25 41.64 20.93
N SER C 216 -43.57 42.74 21.60
CA SER C 216 -43.46 42.84 23.05
C SER C 216 -44.76 42.42 23.72
N GLY C 217 -44.65 41.64 24.79
CA GLY C 217 -45.80 41.10 25.47
C GLY C 217 -46.32 39.80 24.89
N VAL C 218 -45.64 39.25 23.89
CA VAL C 218 -46.08 38.04 23.21
C VAL C 218 -45.34 36.84 23.80
N HIS C 219 -46.11 35.84 24.24
CA HIS C 219 -45.55 34.56 24.65
C HIS C 219 -46.18 33.46 23.81
N THR C 220 -45.36 32.79 23.01
CA THR C 220 -45.79 31.67 22.19
C THR C 220 -45.29 30.39 22.83
N PHE C 221 -46.21 29.50 23.18
CA PHE C 221 -45.92 28.29 23.93
C PHE C 221 -45.69 27.11 22.98
N PRO C 222 -44.73 26.23 23.30
CA PRO C 222 -44.55 25.02 22.50
C PRO C 222 -45.75 24.10 22.63
N ALA C 223 -45.93 23.25 21.63
CA ALA C 223 -47.17 22.53 21.45
C ALA C 223 -47.30 21.35 22.41
N VAL C 224 -48.53 21.05 22.77
CA VAL C 224 -48.86 19.76 23.38
C VAL C 224 -49.11 18.74 22.28
N LEU C 225 -49.03 17.45 22.63
CA LEU C 225 -49.27 16.37 21.70
C LEU C 225 -50.30 15.41 22.29
N GLN C 226 -51.46 15.30 21.64
CA GLN C 226 -52.49 14.39 22.10
C GLN C 226 -52.17 12.96 21.65
N SER C 227 -52.87 12.00 22.27
CA SER C 227 -52.71 10.60 21.90
C SER C 227 -53.15 10.33 20.46
N SER C 228 -53.93 11.24 19.87
CA SER C 228 -54.38 11.11 18.49
C SER C 228 -53.29 11.43 17.47
N GLY C 229 -52.14 11.93 17.92
CA GLY C 229 -51.09 12.36 17.01
C GLY C 229 -51.20 13.79 16.55
N LEU C 230 -52.19 14.54 17.05
CA LEU C 230 -52.41 15.92 16.64
C LEU C 230 -51.84 16.87 17.69
N TYR C 231 -51.08 17.85 17.22
CA TYR C 231 -50.51 18.87 18.09
C TYR C 231 -51.49 20.03 18.27
N SER C 232 -51.25 20.81 19.32
CA SER C 232 -51.94 22.07 19.54
C SER C 232 -51.02 22.98 20.35
N LEU C 233 -50.94 24.24 19.94
CA LEU C 233 -50.23 25.24 20.72
C LEU C 233 -51.05 26.51 20.80
N SER C 234 -50.68 27.37 21.75
CA SER C 234 -51.34 28.65 21.95
C SER C 234 -50.29 29.74 22.00
N SER C 235 -50.70 30.95 21.59
CA SER C 235 -49.86 32.14 21.67
C SER C 235 -50.70 33.26 22.26
N MET C 236 -50.15 33.94 23.27
CA MET C 236 -50.88 35.00 23.97
C MET C 236 -50.07 36.29 23.96
N VAL C 237 -50.79 37.40 24.09
CA VAL C 237 -50.19 38.73 24.13
C VAL C 237 -50.89 39.54 25.23
N THR C 238 -50.10 40.30 25.97
CA THR C 238 -50.62 41.22 26.98
C THR C 238 -50.39 42.65 26.48
N VAL C 239 -51.47 43.41 26.35
CA VAL C 239 -51.39 44.77 25.84
C VAL C 239 -51.93 45.76 26.87
N GLN C 246 -55.03 48.44 18.57
CA GLN C 246 -56.49 48.44 18.61
C GLN C 246 -57.04 47.10 18.14
N THR C 247 -56.59 46.65 16.97
CA THR C 247 -56.88 45.32 16.48
C THR C 247 -55.62 44.47 16.54
N PHE C 248 -55.79 43.19 16.86
CA PHE C 248 -54.66 42.28 17.04
C PHE C 248 -54.90 41.04 16.22
N THR C 249 -53.99 40.77 15.27
CA THR C 249 -54.13 39.66 14.34
C THR C 249 -52.95 38.73 14.50
N CYS C 250 -53.22 37.44 14.74
CA CYS C 250 -52.18 36.43 14.77
C CYS C 250 -52.06 35.81 13.39
N ASN C 251 -50.82 35.68 12.92
CA ASN C 251 -50.53 35.12 11.60
C ASN C 251 -49.92 33.75 11.82
N VAL C 252 -50.74 32.71 11.60
CA VAL C 252 -50.33 31.32 11.83
C VAL C 252 -49.91 30.72 10.50
N ALA C 253 -48.78 30.02 10.49
CA ALA C 253 -48.30 29.34 9.30
C ALA C 253 -48.04 27.88 9.64
N HIS C 254 -48.51 26.99 8.77
CA HIS C 254 -48.29 25.54 8.91
C HIS C 254 -47.69 25.08 7.59
N PRO C 255 -46.36 25.14 7.45
CA PRO C 255 -45.74 24.92 6.13
C PRO C 255 -46.00 23.53 5.55
N ALA C 256 -46.12 22.50 6.39
CA ALA C 256 -46.32 21.15 5.86
C ALA C 256 -47.57 21.06 4.99
N SER C 257 -48.61 21.82 5.33
CA SER C 257 -49.84 21.85 4.55
C SER C 257 -49.95 23.09 3.66
N SER C 258 -48.89 23.90 3.59
CA SER C 258 -48.86 25.10 2.76
C SER C 258 -50.04 26.02 3.08
N THR C 259 -50.24 26.27 4.38
CA THR C 259 -51.36 27.07 4.86
C THR C 259 -50.85 28.24 5.68
N LYS C 260 -51.46 29.40 5.46
CA LYS C 260 -51.24 30.59 6.28
C LYS C 260 -52.61 31.14 6.68
N VAL C 261 -52.80 31.35 7.99
CA VAL C 261 -54.08 31.79 8.54
C VAL C 261 -53.87 33.09 9.29
N ASP C 262 -54.70 34.09 8.97
CA ASP C 262 -54.73 35.36 9.69
C ASP C 262 -56.02 35.44 10.47
N LYS C 263 -55.91 35.58 11.79
CA LYS C 263 -57.07 35.57 12.67
C LYS C 263 -57.11 36.88 13.46
N ALA C 264 -58.20 37.64 13.30
CA ALA C 264 -58.38 38.86 14.07
C ALA C 264 -58.99 38.53 15.42
N VAL C 265 -58.36 39.01 16.49
CA VAL C 265 -58.78 38.73 17.85
C VAL C 265 -59.32 40.01 18.48
N GLU C 266 -60.54 39.93 19.01
CA GLU C 266 -61.16 41.01 19.74
C GLU C 266 -61.41 40.60 21.18
N PRO C 267 -61.12 41.47 22.14
CA PRO C 267 -61.60 41.23 23.52
C PRO C 267 -63.11 41.25 23.55
N LYS C 268 -63.67 40.52 24.52
CA LYS C 268 -65.12 40.36 24.59
C LYS C 268 -65.82 41.69 24.78
N SER C 269 -67.06 41.77 24.27
CA SER C 269 -67.79 43.03 24.28
C SER C 269 -68.28 43.40 25.68
N CYS C 270 -68.74 42.42 26.44
CA CYS C 270 -69.31 42.63 27.77
C CYS C 270 -70.49 43.60 27.72
N ALA D 2 -16.55 8.69 14.23
CA ALA D 2 -16.27 8.99 15.63
C ALA D 2 -16.78 10.38 16.01
N VAL D 3 -17.46 10.45 17.15
CA VAL D 3 -17.93 11.72 17.69
C VAL D 3 -16.93 12.18 18.74
N LEU D 4 -16.94 13.47 19.03
CA LEU D 4 -16.15 14.03 20.12
C LEU D 4 -16.96 13.96 21.41
N ASN D 5 -16.26 13.70 22.52
CA ASN D 5 -16.92 13.41 23.79
C ASN D 5 -16.85 14.61 24.71
N GLN D 6 -18.00 15.16 25.05
CA GLN D 6 -18.14 16.24 26.03
C GLN D 6 -18.90 15.73 27.25
N PRO D 7 -18.78 16.42 28.38
CA PRO D 7 -19.69 16.14 29.50
C PRO D 7 -21.11 16.54 29.13
N SER D 8 -22.08 15.75 29.61
CA SER D 8 -23.47 16.02 29.28
C SER D 8 -23.95 17.33 29.87
N SER D 9 -23.47 17.70 31.06
CA SER D 9 -23.92 18.92 31.71
C SER D 9 -22.85 19.47 32.63
N VAL D 10 -22.64 20.78 32.58
CA VAL D 10 -21.76 21.50 33.48
C VAL D 10 -22.54 22.61 34.15
N SER D 11 -22.18 22.92 35.40
CA SER D 11 -22.94 23.86 36.20
C SER D 11 -22.00 24.76 36.99
N GLY D 12 -22.29 26.05 36.97
CA GLY D 12 -21.48 27.02 37.69
C GLY D 12 -22.35 28.13 38.24
N SER D 13 -21.89 28.73 39.33
CA SER D 13 -22.62 29.80 39.99
C SER D 13 -22.45 31.11 39.22
N LEU D 14 -23.47 31.96 39.30
CA LEU D 14 -23.44 33.26 38.63
C LEU D 14 -22.24 34.06 39.10
N GLY D 15 -21.48 34.59 38.13
CA GLY D 15 -20.27 35.31 38.43
C GLY D 15 -19.02 34.46 38.52
N GLN D 16 -19.17 33.14 38.63
CA GLN D 16 -18.03 32.23 38.70
C GLN D 16 -17.65 31.80 37.28
N ARG D 17 -16.97 30.67 37.14
CA ARG D 17 -16.51 30.22 35.84
C ARG D 17 -16.64 28.70 35.75
N VAL D 18 -16.84 28.21 34.52
CA VAL D 18 -16.99 26.78 34.25
C VAL D 18 -16.12 26.42 33.06
N SER D 19 -15.82 25.12 32.96
CA SER D 19 -14.95 24.60 31.90
C SER D 19 -15.62 23.41 31.24
N ILE D 20 -15.61 23.38 29.92
CA ILE D 20 -16.21 22.32 29.13
C ILE D 20 -15.13 21.68 28.27
N THR D 21 -15.06 20.37 28.29
CA THR D 21 -14.01 19.63 27.59
C THR D 21 -14.52 19.02 26.30
N CYS D 22 -13.60 18.79 25.36
CA CYS D 22 -13.89 18.19 24.07
C CYS D 22 -12.77 17.20 23.78
N SER D 23 -13.09 15.92 23.73
CA SER D 23 -12.09 14.85 23.67
C SER D 23 -12.30 14.00 22.42
N GLY D 24 -11.23 13.79 21.69
CA GLY D 24 -11.26 12.97 20.50
C GLY D 24 -9.90 12.40 20.18
N SER D 25 -9.76 11.90 18.94
CA SER D 25 -8.51 11.30 18.49
C SER D 25 -7.52 12.39 18.07
N SER D 26 -6.31 11.96 17.71
CA SER D 26 -5.36 12.85 17.05
C SER D 26 -5.78 13.14 15.61
N SER D 27 -6.78 12.42 15.09
CA SER D 27 -7.25 12.68 13.74
C SER D 27 -8.05 13.98 13.67
N ASN D 28 -8.73 14.35 14.75
CA ASN D 28 -9.59 15.54 14.76
C ASN D 28 -9.08 16.57 15.74
N VAL D 29 -9.20 16.31 17.06
CA VAL D 29 -8.77 17.31 18.04
C VAL D 29 -7.25 17.47 18.02
N GLY D 30 -6.51 16.40 17.74
CA GLY D 30 -5.07 16.50 17.60
C GLY D 30 -4.62 17.34 16.42
N ASN D 31 -5.51 17.55 15.45
CA ASN D 31 -5.17 18.38 14.30
C ASN D 31 -4.87 19.81 14.69
N GLY D 32 -5.53 20.31 15.75
CA GLY D 32 -5.20 21.61 16.28
C GLY D 32 -5.99 22.78 15.72
N TYR D 33 -7.22 22.55 15.27
CA TYR D 33 -8.08 23.61 14.76
C TYR D 33 -9.52 23.26 15.18
N VAL D 34 -9.86 23.64 16.41
CA VAL D 34 -11.12 23.26 17.04
C VAL D 34 -12.00 24.50 17.17
N SER D 35 -13.31 24.33 16.93
CA SER D 35 -14.27 25.40 17.01
C SER D 35 -15.36 25.06 18.03
N TRP D 36 -15.93 26.10 18.64
CA TRP D 36 -16.95 25.96 19.68
C TRP D 36 -18.25 26.61 19.24
N TYR D 37 -19.38 26.02 19.64
CA TYR D 37 -20.69 26.47 19.17
C TYR D 37 -21.71 26.43 20.30
N GLN D 38 -22.41 27.55 20.48
CA GLN D 38 -23.43 27.70 21.51
C GLN D 38 -24.80 27.78 20.87
N LEU D 39 -25.74 26.97 21.37
CA LEU D 39 -27.08 26.88 20.82
C LEU D 39 -28.08 27.18 21.93
N ILE D 40 -28.71 28.35 21.84
CA ILE D 40 -29.79 28.74 22.76
C ILE D 40 -31.10 28.26 22.15
N PRO D 41 -31.81 27.30 22.76
CA PRO D 41 -33.01 26.75 22.15
C PRO D 41 -34.00 27.83 21.74
N GLY D 42 -34.57 27.67 20.53
CA GLY D 42 -35.40 28.68 19.92
C GLY D 42 -34.67 29.65 19.03
N SER D 43 -33.34 29.64 19.05
CA SER D 43 -32.52 30.57 18.27
C SER D 43 -31.59 29.78 17.35
N ALA D 44 -30.99 30.50 16.39
CA ALA D 44 -30.05 29.89 15.47
C ALA D 44 -28.67 29.73 16.11
N PRO D 45 -27.95 28.66 15.79
CA PRO D 45 -26.65 28.42 16.42
C PRO D 45 -25.67 29.57 16.18
N ARG D 46 -24.76 29.74 17.14
CA ARG D 46 -23.82 30.85 17.13
C ARG D 46 -22.40 30.32 17.27
N THR D 47 -21.49 30.83 16.45
CA THR D 47 -20.07 30.47 16.50
C THR D 47 -19.36 31.32 17.53
N LEU D 48 -18.55 30.67 18.38
CA LEU D 48 -17.83 31.36 19.44
C LEU D 48 -16.33 31.41 19.21
N ILE D 49 -15.68 30.26 19.01
CA ILE D 49 -14.23 30.20 18.89
C ILE D 49 -13.87 29.39 17.66
N TYR D 50 -12.69 29.71 17.09
CA TYR D 50 -12.12 28.94 16.00
C TYR D 50 -10.60 28.96 16.14
N GLY D 51 -9.95 28.00 15.49
CA GLY D 51 -8.50 27.88 15.61
C GLY D 51 -8.04 27.74 17.04
N ASP D 52 -8.70 26.88 17.81
CA ASP D 52 -8.40 26.60 19.22
C ASP D 52 -8.70 27.79 20.12
N THR D 53 -8.22 28.99 19.78
CA THR D 53 -8.26 30.12 20.69
C THR D 53 -8.88 31.39 20.13
N SER D 54 -9.04 31.53 18.82
CA SER D 54 -9.54 32.78 18.27
C SER D 54 -11.01 32.99 18.60
N ARG D 55 -11.41 34.25 18.71
CA ARG D 55 -12.77 34.61 19.09
C ARG D 55 -13.51 35.17 17.88
N ALA D 56 -14.74 34.72 17.69
CA ALA D 56 -15.57 35.23 16.60
C ALA D 56 -16.03 36.65 16.91
N SER D 57 -16.46 37.35 15.86
CA SER D 57 -16.91 38.72 16.00
C SER D 57 -18.13 38.79 16.92
N GLY D 58 -18.03 39.61 17.96
CA GLY D 58 -19.07 39.72 18.95
C GLY D 58 -18.91 38.81 20.16
N VAL D 59 -18.00 37.84 20.09
CA VAL D 59 -17.75 36.94 21.22
C VAL D 59 -16.96 37.70 22.28
N PRO D 60 -17.49 37.85 23.48
CA PRO D 60 -16.79 38.60 24.52
C PRO D 60 -15.64 37.80 25.12
N ASP D 61 -14.78 38.51 25.85
CA ASP D 61 -13.56 37.91 26.39
C ASP D 61 -13.83 36.90 27.49
N ARG D 62 -15.04 36.90 28.06
CA ARG D 62 -15.37 35.91 29.09
C ARG D 62 -15.15 34.49 28.57
N PHE D 63 -15.60 34.22 27.35
CA PHE D 63 -15.38 32.92 26.72
C PHE D 63 -13.97 32.87 26.16
N SER D 64 -13.22 31.83 26.53
CA SER D 64 -11.85 31.66 26.07
C SER D 64 -11.62 30.18 25.74
N GLY D 65 -10.85 29.94 24.68
CA GLY D 65 -10.58 28.59 24.23
C GLY D 65 -9.13 28.19 24.37
N SER D 66 -8.87 26.89 24.43
CA SER D 66 -7.52 26.36 24.55
C SER D 66 -7.56 24.87 24.22
N ARG D 67 -6.39 24.28 24.06
CA ARG D 67 -6.28 22.86 23.75
C ARG D 67 -4.99 22.31 24.31
N SER D 68 -5.04 21.06 24.77
CA SER D 68 -3.85 20.34 25.23
C SER D 68 -3.93 18.92 24.68
N GLY D 69 -3.28 18.69 23.53
CA GLY D 69 -3.23 17.35 22.97
C GLY D 69 -4.57 16.97 22.36
N ASN D 70 -5.10 15.82 22.78
CA ASN D 70 -6.34 15.28 22.27
C ASN D 70 -7.56 15.74 23.07
N THR D 71 -7.43 16.83 23.82
CA THR D 71 -8.54 17.38 24.59
C THR D 71 -8.48 18.90 24.53
N ALA D 72 -9.62 19.52 24.25
CA ALA D 72 -9.74 20.97 24.18
C ALA D 72 -10.80 21.44 25.17
N THR D 73 -10.64 22.66 25.68
CA THR D 73 -11.51 23.19 26.72
C THR D 73 -12.02 24.57 26.34
N LEU D 74 -13.31 24.82 26.62
CA LEU D 74 -13.87 26.16 26.62
C LEU D 74 -13.97 26.64 28.06
N THR D 75 -13.73 27.94 28.26
CA THR D 75 -13.77 28.53 29.58
C THR D 75 -14.58 29.82 29.51
N ILE D 76 -15.57 29.96 30.40
CA ILE D 76 -16.42 31.14 30.45
C ILE D 76 -16.34 31.73 31.85
N SER D 77 -15.95 32.99 31.95
CA SER D 77 -15.86 33.68 33.23
C SER D 77 -17.07 34.59 33.43
N SER D 78 -17.36 34.88 34.69
CA SER D 78 -18.46 35.75 35.10
C SER D 78 -19.77 35.29 34.46
N LEU D 79 -20.23 34.13 34.93
CA LEU D 79 -21.38 33.47 34.33
C LEU D 79 -22.65 34.30 34.49
N GLN D 80 -23.49 34.27 33.45
CA GLN D 80 -24.79 34.91 33.46
C GLN D 80 -25.88 33.88 33.17
N ALA D 81 -27.13 34.29 33.39
CA ALA D 81 -28.25 33.41 33.06
C ALA D 81 -28.39 33.20 31.56
N GLU D 82 -27.93 34.17 30.76
CA GLU D 82 -28.00 34.05 29.31
C GLU D 82 -27.09 32.96 28.76
N ASP D 83 -26.08 32.55 29.54
CA ASP D 83 -25.14 31.53 29.08
C ASP D 83 -25.71 30.13 29.10
N GLU D 84 -26.84 29.91 29.78
CA GLU D 84 -27.45 28.59 29.82
C GLU D 84 -27.92 28.21 28.43
N ALA D 85 -27.21 27.27 27.82
CA ALA D 85 -27.48 26.79 26.48
C ALA D 85 -26.79 25.44 26.32
N ASP D 86 -26.80 24.89 25.11
CA ASP D 86 -26.00 23.73 24.79
C ASP D 86 -24.74 24.19 24.07
N TYR D 87 -23.62 23.54 24.37
CA TYR D 87 -22.33 23.93 23.83
C TYR D 87 -21.73 22.77 23.05
N PHE D 88 -21.28 23.06 21.83
CA PHE D 88 -20.75 22.05 20.92
C PHE D 88 -19.36 22.45 20.46
N CYS D 89 -18.45 21.48 20.46
CA CYS D 89 -17.14 21.64 19.85
C CYS D 89 -17.14 20.98 18.47
N ALA D 90 -16.25 21.46 17.61
CA ALA D 90 -16.14 20.90 16.26
C ALA D 90 -14.68 20.92 15.83
N SER D 91 -14.36 20.02 14.90
CA SER D 91 -13.04 19.95 14.31
C SER D 91 -13.12 19.12 13.03
N ALA D 92 -12.26 19.46 12.07
CA ALA D 92 -12.20 18.69 10.84
C ALA D 92 -11.67 17.29 11.12
N GLU D 93 -11.63 16.46 10.08
CA GLU D 93 -11.10 15.11 10.20
C GLU D 93 -10.69 14.61 8.82
N ASP D 94 -9.39 14.33 8.65
CA ASP D 94 -8.83 13.75 7.44
C ASP D 94 -8.91 14.68 6.23
N SER D 95 -9.88 15.59 6.21
CA SER D 95 -9.98 16.58 5.16
C SER D 95 -10.75 17.78 5.71
N SER D 96 -10.59 18.92 5.06
CA SER D 96 -11.30 20.12 5.47
C SER D 96 -12.76 20.13 5.03
N SER D 97 -13.22 19.08 4.34
CA SER D 97 -14.60 18.96 3.91
C SER D 97 -15.41 17.98 4.75
N ASN D 98 -14.79 17.34 5.73
CA ASN D 98 -15.48 16.47 6.68
C ASN D 98 -15.26 17.00 8.09
N ALA D 99 -16.36 17.24 8.80
CA ALA D 99 -16.30 17.75 10.15
C ALA D 99 -17.12 16.87 11.07
N VAL D 100 -16.67 16.78 12.32
CA VAL D 100 -17.37 16.03 13.36
C VAL D 100 -17.61 16.98 14.52
N PHE D 101 -18.80 16.91 15.10
CA PHE D 101 -19.17 17.74 16.22
C PHE D 101 -19.04 16.96 17.52
N GLY D 102 -19.15 17.68 18.64
CA GLY D 102 -19.17 17.03 19.93
C GLY D 102 -20.53 16.42 20.23
N SER D 103 -20.56 15.61 21.30
CA SER D 103 -21.81 14.98 21.71
C SER D 103 -22.78 15.97 22.34
N GLY D 104 -22.28 17.08 22.87
CA GLY D 104 -23.16 18.10 23.43
C GLY D 104 -22.97 18.26 24.93
N THR D 105 -22.99 19.51 25.39
CA THR D 105 -22.87 19.85 26.80
C THR D 105 -23.94 20.87 27.14
N THR D 106 -24.77 20.56 28.13
CA THR D 106 -25.85 21.43 28.56
C THR D 106 -25.41 22.18 29.82
N LEU D 107 -25.31 23.50 29.72
CA LEU D 107 -24.87 24.33 30.84
C LEU D 107 -26.07 24.76 31.67
N THR D 108 -25.99 24.52 32.98
CA THR D 108 -26.98 25.00 33.94
C THR D 108 -26.29 25.95 34.91
N VAL D 109 -26.82 27.17 35.04
CA VAL D 109 -26.24 28.19 35.91
C VAL D 109 -27.02 28.19 37.22
N LEU D 110 -26.33 27.90 38.32
CA LEU D 110 -26.96 27.75 39.62
C LEU D 110 -26.97 29.06 40.40
N GLY D 111 -27.94 29.19 41.29
CA GLY D 111 -28.06 30.36 42.14
C GLY D 111 -29.10 31.38 41.72
N GLN D 112 -30.03 31.01 40.85
CA GLN D 112 -31.03 31.96 40.35
C GLN D 112 -32.29 31.92 41.21
N PRO D 113 -33.01 33.04 41.32
CA PRO D 113 -34.08 33.16 42.31
C PRO D 113 -35.32 32.34 41.96
N LYS D 114 -36.10 32.03 42.99
CA LYS D 114 -37.38 31.36 42.80
C LYS D 114 -38.40 32.34 42.23
N SER D 115 -39.33 31.83 41.41
CA SER D 115 -40.47 32.64 41.01
C SER D 115 -41.66 31.72 40.73
N PRO D 116 -42.84 32.03 41.27
CA PRO D 116 -44.01 31.19 41.03
C PRO D 116 -44.55 31.38 39.62
N PRO D 117 -45.45 30.50 39.16
CA PRO D 117 -45.94 30.62 37.78
C PRO D 117 -47.02 31.68 37.65
N SER D 118 -46.90 32.51 36.62
CA SER D 118 -48.04 33.26 36.13
C SER D 118 -48.97 32.30 35.41
N VAL D 119 -50.26 32.35 35.74
CA VAL D 119 -51.24 31.39 35.24
C VAL D 119 -52.39 32.15 34.60
N THR D 120 -52.59 31.92 33.30
CA THR D 120 -53.75 32.44 32.57
C THR D 120 -54.61 31.28 32.11
N LEU D 121 -55.89 31.31 32.47
CA LEU D 121 -56.84 30.28 32.06
C LEU D 121 -57.76 30.88 31.01
N PHE D 122 -57.66 30.38 29.79
CA PHE D 122 -58.48 30.86 28.69
C PHE D 122 -59.68 29.96 28.49
N PRO D 123 -60.87 30.51 28.43
CA PRO D 123 -62.07 29.69 28.21
C PRO D 123 -62.21 29.33 26.74
N PRO D 124 -63.05 28.36 26.41
CA PRO D 124 -63.26 28.02 25.00
C PRO D 124 -63.95 29.16 24.27
N SER D 125 -63.57 29.36 23.01
CA SER D 125 -64.10 30.44 22.22
C SER D 125 -65.49 30.10 21.69
N THR D 126 -66.25 31.15 21.38
CA THR D 126 -67.58 30.97 20.79
C THR D 126 -67.52 30.14 19.52
N GLU D 127 -66.49 30.37 18.71
CA GLU D 127 -66.34 29.63 17.46
C GLU D 127 -66.17 28.14 17.70
N GLU D 128 -65.34 27.78 18.69
CA GLU D 128 -65.09 26.36 18.93
C GLU D 128 -66.33 25.65 19.44
N LEU D 129 -67.11 26.30 20.30
CA LEU D 129 -68.31 25.67 20.83
C LEU D 129 -69.37 25.47 19.76
N ASN D 130 -69.27 26.20 18.64
CA ASN D 130 -70.17 25.97 17.52
C ASN D 130 -70.00 24.58 16.91
N GLY D 131 -68.82 23.97 17.10
CA GLY D 131 -68.58 22.62 16.61
C GLY D 131 -68.61 21.58 17.71
N ASN D 132 -69.19 21.95 18.86
CA ASN D 132 -69.40 21.03 19.98
C ASN D 132 -68.09 20.53 20.58
N LYS D 133 -67.02 21.34 20.50
CA LYS D 133 -65.78 21.09 21.21
C LYS D 133 -65.49 22.29 22.11
N ALA D 134 -64.93 22.01 23.28
CA ALA D 134 -64.57 23.03 24.24
C ALA D 134 -63.17 22.74 24.74
N THR D 135 -62.25 23.68 24.52
CA THR D 135 -60.86 23.53 24.93
C THR D 135 -60.51 24.65 25.90
N LEU D 136 -60.32 24.29 27.17
CA LEU D 136 -59.80 25.23 28.15
C LEU D 136 -58.28 25.23 28.05
N VAL D 137 -57.70 26.43 28.04
CA VAL D 137 -56.27 26.60 27.80
C VAL D 137 -55.66 27.28 29.02
N CYS D 138 -54.86 26.54 29.76
CA CYS D 138 -54.16 27.06 30.93
C CYS D 138 -52.72 27.33 30.52
N LEU D 139 -52.32 28.61 30.54
CA LEU D 139 -51.00 29.02 30.09
C LEU D 139 -50.15 29.36 31.33
N ILE D 140 -49.01 28.70 31.44
CA ILE D 140 -48.17 28.73 32.63
C ILE D 140 -46.78 29.20 32.22
N SER D 141 -46.31 30.29 32.80
CA SER D 141 -45.05 30.90 32.37
C SER D 141 -44.30 31.48 33.54
N ASP D 142 -43.01 31.75 33.31
CA ASP D 142 -42.16 32.53 34.19
C ASP D 142 -41.98 31.91 35.57
N PHE D 143 -42.08 30.59 35.66
CA PHE D 143 -41.83 29.92 36.93
C PHE D 143 -40.44 29.32 36.95
N TYR D 144 -39.83 29.31 38.13
CA TYR D 144 -38.52 28.75 38.35
C TYR D 144 -38.46 28.19 39.76
N PRO D 145 -37.92 26.97 39.97
CA PRO D 145 -37.33 26.10 38.94
C PRO D 145 -38.37 25.45 38.00
N GLY D 146 -37.88 24.74 36.98
CA GLY D 146 -38.74 24.24 35.93
C GLY D 146 -39.45 22.93 36.21
N SER D 147 -40.42 22.97 37.12
CA SER D 147 -41.20 21.79 37.47
C SER D 147 -42.54 22.25 38.04
N VAL D 148 -43.63 21.75 37.49
CA VAL D 148 -44.96 22.22 37.83
C VAL D 148 -45.94 21.04 37.76
N THR D 149 -46.90 21.02 38.69
CA THR D 149 -48.01 20.07 38.65
C THR D 149 -49.32 20.83 38.49
N VAL D 150 -50.24 20.24 37.72
CA VAL D 150 -51.49 20.88 37.34
C VAL D 150 -52.65 19.97 37.71
N VAL D 151 -53.71 20.57 38.25
CA VAL D 151 -54.93 19.85 38.61
C VAL D 151 -56.12 20.60 38.04
N TRP D 152 -57.00 19.89 37.34
CA TRP D 152 -58.22 20.45 36.81
C TRP D 152 -59.38 20.07 37.73
N LYS D 153 -60.19 21.06 38.11
CA LYS D 153 -61.29 20.85 39.03
C LYS D 153 -62.54 21.56 38.52
N ALA D 154 -63.64 20.83 38.43
CA ALA D 154 -64.93 21.37 38.03
C ALA D 154 -65.90 21.22 39.19
N ASP D 155 -66.38 22.35 39.71
CA ASP D 155 -67.32 22.38 40.84
C ASP D 155 -66.74 21.65 42.05
N GLY D 156 -65.44 21.82 42.29
CA GLY D 156 -64.80 21.21 43.43
C GLY D 156 -64.47 19.74 43.28
N SER D 157 -64.64 19.16 42.09
CA SER D 157 -64.36 17.75 41.84
C SER D 157 -63.26 17.65 40.79
N THR D 158 -62.22 16.87 41.09
CA THR D 158 -61.06 16.78 40.22
C THR D 158 -61.40 15.99 38.95
N ILE D 159 -61.04 16.54 37.81
CA ILE D 159 -61.20 15.88 36.51
C ILE D 159 -59.84 15.30 36.11
N THR D 160 -59.83 14.03 35.70
CA THR D 160 -58.61 13.36 35.27
C THR D 160 -58.61 12.97 33.81
N ARG D 161 -59.77 12.95 33.16
CA ARG D 161 -59.87 12.52 31.77
C ARG D 161 -59.86 13.72 30.83
N ASN D 162 -59.36 13.49 29.62
CA ASN D 162 -59.24 14.52 28.58
C ASN D 162 -58.35 15.68 29.02
N VAL D 163 -57.30 15.35 29.78
CA VAL D 163 -56.31 16.32 30.21
C VAL D 163 -54.98 15.98 29.55
N GLU D 164 -54.31 16.99 29.02
CA GLU D 164 -52.95 16.82 28.52
C GLU D 164 -52.15 18.07 28.86
N THR D 165 -50.95 17.85 29.41
CA THR D 165 -50.13 18.92 29.94
C THR D 165 -48.73 18.79 29.38
N THR D 166 -48.20 19.89 28.85
CA THR D 166 -46.85 19.86 28.29
C THR D 166 -45.82 19.70 29.39
N ARG D 167 -44.61 19.34 29.00
CA ARG D 167 -43.53 19.43 29.95
C ARG D 167 -43.05 20.88 30.02
N ALA D 168 -42.35 21.19 31.10
CA ALA D 168 -41.80 22.51 31.28
C ALA D 168 -40.69 22.77 30.29
N SER D 169 -40.83 23.83 29.50
CA SER D 169 -39.84 24.22 28.51
C SER D 169 -39.21 25.54 28.93
N LYS D 170 -37.92 25.67 28.65
CA LYS D 170 -37.16 26.84 29.08
C LYS D 170 -37.40 28.01 28.13
N GLN D 171 -37.67 29.18 28.70
CA GLN D 171 -37.84 30.40 27.93
C GLN D 171 -36.47 31.05 27.71
N SER D 172 -36.46 32.25 27.11
CA SER D 172 -35.22 32.97 26.88
C SER D 172 -34.71 33.68 28.13
N ASN D 173 -35.57 33.91 29.12
CA ASN D 173 -35.18 34.54 30.37
C ASN D 173 -34.79 33.53 31.44
N SER D 174 -34.47 32.30 31.05
CA SER D 174 -34.01 31.20 31.90
C SER D 174 -35.10 30.63 32.80
N LYS D 175 -36.29 31.22 32.83
CA LYS D 175 -37.42 30.62 33.52
C LYS D 175 -38.17 29.69 32.56
N TYR D 176 -39.22 29.04 33.05
CA TYR D 176 -39.83 27.94 32.32
C TYR D 176 -41.30 28.21 32.05
N ALA D 177 -41.79 27.67 30.93
CA ALA D 177 -43.17 27.79 30.50
C ALA D 177 -43.78 26.41 30.31
N ALA D 178 -45.10 26.36 30.37
CA ALA D 178 -45.84 25.11 30.18
C ALA D 178 -47.29 25.46 29.87
N SER D 179 -48.05 24.45 29.47
CA SER D 179 -49.46 24.63 29.15
C SER D 179 -50.21 23.32 29.37
N SER D 180 -51.47 23.46 29.75
CA SER D 180 -52.35 22.32 29.96
C SER D 180 -53.67 22.57 29.24
N TYR D 181 -54.20 21.52 28.62
CA TYR D 181 -55.40 21.61 27.81
C TYR D 181 -56.44 20.64 28.34
N LEU D 182 -57.63 21.16 28.65
CA LEU D 182 -58.79 20.35 29.02
C LEU D 182 -59.74 20.35 27.84
N SER D 183 -59.92 19.19 27.23
CA SER D 183 -60.65 19.06 25.97
C SER D 183 -62.02 18.47 26.27
N LEU D 184 -63.03 19.33 26.33
CA LEU D 184 -64.40 18.94 26.62
C LEU D 184 -65.26 19.09 25.38
N THR D 185 -66.47 18.55 25.47
CA THR D 185 -67.50 18.87 24.51
C THR D 185 -68.20 20.17 24.93
N SER D 186 -68.90 20.78 23.98
CA SER D 186 -69.66 21.99 24.31
C SER D 186 -70.72 21.68 25.36
N SER D 187 -71.31 20.49 25.30
CA SER D 187 -72.32 20.10 26.28
C SER D 187 -71.73 20.08 27.69
N ASP D 188 -70.49 19.62 27.83
CA ASP D 188 -69.87 19.51 29.15
C ASP D 188 -69.33 20.84 29.65
N TRP D 189 -68.92 21.72 28.75
CA TRP D 189 -68.42 23.03 29.17
C TRP D 189 -69.51 23.79 29.93
N LYS D 190 -70.72 23.84 29.38
CA LYS D 190 -71.82 24.53 30.04
C LYS D 190 -72.44 23.70 31.16
N SER D 191 -72.14 22.39 31.22
CA SER D 191 -72.80 21.52 32.20
C SER D 191 -72.38 21.88 33.63
N LYS D 192 -71.13 22.28 33.82
CA LYS D 192 -70.61 22.60 35.14
C LYS D 192 -70.70 24.09 35.40
N GLY D 193 -70.72 24.45 36.69
CA GLY D 193 -70.79 25.84 37.07
C GLY D 193 -69.45 26.54 37.11
N SER D 194 -68.37 25.78 37.30
CA SER D 194 -67.05 26.39 37.45
C SER D 194 -65.98 25.44 36.93
N TYR D 195 -64.87 26.03 36.47
CA TYR D 195 -63.69 25.29 36.04
C TYR D 195 -62.45 26.01 36.58
N SER D 196 -61.51 25.24 37.10
CA SER D 196 -60.33 25.81 37.74
C SER D 196 -59.07 25.09 37.26
N CYS D 197 -58.01 25.87 37.03
CA CYS D 197 -56.70 25.34 36.70
C CYS D 197 -55.79 25.56 37.90
N GLU D 198 -55.67 24.54 38.74
CA GLU D 198 -54.85 24.61 39.94
C GLU D 198 -53.43 24.18 39.59
N VAL D 199 -52.50 25.14 39.63
CA VAL D 199 -51.11 24.92 39.25
C VAL D 199 -50.27 24.98 40.51
N THR D 200 -49.63 23.86 40.84
CA THR D 200 -48.82 23.75 42.06
C THR D 200 -47.34 23.77 41.68
N HIS D 201 -46.62 24.73 42.25
CA HIS D 201 -45.17 24.90 42.01
C HIS D 201 -44.48 24.95 43.36
N GLU D 202 -43.74 23.88 43.69
CA GLU D 202 -42.89 23.83 44.87
C GLU D 202 -43.67 24.01 46.17
N GLY D 203 -44.89 23.45 46.23
CA GLY D 203 -45.70 23.49 47.43
C GLY D 203 -46.80 24.52 47.44
N SER D 204 -46.66 25.60 46.67
CA SER D 204 -47.68 26.65 46.61
C SER D 204 -48.48 26.54 45.33
N THR D 205 -49.76 26.93 45.42
CA THR D 205 -50.71 26.76 44.32
C THR D 205 -51.19 28.12 43.83
N VAL D 206 -51.09 28.35 42.53
CA VAL D 206 -51.68 29.50 41.86
C VAL D 206 -52.85 29.00 41.03
N THR D 207 -54.05 29.53 41.32
CA THR D 207 -55.28 29.02 40.74
C THR D 207 -56.02 30.13 40.00
N LYS D 208 -56.55 29.78 38.82
CA LYS D 208 -57.45 30.64 38.08
C LYS D 208 -58.71 29.86 37.75
N THR D 209 -59.81 30.60 37.53
CA THR D 209 -61.12 30.01 37.41
C THR D 209 -61.91 30.72 36.32
N VAL D 210 -62.82 29.98 35.67
CA VAL D 210 -63.71 30.52 34.65
C VAL D 210 -65.11 30.00 34.92
N LYS D 211 -66.11 30.87 34.71
CA LYS D 211 -67.51 30.51 34.90
C LYS D 211 -68.22 30.49 33.55
N PRO D 212 -68.71 29.34 33.10
CA PRO D 212 -69.33 29.29 31.76
C PRO D 212 -70.50 30.25 31.59
N SER D 213 -71.31 30.44 32.63
CA SER D 213 -72.47 31.32 32.51
C SER D 213 -72.05 32.78 32.36
N GLU D 214 -70.90 33.15 32.91
CA GLU D 214 -70.49 34.54 32.99
C GLU D 214 -69.42 34.92 31.96
N CYS D 215 -69.12 34.04 31.01
CA CYS D 215 -68.10 34.35 30.03
C CYS D 215 -68.70 34.95 28.76
N GLN E 1 41.94 -31.08 6.75
CA GLN E 1 43.39 -31.15 6.53
C GLN E 1 43.73 -31.04 5.05
N VAL E 2 43.07 -30.12 4.35
CA VAL E 2 43.34 -29.85 2.94
C VAL E 2 43.39 -28.35 2.74
N GLN E 3 44.30 -27.90 1.88
CA GLN E 3 44.44 -26.49 1.53
C GLN E 3 44.35 -26.36 0.02
N LEU E 4 43.39 -25.56 -0.45
CA LEU E 4 43.13 -25.38 -1.88
C LEU E 4 43.16 -23.89 -2.19
N ARG E 5 43.97 -23.50 -3.18
CA ARG E 5 44.12 -22.10 -3.57
C ARG E 5 44.12 -22.00 -5.09
N GLU E 6 43.09 -21.35 -5.63
CA GLU E 6 43.02 -21.10 -7.07
C GLU E 6 43.86 -19.88 -7.44
N SER E 7 44.52 -19.96 -8.60
CA SER E 7 45.30 -18.85 -9.11
C SER E 7 45.22 -18.85 -10.62
N GLY E 8 45.44 -17.68 -11.21
CA GLY E 8 45.37 -17.53 -12.65
C GLY E 8 44.62 -16.27 -13.06
N PRO E 9 44.72 -15.93 -14.35
CA PRO E 9 44.09 -14.69 -14.82
C PRO E 9 42.57 -14.73 -14.66
N SER E 10 42.02 -13.62 -14.19
CA SER E 10 40.58 -13.48 -14.03
C SER E 10 39.92 -12.80 -15.22
N LEU E 11 40.67 -12.56 -16.30
CA LEU E 11 40.17 -11.87 -17.48
C LEU E 11 40.72 -12.56 -18.72
N VAL E 12 39.82 -13.09 -19.55
CA VAL E 12 40.19 -13.80 -20.78
C VAL E 12 39.31 -13.27 -21.91
N LYS E 13 39.92 -12.99 -23.06
CA LYS E 13 39.12 -12.48 -24.17
C LYS E 13 38.44 -13.64 -24.91
N PRO E 14 37.25 -13.39 -25.48
CA PRO E 14 36.49 -14.47 -26.12
C PRO E 14 37.31 -15.19 -27.19
N SER E 15 37.14 -16.51 -27.26
CA SER E 15 37.79 -17.49 -28.12
C SER E 15 39.20 -17.83 -27.64
N GLN E 16 39.76 -17.12 -26.67
CA GLN E 16 41.07 -17.45 -26.12
C GLN E 16 40.94 -18.60 -25.12
N THR E 17 42.03 -18.93 -24.45
CA THR E 17 42.09 -20.09 -23.56
C THR E 17 42.19 -19.65 -22.11
N LEU E 18 41.29 -20.20 -21.29
CA LEU E 18 41.30 -19.98 -19.85
C LEU E 18 42.27 -20.97 -19.20
N SER E 19 43.17 -20.46 -18.37
CA SER E 19 44.17 -21.28 -17.70
C SER E 19 44.18 -20.95 -16.21
N LEU E 20 43.84 -21.94 -15.39
CA LEU E 20 43.82 -21.78 -13.95
C LEU E 20 44.66 -22.86 -13.30
N THR E 21 45.19 -22.55 -12.12
CA THR E 21 46.04 -23.46 -11.36
C THR E 21 45.49 -23.56 -9.95
N CYS E 22 45.52 -24.78 -9.40
CA CYS E 22 45.15 -25.02 -8.02
C CYS E 22 46.33 -25.63 -7.28
N THR E 23 46.71 -25.02 -6.17
CA THR E 23 47.79 -25.52 -5.31
C THR E 23 47.14 -26.28 -4.16
N ALA E 24 47.27 -27.60 -4.16
CA ALA E 24 46.60 -28.48 -3.21
C ALA E 24 47.61 -29.10 -2.27
N SER E 25 47.36 -28.97 -0.97
CA SER E 25 48.21 -29.55 0.05
C SER E 25 47.34 -30.13 1.15
N GLY E 26 47.89 -31.11 1.87
CA GLY E 26 47.21 -31.67 3.02
C GLY E 26 47.07 -33.18 3.06
N LEU E 27 46.94 -33.72 4.27
CA LEU E 27 46.80 -35.16 4.43
C LEU E 27 45.44 -35.65 3.95
N SER E 28 44.41 -34.79 4.02
CA SER E 28 43.09 -35.17 3.55
C SER E 28 43.04 -35.42 2.04
N LEU E 29 44.07 -35.00 1.29
CA LEU E 29 44.20 -35.31 -0.12
C LEU E 29 44.52 -36.77 -0.38
N SER E 30 44.63 -37.59 0.67
CA SER E 30 45.25 -38.91 0.55
C SER E 30 44.59 -39.78 -0.51
N ASP E 31 43.27 -39.89 -0.47
CA ASP E 31 42.53 -40.77 -1.37
C ASP E 31 41.49 -40.00 -2.16
N LYS E 32 41.83 -38.80 -2.61
CA LYS E 32 40.88 -37.93 -3.28
C LYS E 32 41.46 -37.42 -4.59
N ALA E 33 40.61 -37.37 -5.61
CA ALA E 33 40.95 -36.66 -6.84
C ALA E 33 40.77 -35.16 -6.61
N VAL E 34 41.39 -34.38 -7.49
CA VAL E 34 41.28 -32.92 -7.45
C VAL E 34 40.48 -32.49 -8.67
N GLY E 35 39.32 -31.86 -8.43
CA GLY E 35 38.39 -31.52 -9.49
C GLY E 35 38.09 -30.03 -9.55
N TRP E 36 37.41 -29.65 -10.63
CA TRP E 36 37.02 -28.27 -10.89
C TRP E 36 35.52 -28.20 -11.06
N VAL E 37 34.89 -27.29 -10.31
CA VAL E 37 33.47 -26.99 -10.43
C VAL E 37 33.33 -25.50 -10.68
N ARG E 38 32.39 -25.11 -11.52
CA ARG E 38 32.15 -23.71 -11.83
C ARG E 38 30.67 -23.38 -11.67
N GLN E 39 30.39 -22.10 -11.49
CA GLN E 39 29.01 -21.61 -11.40
C GLN E 39 28.94 -20.27 -12.12
N ALA E 40 28.31 -20.24 -13.28
CA ALA E 40 28.02 -18.99 -13.94
C ALA E 40 26.98 -18.20 -13.14
N PRO E 41 26.97 -16.88 -13.26
CA PRO E 41 26.02 -16.07 -12.47
C PRO E 41 24.58 -16.47 -12.76
N GLY E 42 23.86 -16.82 -11.70
CA GLY E 42 22.47 -17.20 -11.82
C GLY E 42 22.21 -18.57 -12.40
N LYS E 43 23.24 -19.41 -12.51
CA LYS E 43 23.09 -20.76 -13.04
C LYS E 43 23.49 -21.77 -11.98
N ALA E 44 23.23 -23.04 -12.27
CA ALA E 44 23.50 -24.10 -11.31
C ALA E 44 25.00 -24.44 -11.30
N LEU E 45 25.39 -25.17 -10.26
CA LEU E 45 26.74 -25.73 -10.22
C LEU E 45 26.96 -26.64 -11.43
N GLU E 46 28.16 -26.58 -11.99
CA GLU E 46 28.49 -27.36 -13.18
C GLU E 46 29.83 -28.04 -12.99
N TRP E 47 29.82 -29.37 -13.08
CA TRP E 47 31.06 -30.15 -13.01
C TRP E 47 31.88 -29.96 -14.28
N LEU E 48 33.19 -29.83 -14.11
CA LEU E 48 34.12 -29.76 -15.23
C LEU E 48 34.91 -31.05 -15.40
N GLY E 49 35.53 -31.54 -14.34
CA GLY E 49 36.34 -32.75 -14.43
C GLY E 49 37.26 -32.87 -13.25
N SER E 50 38.09 -33.91 -13.29
CA SER E 50 39.00 -34.20 -12.18
C SER E 50 40.13 -35.10 -12.67
N ILE E 51 41.22 -35.09 -11.92
CA ILE E 51 42.36 -35.97 -12.14
C ILE E 51 42.71 -36.62 -10.81
N ASP E 52 42.93 -37.94 -10.83
CA ASP E 52 43.12 -38.66 -9.59
C ASP E 52 44.61 -38.79 -9.26
N THR E 53 44.89 -39.46 -8.14
CA THR E 53 46.27 -39.63 -7.68
C THR E 53 47.10 -40.42 -8.69
N GLY E 54 46.46 -41.28 -9.48
CA GLY E 54 47.14 -42.00 -10.54
C GLY E 54 47.32 -41.24 -11.83
N GLY E 55 46.95 -39.96 -11.87
CA GLY E 55 47.05 -39.17 -13.07
C GLY E 55 45.97 -39.42 -14.10
N SER E 56 44.92 -40.17 -13.76
CA SER E 56 43.83 -40.43 -14.67
C SER E 56 42.79 -39.32 -14.57
N ALA E 57 42.36 -38.81 -15.71
CA ALA E 57 41.48 -37.65 -15.75
C ALA E 57 40.11 -38.03 -16.32
N GLY E 58 39.06 -37.51 -15.69
CA GLY E 58 37.72 -37.66 -16.19
C GLY E 58 37.05 -36.30 -16.31
N TYR E 59 36.02 -36.25 -17.15
CA TYR E 59 35.45 -34.96 -17.55
C TYR E 59 33.94 -35.02 -17.64
N ASN E 60 33.33 -33.83 -17.56
CA ASN E 60 31.98 -33.63 -18.04
C ASN E 60 31.93 -33.94 -19.53
N PRO E 61 31.05 -34.83 -19.97
CA PRO E 61 31.03 -35.19 -21.40
C PRO E 61 30.68 -34.04 -22.32
N GLY E 62 29.83 -33.11 -21.85
CA GLY E 62 29.47 -31.98 -22.69
C GLY E 62 30.59 -30.98 -22.90
N LEU E 63 31.60 -30.98 -22.03
CA LEU E 63 32.68 -30.01 -22.12
C LEU E 63 34.04 -30.63 -22.42
N LYS E 64 34.16 -31.97 -22.45
CA LYS E 64 35.46 -32.60 -22.54
C LYS E 64 36.19 -32.29 -23.84
N SER E 65 35.47 -31.87 -24.89
CA SER E 65 36.15 -31.58 -26.16
C SER E 65 37.03 -30.34 -26.09
N ARG E 66 36.83 -29.46 -25.11
CA ARG E 66 37.63 -28.24 -25.01
C ARG E 66 38.20 -28.04 -23.60
N VAL E 67 38.23 -29.08 -22.77
CA VAL E 67 38.72 -28.96 -21.40
C VAL E 67 39.81 -29.99 -21.17
N SER E 68 40.94 -29.55 -20.60
CA SER E 68 42.00 -30.44 -20.18
C SER E 68 42.37 -30.12 -18.73
N ILE E 69 42.63 -31.17 -17.96
CA ILE E 69 43.07 -31.05 -16.58
C ILE E 69 44.34 -31.87 -16.41
N THR E 70 45.40 -31.24 -15.95
CA THR E 70 46.70 -31.88 -15.77
C THR E 70 47.17 -31.67 -14.34
N LYS E 71 48.31 -32.28 -14.01
CA LYS E 71 48.86 -32.19 -12.67
C LYS E 71 50.38 -32.21 -12.74
N ASP E 72 51.00 -31.47 -11.83
CA ASP E 72 52.46 -31.38 -11.70
C ASP E 72 52.78 -31.62 -10.24
N ASN E 73 53.14 -32.86 -9.91
CA ASN E 73 53.36 -33.21 -8.51
C ASN E 73 54.67 -32.66 -7.96
N SER E 74 55.53 -32.08 -8.80
CA SER E 74 56.69 -31.36 -8.29
C SER E 74 56.32 -29.98 -7.77
N LYS E 75 55.20 -29.43 -8.20
CA LYS E 75 54.68 -28.18 -7.68
C LYS E 75 53.47 -28.36 -6.78
N SER E 76 53.01 -29.61 -6.61
CA SER E 76 51.78 -29.91 -5.89
C SER E 76 50.62 -29.09 -6.45
N GLN E 77 50.45 -29.16 -7.77
CA GLN E 77 49.48 -28.33 -8.46
C GLN E 77 48.68 -29.16 -9.46
N VAL E 78 47.43 -28.73 -9.66
CA VAL E 78 46.54 -29.26 -10.67
C VAL E 78 46.05 -28.08 -11.50
N SER E 79 46.11 -28.22 -12.82
CA SER E 79 45.79 -27.13 -13.72
C SER E 79 44.49 -27.40 -14.48
N LEU E 80 43.87 -26.32 -14.94
CA LEU E 80 42.65 -26.40 -15.73
C LEU E 80 42.84 -25.56 -16.98
N SER E 81 42.44 -26.11 -18.13
CA SER E 81 42.44 -25.39 -19.40
C SER E 81 41.06 -25.50 -20.02
N VAL E 82 40.48 -24.35 -20.35
CA VAL E 82 39.22 -24.27 -21.09
C VAL E 82 39.47 -23.43 -22.33
N ARG E 83 39.28 -24.04 -23.50
CA ARG E 83 39.63 -23.42 -24.77
C ARG E 83 38.40 -22.90 -25.50
N GLY E 84 38.63 -21.94 -26.39
CA GLY E 84 37.57 -21.33 -27.18
C GLY E 84 36.45 -20.75 -26.31
N VAL E 85 36.81 -19.92 -25.34
CA VAL E 85 35.83 -19.46 -24.37
C VAL E 85 34.85 -18.47 -24.99
N THR E 86 33.62 -18.49 -24.49
CA THR E 86 32.60 -17.49 -24.78
C THR E 86 32.15 -16.89 -23.45
N THR E 87 31.22 -15.93 -23.54
CA THR E 87 30.69 -15.33 -22.32
C THR E 87 29.98 -16.36 -21.44
N GLU E 88 29.55 -17.48 -22.02
CA GLU E 88 28.97 -18.55 -21.21
C GLU E 88 30.02 -19.24 -20.34
N ASP E 89 31.30 -18.94 -20.53
CA ASP E 89 32.35 -19.46 -19.66
C ASP E 89 32.70 -18.50 -18.53
N SER E 90 32.08 -17.33 -18.47
CA SER E 90 32.24 -16.44 -17.32
C SER E 90 31.57 -17.08 -16.11
N ALA E 91 32.35 -17.29 -15.04
CA ALA E 91 31.84 -18.01 -13.88
C ALA E 91 32.86 -17.88 -12.76
N THR E 92 32.45 -18.33 -11.57
CA THR E 92 33.38 -18.55 -10.47
C THR E 92 33.87 -19.98 -10.54
N TYR E 93 35.18 -20.17 -10.55
CA TYR E 93 35.81 -21.47 -10.73
C TYR E 93 36.37 -21.96 -9.41
N TYR E 94 35.93 -23.14 -8.97
CA TYR E 94 36.29 -23.72 -7.69
C TYR E 94 37.19 -24.92 -7.87
N CYS E 95 38.35 -24.89 -7.19
CA CYS E 95 39.14 -26.09 -7.02
C CYS E 95 38.60 -26.88 -5.83
N THR E 96 38.58 -28.21 -5.96
CA THR E 96 37.94 -29.07 -4.98
C THR E 96 38.71 -30.38 -4.82
N THR E 97 38.54 -31.00 -3.65
CA THR E 97 38.88 -32.41 -3.47
C THR E 97 37.63 -33.25 -3.67
N VAL E 98 37.81 -34.44 -4.25
CA VAL E 98 36.73 -35.17 -4.88
C VAL E 98 36.82 -36.65 -4.49
N HIS E 99 35.72 -37.22 -4.05
CA HIS E 99 35.65 -38.65 -3.78
C HIS E 99 35.00 -39.34 -4.97
N GLN E 100 35.76 -40.21 -5.64
CA GLN E 100 35.27 -40.98 -6.77
C GLN E 100 35.60 -42.45 -6.54
N LYS E 101 34.61 -43.31 -6.68
CA LYS E 101 34.80 -44.74 -6.47
C LYS E 101 33.74 -45.52 -7.23
N THR E 102 34.17 -46.57 -7.91
CA THR E 102 33.27 -47.49 -8.58
C THR E 102 33.20 -48.77 -7.75
N GLN E 103 32.01 -49.08 -7.25
CA GLN E 103 31.81 -50.19 -6.34
C GLN E 103 30.84 -51.19 -6.95
N LEU E 104 31.23 -52.46 -6.94
CA LEU E 104 30.33 -53.53 -7.36
C LEU E 104 29.36 -53.83 -6.23
N THR E 105 28.07 -53.92 -6.57
CA THR E 105 27.03 -54.14 -5.57
C THR E 105 26.07 -55.21 -6.06
N LYS E 106 25.62 -56.06 -5.13
CA LYS E 106 24.70 -57.13 -5.44
C LYS E 106 23.27 -56.68 -5.16
N SER E 107 22.35 -57.06 -6.04
CA SER E 107 20.95 -56.68 -5.89
C SER E 107 20.09 -57.65 -6.69
N CYS E 108 18.82 -57.73 -6.31
CA CYS E 108 17.90 -58.68 -6.93
C CYS E 108 17.37 -58.12 -8.25
N PRO E 109 17.17 -58.98 -9.24
CA PRO E 109 16.51 -58.54 -10.48
C PRO E 109 15.12 -57.99 -10.20
N ASP E 110 14.62 -57.19 -11.13
CA ASP E 110 13.32 -56.57 -10.98
C ASP E 110 12.24 -57.62 -10.76
N GLY E 111 11.31 -57.32 -9.85
CA GLY E 111 10.28 -58.26 -9.48
C GLY E 111 10.68 -59.32 -8.48
N TYR E 112 11.94 -59.34 -8.05
CA TYR E 112 12.44 -60.31 -7.10
C TYR E 112 12.85 -59.61 -5.81
N SER E 113 12.52 -60.22 -4.67
CA SER E 113 12.84 -59.68 -3.37
C SER E 113 14.04 -60.39 -2.76
N ASP E 114 14.66 -59.72 -1.79
CA ASP E 114 15.83 -60.27 -1.11
C ASP E 114 15.40 -61.33 -0.09
N CYS E 115 16.06 -62.49 -0.15
CA CYS E 115 15.72 -63.58 0.75
C CYS E 115 16.10 -63.30 2.20
N TYR E 116 16.79 -62.19 2.47
CA TYR E 116 17.10 -61.81 3.83
C TYR E 116 16.02 -60.94 4.47
N GLY E 117 15.15 -60.33 3.67
CA GLY E 117 14.15 -59.43 4.17
C GLY E 117 12.74 -59.96 4.23
N CYS E 118 12.53 -61.27 4.11
CA CYS E 118 11.19 -61.84 4.12
C CYS E 118 10.76 -62.34 5.49
N GLY E 119 11.68 -62.39 6.46
CA GLY E 119 11.35 -62.70 7.84
C GLY E 119 10.60 -64.01 8.05
N ALA E 120 9.31 -63.90 8.32
CA ALA E 120 8.47 -65.06 8.58
C ALA E 120 7.90 -65.69 7.33
N TYR E 121 8.07 -65.05 6.17
CA TYR E 121 7.44 -65.50 4.93
C TYR E 121 8.45 -66.08 3.93
N CYS E 122 9.72 -66.18 4.30
CA CYS E 122 10.74 -66.67 3.37
C CYS E 122 10.40 -68.07 2.89
N PRO E 123 10.27 -68.30 1.58
CA PRO E 123 10.05 -69.65 1.08
C PRO E 123 11.30 -70.50 1.24
N TYR E 124 11.09 -71.83 1.27
CA TYR E 124 12.17 -72.75 1.59
C TYR E 124 13.28 -72.72 0.55
N GLY E 125 12.97 -72.33 -0.69
CA GLY E 125 13.99 -72.22 -1.71
C GLY E 125 15.03 -71.15 -1.46
N CYS E 126 14.74 -70.21 -0.55
CA CYS E 126 15.70 -69.17 -0.21
C CYS E 126 17.00 -69.73 0.35
N SER E 127 16.96 -70.96 0.88
CA SER E 127 18.18 -71.57 1.40
C SER E 127 19.17 -71.95 0.31
N GLY E 128 18.79 -71.83 -0.96
CA GLY E 128 19.68 -72.17 -2.05
C GLY E 128 19.82 -71.07 -3.08
N ASP E 129 19.16 -69.94 -2.85
CA ASP E 129 19.24 -68.81 -3.77
C ASP E 129 19.22 -67.51 -2.97
N ASP E 130 19.50 -66.41 -3.66
CA ASP E 130 19.55 -65.10 -3.01
C ASP E 130 18.23 -64.36 -3.09
N CYS E 131 17.46 -64.53 -4.15
CA CYS E 131 16.25 -63.76 -4.37
C CYS E 131 15.11 -64.71 -4.76
N TYR E 132 13.89 -64.18 -4.69
CA TYR E 132 12.71 -64.97 -4.99
C TYR E 132 11.60 -64.04 -5.49
N SER E 133 10.61 -64.64 -6.13
CA SER E 133 9.43 -63.92 -6.59
C SER E 133 8.26 -64.89 -6.60
N TYR E 134 7.06 -64.36 -6.43
CA TYR E 134 5.85 -65.18 -6.39
C TYR E 134 4.81 -64.63 -7.35
N SER E 135 4.12 -65.55 -8.02
CA SER E 135 2.94 -65.23 -8.82
C SER E 135 1.87 -66.27 -8.54
N SER E 136 0.62 -65.90 -8.81
CA SER E 136 -0.48 -66.83 -8.55
C SER E 136 -0.33 -68.11 -9.35
N TYR E 137 0.14 -68.01 -10.59
CA TYR E 137 0.47 -69.17 -11.40
C TYR E 137 1.99 -69.34 -11.42
N GLY E 138 2.43 -70.58 -11.22
CA GLY E 138 3.84 -70.88 -11.12
C GLY E 138 4.42 -70.77 -9.73
N GLY E 139 3.81 -69.96 -8.86
CA GLY E 139 4.26 -69.89 -7.48
C GLY E 139 5.60 -69.17 -7.37
N TYR E 140 6.48 -69.74 -6.55
CA TYR E 140 7.76 -69.11 -6.23
C TYR E 140 8.81 -69.48 -7.27
N THR E 141 9.46 -68.46 -7.83
CA THR E 141 10.65 -68.63 -8.64
C THR E 141 11.82 -67.98 -7.92
N TYR E 142 13.03 -68.37 -8.31
CA TYR E 142 14.23 -67.92 -7.62
C TYR E 142 15.27 -67.45 -8.62
N SER E 143 16.20 -66.64 -8.12
CA SER E 143 17.30 -66.15 -8.92
C SER E 143 18.47 -65.84 -7.99
N SER E 144 19.66 -65.77 -8.56
CA SER E 144 20.81 -65.32 -7.81
C SER E 144 20.93 -63.80 -7.92
N TYR E 145 21.90 -63.23 -7.21
CA TYR E 145 22.12 -61.80 -7.27
C TYR E 145 22.67 -61.39 -8.63
N SER E 146 22.13 -60.29 -9.17
CA SER E 146 22.69 -59.67 -10.36
C SER E 146 23.64 -58.56 -9.90
N SER E 147 24.94 -58.76 -10.14
CA SER E 147 25.92 -57.78 -9.71
C SER E 147 25.86 -56.55 -10.62
N THR E 148 25.94 -55.37 -9.99
CA THR E 148 25.87 -54.11 -10.73
C THR E 148 26.79 -53.09 -10.05
N TYR E 149 27.06 -52.02 -10.77
CA TYR E 149 28.04 -51.01 -10.36
C TYR E 149 27.34 -49.82 -9.72
N ILE E 150 27.83 -49.40 -8.55
CA ILE E 150 27.47 -48.12 -7.96
C ILE E 150 28.62 -47.16 -8.21
N TYR E 151 28.33 -46.02 -8.83
CA TYR E 151 29.31 -44.96 -9.04
C TYR E 151 29.10 -43.92 -7.94
N GLU E 152 30.01 -43.89 -6.97
CA GLU E 152 29.93 -42.95 -5.87
C GLU E 152 30.64 -41.65 -6.23
N PHE E 153 30.08 -40.53 -5.80
CA PHE E 153 30.67 -39.22 -6.05
C PHE E 153 30.21 -38.25 -4.98
N PHE E 154 31.14 -37.41 -4.53
CA PHE E 154 30.79 -36.20 -3.80
C PHE E 154 32.03 -35.34 -3.67
N VAL E 155 31.83 -34.02 -3.70
CA VAL E 155 32.90 -33.07 -3.40
C VAL E 155 33.11 -33.03 -1.90
N ASP E 156 34.37 -33.15 -1.49
CA ASP E 156 34.71 -33.17 -0.06
C ASP E 156 35.07 -31.80 0.49
N ALA E 157 36.03 -31.11 -0.14
CA ALA E 157 36.45 -29.79 0.30
C ALA E 157 36.43 -28.83 -0.87
N TRP E 158 36.14 -27.56 -0.57
CA TRP E 158 35.97 -26.53 -1.59
C TRP E 158 36.98 -25.41 -1.40
N GLY E 159 37.58 -24.97 -2.49
CA GLY E 159 38.35 -23.75 -2.47
C GLY E 159 37.44 -22.53 -2.37
N GLN E 160 38.07 -21.37 -2.17
CA GLN E 160 37.31 -20.13 -2.10
C GLN E 160 36.77 -19.71 -3.46
N GLY E 161 37.27 -20.28 -4.54
CA GLY E 161 36.78 -19.91 -5.86
C GLY E 161 37.49 -18.69 -6.41
N LEU E 162 37.57 -18.66 -7.75
CA LEU E 162 38.20 -17.56 -8.48
C LEU E 162 37.25 -17.14 -9.59
N LEU E 163 36.92 -15.85 -9.62
CA LEU E 163 35.99 -15.31 -10.61
C LEU E 163 36.72 -15.02 -11.91
N VAL E 164 36.15 -15.47 -13.03
CA VAL E 164 36.74 -15.26 -14.35
C VAL E 164 35.71 -14.62 -15.26
N THR E 165 36.09 -13.51 -15.88
CA THR E 165 35.24 -12.79 -16.83
C THR E 165 35.79 -12.97 -18.24
N VAL E 166 34.91 -13.38 -19.15
CA VAL E 166 35.23 -13.41 -20.58
C VAL E 166 34.80 -12.08 -21.17
N SER E 167 35.76 -11.26 -21.59
CA SER E 167 35.45 -9.93 -22.10
C SER E 167 36.60 -9.43 -22.95
N SER E 168 36.27 -8.58 -23.92
CA SER E 168 37.27 -7.92 -24.75
C SER E 168 37.73 -6.58 -24.19
N ALA E 169 37.19 -6.15 -23.06
CA ALA E 169 37.55 -4.87 -22.46
C ALA E 169 38.78 -5.02 -21.57
N SER E 170 39.60 -3.97 -21.51
CA SER E 170 40.83 -3.98 -20.74
C SER E 170 40.56 -3.59 -19.29
N THR E 171 41.62 -3.56 -18.49
CA THR E 171 41.52 -3.35 -17.05
C THR E 171 41.77 -1.89 -16.67
N THR E 172 41.22 -1.52 -15.53
CA THR E 172 41.55 -0.26 -14.87
C THR E 172 41.73 -0.54 -13.39
N ALA E 173 42.92 -0.25 -12.87
CA ALA E 173 43.19 -0.44 -11.45
C ALA E 173 42.49 0.65 -10.64
N PRO E 174 42.09 0.34 -9.41
CA PRO E 174 41.37 1.33 -8.61
C PRO E 174 42.32 2.31 -7.94
N LYS E 175 41.74 3.41 -7.46
CA LYS E 175 42.41 4.33 -6.55
C LYS E 175 41.77 4.17 -5.18
N VAL E 176 42.60 4.07 -4.15
CA VAL E 176 42.12 3.82 -2.79
C VAL E 176 42.17 5.11 -2.00
N TYR E 177 41.02 5.51 -1.45
CA TYR E 177 40.94 6.75 -0.69
C TYR E 177 40.55 6.46 0.76
N PRO E 178 41.12 7.21 1.71
CA PRO E 178 40.74 7.01 3.12
C PRO E 178 39.34 7.53 3.40
N LEU E 179 38.63 6.83 4.27
CA LEU E 179 37.30 7.24 4.73
C LEU E 179 37.36 7.49 6.23
N SER E 180 36.99 8.70 6.64
CA SER E 180 36.93 9.04 8.06
C SER E 180 35.79 10.04 8.27
N SER E 181 35.22 10.00 9.46
CA SER E 181 34.05 10.82 9.77
C SER E 181 34.36 12.31 9.59
N CYS E 182 33.33 13.06 9.21
CA CYS E 182 33.42 14.51 9.25
C CYS E 182 33.69 14.96 10.68
N CYS E 183 34.19 16.17 10.81
CA CYS E 183 34.49 16.69 12.13
C CYS E 183 33.28 17.41 12.70
N GLY E 184 33.09 17.29 14.00
CA GLY E 184 31.89 17.81 14.60
C GLY E 184 30.88 16.71 14.89
N ASP E 185 31.37 15.51 15.15
CA ASP E 185 30.55 14.40 15.62
C ASP E 185 31.10 13.90 16.94
N LYS E 186 30.39 12.94 17.54
CA LYS E 186 30.74 12.45 18.86
C LYS E 186 30.85 10.93 18.86
N SER E 187 31.66 10.42 19.79
CA SER E 187 31.94 8.99 19.91
C SER E 187 30.66 8.15 20.00
N THR E 190 33.18 5.60 19.74
CA THR E 190 34.00 4.74 18.89
C THR E 190 34.24 5.39 17.52
N VAL E 191 35.43 5.21 16.98
CA VAL E 191 35.83 5.83 15.72
C VAL E 191 35.48 4.90 14.57
N THR E 192 35.04 5.47 13.45
CA THR E 192 34.70 4.71 12.26
C THR E 192 35.56 5.19 11.10
N LEU E 193 36.22 4.23 10.43
CA LEU E 193 37.19 4.48 9.37
C LEU E 193 36.85 3.61 8.17
N GLY E 194 37.60 3.77 7.09
CA GLY E 194 37.38 2.91 5.94
C GLY E 194 38.23 3.30 4.75
N CYS E 195 38.08 2.49 3.70
CA CYS E 195 38.78 2.67 2.44
C CYS E 195 37.78 2.63 1.30
N LEU E 196 37.85 3.61 0.40
CA LEU E 196 37.04 3.64 -0.80
C LEU E 196 37.88 3.10 -1.95
N VAL E 197 37.45 1.98 -2.53
CA VAL E 197 38.10 1.36 -3.67
C VAL E 197 37.36 1.83 -4.92
N SER E 198 37.93 2.81 -5.61
CA SER E 198 37.19 3.64 -6.56
C SER E 198 37.61 3.38 -8.00
N SER E 199 36.63 3.16 -8.87
CA SER E 199 36.77 3.21 -10.34
C SER E 199 37.74 2.14 -10.86
N TYR E 200 37.27 0.91 -10.85
CA TYR E 200 38.02 -0.21 -11.38
C TYR E 200 37.14 -1.07 -12.28
N MET E 201 37.81 -1.89 -13.10
CA MET E 201 37.14 -2.88 -13.93
C MET E 201 38.18 -3.86 -14.43
N PRO E 202 37.87 -5.15 -14.52
CA PRO E 202 36.59 -5.73 -14.08
C PRO E 202 36.65 -6.17 -12.62
N GLU E 203 35.53 -6.70 -12.12
CA GLU E 203 35.53 -7.35 -10.83
C GLU E 203 36.46 -8.58 -10.88
N PRO E 204 36.93 -9.07 -9.72
CA PRO E 204 36.69 -8.63 -8.34
C PRO E 204 37.85 -7.86 -7.71
N VAL E 205 37.63 -7.37 -6.49
CA VAL E 205 38.70 -6.91 -5.62
C VAL E 205 38.45 -7.49 -4.24
N THR E 206 39.54 -7.71 -3.50
CA THR E 206 39.47 -8.16 -2.13
C THR E 206 40.09 -7.11 -1.22
N VAL E 207 39.57 -7.00 -0.01
CA VAL E 207 40.02 -6.03 0.97
C VAL E 207 40.27 -6.75 2.29
N THR E 208 41.43 -6.50 2.89
CA THR E 208 41.71 -6.92 4.26
C THR E 208 42.26 -5.71 5.02
N TRP E 209 42.32 -5.85 6.34
CA TRP E 209 42.82 -4.81 7.22
C TRP E 209 43.97 -5.36 8.05
N ASN E 210 45.08 -4.62 8.06
CA ASN E 210 46.28 -5.02 8.80
C ASN E 210 46.72 -6.42 8.41
N SER E 211 46.65 -6.72 7.10
CA SER E 211 47.09 -8.00 6.54
C SER E 211 46.36 -9.16 7.20
N GLY E 212 45.07 -8.99 7.45
CA GLY E 212 44.25 -10.02 8.03
C GLY E 212 44.21 -10.04 9.55
N ALA E 213 45.22 -9.50 10.21
CA ALA E 213 45.26 -9.49 11.68
C ALA E 213 44.16 -8.64 12.30
N LEU E 214 43.18 -8.16 11.54
CA LEU E 214 42.07 -7.37 12.06
C LEU E 214 40.82 -7.76 11.28
N LYS E 215 39.98 -8.60 11.89
CA LYS E 215 38.78 -9.11 11.24
C LYS E 215 37.47 -8.71 11.92
N SER E 216 37.52 -8.23 13.16
CA SER E 216 36.32 -7.92 13.92
C SER E 216 35.97 -6.45 13.81
N GLY E 217 34.69 -6.17 13.62
CA GLY E 217 34.23 -4.82 13.34
C GLY E 217 34.41 -4.38 11.91
N VAL E 218 34.77 -5.31 11.02
CA VAL E 218 35.12 -4.99 9.63
C VAL E 218 33.96 -5.43 8.73
N HIS E 219 33.45 -4.49 7.95
CA HIS E 219 32.34 -4.73 7.03
C HIS E 219 32.75 -4.25 5.65
N THR E 220 32.88 -5.18 4.70
CA THR E 220 33.21 -4.87 3.31
C THR E 220 31.95 -5.08 2.47
N PHE E 221 31.55 -4.02 1.71
CA PHE E 221 30.30 -3.94 0.97
C PHE E 221 30.49 -4.35 -0.48
N PRO E 222 29.47 -4.99 -1.07
CA PRO E 222 29.54 -5.33 -2.49
C PRO E 222 29.61 -4.09 -3.36
N ALA E 223 30.21 -4.26 -4.54
CA ALA E 223 30.53 -3.12 -5.40
C ALA E 223 29.28 -2.55 -6.05
N VAL E 224 29.36 -1.26 -6.37
CA VAL E 224 28.37 -0.57 -7.19
C VAL E 224 28.93 -0.49 -8.61
N LEU E 225 28.05 -0.61 -9.60
CA LEU E 225 28.43 -0.43 -10.99
C LEU E 225 28.04 0.98 -11.41
N GLN E 226 29.03 1.79 -11.74
CA GLN E 226 28.81 3.15 -12.17
C GLN E 226 28.81 3.22 -13.69
N SER E 227 28.71 4.44 -14.22
CA SER E 227 28.78 4.62 -15.66
C SER E 227 30.19 4.28 -16.15
N SER E 228 30.31 4.12 -17.47
CA SER E 228 31.55 3.73 -18.13
C SER E 228 32.04 2.35 -17.67
N GLY E 229 31.15 1.55 -17.08
CA GLY E 229 31.49 0.19 -16.70
C GLY E 229 32.50 0.06 -15.59
N LEU E 230 32.71 1.11 -14.81
CA LEU E 230 33.69 1.09 -13.74
C LEU E 230 33.01 0.82 -12.40
N TYR E 231 33.63 -0.02 -11.59
CA TYR E 231 33.11 -0.40 -10.29
C TYR E 231 33.76 0.42 -9.18
N SER E 232 33.03 0.56 -8.07
CA SER E 232 33.56 1.11 -6.84
C SER E 232 32.96 0.35 -5.67
N LEU E 233 33.75 0.17 -4.61
CA LEU E 233 33.22 -0.40 -3.38
C LEU E 233 33.96 0.20 -2.20
N SER E 234 33.43 -0.07 -1.01
CA SER E 234 33.97 0.48 0.22
C SER E 234 34.04 -0.61 1.29
N SER E 235 34.99 -0.44 2.21
CA SER E 235 35.14 -1.31 3.37
C SER E 235 35.34 -0.42 4.58
N MET E 236 34.55 -0.66 5.63
CA MET E 236 34.60 0.15 6.84
C MET E 236 34.91 -0.71 8.04
N VAL E 237 35.50 -0.10 9.07
CA VAL E 237 35.84 -0.78 10.30
C VAL E 237 35.53 0.15 11.47
N THR E 238 34.88 -0.38 12.50
CA THR E 238 34.53 0.37 13.71
C THR E 238 35.29 -0.24 14.88
N VAL E 239 36.22 0.53 15.45
CA VAL E 239 37.07 0.04 16.52
C VAL E 239 36.92 0.94 17.75
N PRO E 240 36.80 0.36 18.94
CA PRO E 240 36.67 1.20 20.16
C PRO E 240 38.01 1.76 20.59
N GLY E 241 38.00 3.04 20.97
CA GLY E 241 39.20 3.73 21.40
C GLY E 241 39.14 5.22 21.18
N GLN E 246 47.09 0.84 16.62
CA GLN E 246 46.83 2.27 16.62
C GLN E 246 46.85 2.83 15.20
N THR E 247 47.35 2.02 14.27
CA THR E 247 47.34 2.36 12.85
C THR E 247 46.45 1.37 12.12
N PHE E 248 45.85 1.84 11.02
CA PHE E 248 44.88 1.05 10.26
C PHE E 248 45.25 1.08 8.79
N THR E 249 45.64 -0.07 8.26
CA THR E 249 46.00 -0.23 6.86
C THR E 249 44.97 -1.15 6.19
N CYS E 250 44.44 -0.71 5.06
CA CYS E 250 43.60 -1.56 4.24
C CYS E 250 44.43 -2.09 3.07
N ASN E 251 44.30 -3.38 2.81
CA ASN E 251 45.07 -4.05 1.77
C ASN E 251 44.11 -4.41 0.64
N VAL E 252 44.27 -3.72 -0.49
CA VAL E 252 43.35 -3.84 -1.63
C VAL E 252 44.06 -4.60 -2.73
N ALA E 253 43.47 -5.70 -3.17
CA ALA E 253 43.98 -6.49 -4.28
C ALA E 253 43.01 -6.43 -5.43
N HIS E 254 43.53 -6.14 -6.62
CA HIS E 254 42.75 -6.13 -7.87
C HIS E 254 43.45 -7.06 -8.84
N PRO E 255 43.09 -8.35 -8.85
CA PRO E 255 43.89 -9.33 -9.62
C PRO E 255 43.94 -9.06 -11.12
N ALA E 256 42.84 -8.61 -11.72
CA ALA E 256 42.81 -8.42 -13.17
C ALA E 256 43.91 -7.47 -13.65
N SER E 257 44.27 -6.47 -12.85
CA SER E 257 45.35 -5.56 -13.21
C SER E 257 46.64 -5.88 -12.48
N SER E 258 46.68 -6.96 -11.70
CA SER E 258 47.88 -7.39 -10.98
C SER E 258 48.38 -6.26 -10.07
N THR E 259 47.46 -5.66 -9.33
CA THR E 259 47.76 -4.54 -8.46
C THR E 259 47.38 -4.89 -7.03
N LYS E 260 48.27 -4.59 -6.08
CA LYS E 260 48.00 -4.61 -4.66
C LYS E 260 48.31 -3.25 -4.08
N VAL E 261 47.40 -2.75 -3.24
CA VAL E 261 47.53 -1.41 -2.66
C VAL E 261 47.37 -1.50 -1.15
N ASP E 262 48.35 -0.94 -0.42
CA ASP E 262 48.27 -0.77 1.02
C ASP E 262 48.10 0.71 1.32
N LYS E 263 47.04 1.05 2.06
CA LYS E 263 46.67 2.44 2.33
C LYS E 263 46.45 2.62 3.82
N ALA E 264 47.22 3.53 4.42
CA ALA E 264 47.05 3.85 5.84
C ALA E 264 45.94 4.87 6.01
N VAL E 265 45.10 4.64 7.02
CA VAL E 265 43.90 5.45 7.25
C VAL E 265 43.99 6.06 8.65
N GLU E 266 43.77 7.38 8.72
CA GLU E 266 43.85 8.12 9.97
C GLU E 266 42.59 8.96 10.17
N PRO E 267 42.12 9.10 11.40
CA PRO E 267 41.05 10.07 11.67
C PRO E 267 41.53 11.50 11.41
N LYS E 268 40.58 12.36 11.07
CA LYS E 268 40.91 13.75 10.78
C LYS E 268 41.38 14.47 12.05
N SER E 269 42.38 15.34 11.89
CA SER E 269 42.87 16.13 13.02
C SER E 269 41.90 17.27 13.33
N CYS E 270 41.66 18.14 12.34
CA CYS E 270 40.64 19.19 12.40
C CYS E 270 40.97 20.26 13.43
N ASP E 271 42.24 20.68 13.45
CA ASP E 271 42.65 21.82 14.25
C ASP E 271 43.40 22.80 13.35
N VAL F 3 19.86 -33.32 -16.12
CA VAL F 3 19.94 -32.50 -14.91
C VAL F 3 18.91 -32.98 -13.90
N LEU F 4 19.28 -32.96 -12.62
CA LEU F 4 18.36 -33.34 -11.55
C LEU F 4 17.37 -32.21 -11.30
N ASN F 5 16.09 -32.56 -11.18
CA ASN F 5 15.02 -31.58 -11.06
C ASN F 5 14.75 -31.27 -9.59
N GLN F 6 14.99 -30.02 -9.20
CA GLN F 6 14.69 -29.48 -7.89
C GLN F 6 13.65 -28.37 -8.01
N PRO F 7 12.89 -28.10 -6.95
CA PRO F 7 12.10 -26.86 -6.93
C PRO F 7 13.02 -25.67 -6.75
N SER F 8 12.76 -24.60 -7.52
CA SER F 8 13.66 -23.46 -7.47
C SER F 8 13.53 -22.68 -6.16
N SER F 9 12.37 -22.74 -5.51
CA SER F 9 12.17 -22.01 -4.26
C SER F 9 11.41 -22.85 -3.26
N VAL F 10 11.81 -22.75 -2.00
CA VAL F 10 11.12 -23.37 -0.87
C VAL F 10 11.12 -22.38 0.28
N SER F 11 10.03 -22.35 1.05
CA SER F 11 9.89 -21.43 2.16
C SER F 11 9.50 -22.20 3.42
N GLY F 12 9.84 -21.61 4.57
CA GLY F 12 9.52 -22.23 5.85
C GLY F 12 9.57 -21.20 6.95
N SER F 13 9.05 -21.58 8.11
CA SER F 13 9.04 -20.73 9.28
C SER F 13 10.12 -21.16 10.26
N LEU F 14 10.48 -20.23 11.16
CA LEU F 14 11.48 -20.53 12.18
C LEU F 14 11.01 -21.71 13.03
N GLY F 15 11.89 -22.70 13.20
CA GLY F 15 11.61 -23.85 14.02
C GLY F 15 10.78 -24.94 13.37
N GLN F 16 10.46 -24.81 12.09
CA GLN F 16 9.63 -25.78 11.41
C GLN F 16 10.52 -26.88 10.79
N ARG F 17 10.00 -27.60 9.81
CA ARG F 17 10.78 -28.57 9.06
C ARG F 17 10.46 -28.40 7.58
N VAL F 18 11.50 -28.32 6.75
CA VAL F 18 11.35 -28.15 5.31
C VAL F 18 12.07 -29.29 4.60
N SER F 19 11.54 -29.69 3.46
CA SER F 19 12.09 -30.79 2.66
C SER F 19 12.32 -30.32 1.23
N ILE F 20 13.52 -30.59 0.71
CA ILE F 20 13.90 -30.21 -0.65
C ILE F 20 14.08 -31.49 -1.47
N THR F 21 13.48 -31.50 -2.66
CA THR F 21 13.39 -32.71 -3.49
C THR F 21 14.38 -32.65 -4.64
N CYS F 22 14.97 -33.80 -4.95
CA CYS F 22 15.90 -33.96 -6.07
C CYS F 22 15.45 -35.17 -6.87
N SER F 23 14.93 -34.94 -8.07
CA SER F 23 14.30 -35.99 -8.87
C SER F 23 15.04 -36.16 -10.19
N GLY F 24 15.35 -37.41 -10.53
CA GLY F 24 16.05 -37.71 -11.77
C GLY F 24 15.59 -39.00 -12.42
N SER F 25 16.55 -39.85 -12.81
CA SER F 25 16.27 -41.08 -13.52
C SER F 25 16.94 -42.26 -12.81
N SER F 26 16.79 -43.44 -13.40
CA SER F 26 17.45 -44.63 -12.89
C SER F 26 18.97 -44.51 -12.96
N SER F 27 19.49 -43.66 -13.84
CA SER F 27 20.92 -43.61 -14.14
C SER F 27 21.71 -42.69 -13.20
N ASN F 28 21.04 -41.86 -12.40
CA ASN F 28 21.78 -40.97 -11.50
C ASN F 28 21.27 -41.11 -10.07
N VAL F 29 20.09 -40.56 -9.78
CA VAL F 29 19.51 -40.74 -8.45
C VAL F 29 19.27 -42.21 -8.16
N GLY F 30 18.81 -42.95 -9.16
CA GLY F 30 18.60 -44.38 -8.99
C GLY F 30 19.87 -45.15 -8.73
N ASN F 31 21.03 -44.57 -9.04
CA ASN F 31 22.29 -45.24 -8.76
C ASN F 31 22.49 -45.44 -7.26
N GLY F 32 21.87 -44.61 -6.44
CA GLY F 32 21.89 -44.82 -5.01
C GLY F 32 23.01 -44.15 -4.24
N TYR F 33 23.60 -43.07 -4.78
CA TYR F 33 24.68 -42.35 -4.09
C TYR F 33 24.51 -40.86 -4.41
N VAL F 34 23.64 -40.20 -3.65
CA VAL F 34 23.29 -38.80 -3.85
C VAL F 34 24.00 -37.95 -2.81
N SER F 35 24.38 -36.73 -3.20
CA SER F 35 25.04 -35.79 -2.31
C SER F 35 24.30 -34.46 -2.31
N TRP F 36 24.44 -33.71 -1.23
CA TRP F 36 23.77 -32.43 -1.07
C TRP F 36 24.78 -31.38 -0.65
N TYR F 37 24.58 -30.15 -1.13
CA TYR F 37 25.51 -29.06 -0.87
C TYR F 37 24.73 -27.78 -0.57
N GLN F 38 25.30 -26.97 0.32
CA GLN F 38 24.71 -25.72 0.76
C GLN F 38 25.61 -24.56 0.37
N LEU F 39 25.03 -23.54 -0.24
CA LEU F 39 25.78 -22.39 -0.75
C LEU F 39 25.19 -21.11 -0.16
N ILE F 40 25.86 -20.53 0.81
CA ILE F 40 25.51 -19.23 1.35
C ILE F 40 26.27 -18.17 0.56
N PRO F 41 25.60 -17.18 -0.03
CA PRO F 41 26.30 -16.21 -0.88
C PRO F 41 27.47 -15.55 -0.16
N GLY F 42 28.57 -15.37 -0.89
CA GLY F 42 29.78 -14.85 -0.29
C GLY F 42 30.49 -15.82 0.61
N SER F 43 30.43 -17.11 0.30
CA SER F 43 31.04 -18.14 1.13
C SER F 43 31.26 -19.39 0.29
N ALA F 44 32.29 -20.14 0.62
CA ALA F 44 32.59 -21.35 -0.13
C ALA F 44 31.47 -22.37 0.04
N PRO F 45 31.12 -23.10 -1.03
CA PRO F 45 30.09 -24.14 -0.90
C PRO F 45 30.45 -25.14 0.18
N ARG F 46 29.40 -25.72 0.78
CA ARG F 46 29.55 -26.59 1.93
C ARG F 46 28.84 -27.92 1.66
N THR F 47 29.60 -29.02 1.72
CA THR F 47 29.02 -30.34 1.58
C THR F 47 28.33 -30.74 2.88
N LEU F 48 27.06 -31.15 2.77
CA LEU F 48 26.29 -31.60 3.92
C LEU F 48 26.03 -33.10 3.92
N ILE F 49 25.64 -33.66 2.79
CA ILE F 49 25.22 -35.05 2.69
C ILE F 49 25.99 -35.72 1.58
N TYR F 50 26.46 -36.95 1.83
CA TYR F 50 26.99 -37.82 0.79
C TYR F 50 26.46 -39.22 1.01
N GLY F 51 26.38 -39.99 -0.07
CA GLY F 51 25.85 -41.34 0.00
C GLY F 51 24.45 -41.40 0.56
N ASP F 52 23.55 -40.59 0.00
CA ASP F 52 22.14 -40.56 0.37
C ASP F 52 21.89 -40.05 1.79
N THR F 53 22.58 -40.61 2.77
CA THR F 53 22.23 -40.41 4.18
C THR F 53 23.36 -39.92 5.07
N SER F 54 24.62 -40.01 4.66
CA SER F 54 25.72 -39.70 5.56
C SER F 54 25.92 -38.20 5.71
N ARG F 55 26.23 -37.77 6.94
CA ARG F 55 26.49 -36.38 7.25
C ARG F 55 27.97 -36.09 7.08
N ALA F 56 28.28 -34.91 6.53
CA ALA F 56 29.66 -34.46 6.52
C ALA F 56 30.07 -33.95 7.89
N SER F 57 31.38 -33.85 8.11
CA SER F 57 31.89 -33.38 9.39
C SER F 57 31.39 -31.98 9.69
N GLY F 58 30.81 -31.81 10.88
CA GLY F 58 30.28 -30.53 11.30
C GLY F 58 28.85 -30.26 10.86
N VAL F 59 28.16 -31.23 10.31
CA VAL F 59 26.79 -31.06 9.81
C VAL F 59 25.84 -31.48 10.93
N PRO F 60 25.01 -30.57 11.46
CA PRO F 60 24.22 -30.90 12.64
C PRO F 60 23.17 -31.96 12.38
N ASP F 61 22.63 -32.48 13.49
CA ASP F 61 21.65 -33.58 13.45
C ASP F 61 20.44 -33.25 12.59
N ARG F 62 20.02 -31.97 12.59
CA ARG F 62 18.75 -31.61 11.99
C ARG F 62 18.76 -31.68 10.47
N PHE F 63 19.93 -31.57 9.83
CA PHE F 63 20.03 -31.89 8.41
C PHE F 63 20.05 -33.40 8.25
N SER F 64 19.20 -33.91 7.37
CA SER F 64 19.15 -35.35 7.13
C SER F 64 18.75 -35.61 5.68
N GLY F 65 19.42 -36.57 5.07
CA GLY F 65 19.17 -36.93 3.69
C GLY F 65 18.56 -38.32 3.59
N SER F 66 17.61 -38.47 2.67
CA SER F 66 16.97 -39.75 2.41
C SER F 66 16.67 -39.85 0.92
N ARG F 67 16.20 -41.03 0.50
CA ARG F 67 15.96 -41.28 -0.91
C ARG F 67 15.00 -42.45 -1.05
N SER F 68 14.12 -42.37 -2.05
CA SER F 68 13.23 -43.48 -2.40
C SER F 68 13.10 -43.51 -3.91
N GLY F 69 13.77 -44.48 -4.54
CA GLY F 69 13.66 -44.61 -5.99
C GLY F 69 14.47 -43.53 -6.71
N ASN F 70 13.81 -42.85 -7.65
CA ASN F 70 14.45 -41.82 -8.46
C ASN F 70 14.27 -40.43 -7.87
N THR F 71 14.02 -40.32 -6.57
CA THR F 71 13.91 -39.03 -5.90
C THR F 71 14.61 -39.11 -4.56
N ALA F 72 15.60 -38.24 -4.35
CA ALA F 72 16.19 -38.03 -3.04
C ALA F 72 15.56 -36.80 -2.41
N THR F 73 15.66 -36.72 -1.08
CA THR F 73 15.10 -35.60 -0.35
C THR F 73 16.06 -35.15 0.73
N LEU F 74 16.21 -33.84 0.88
CA LEU F 74 16.96 -33.23 1.96
C LEU F 74 15.97 -32.51 2.86
N THR F 75 15.88 -32.96 4.11
CA THR F 75 14.94 -32.40 5.07
C THR F 75 15.72 -31.68 6.17
N ILE F 76 15.40 -30.41 6.37
CA ILE F 76 15.99 -29.60 7.43
C ILE F 76 14.91 -29.33 8.47
N SER F 77 15.21 -29.66 9.72
CA SER F 77 14.25 -29.49 10.82
C SER F 77 14.71 -28.38 11.75
N SER F 78 13.74 -27.67 12.33
CA SER F 78 13.98 -26.54 13.21
C SER F 78 14.80 -25.47 12.49
N LEU F 79 14.19 -24.90 11.45
CA LEU F 79 14.88 -23.96 10.57
C LEU F 79 15.41 -22.76 11.36
N GLN F 80 16.59 -22.31 10.98
CA GLN F 80 17.28 -21.20 11.62
C GLN F 80 17.48 -20.06 10.63
N ALA F 81 18.01 -18.95 11.14
CA ALA F 81 18.35 -17.84 10.26
C ALA F 81 19.51 -18.21 9.34
N GLU F 82 20.52 -18.89 9.87
CA GLU F 82 21.69 -19.27 9.09
C GLU F 82 21.36 -20.29 8.00
N ASP F 83 20.24 -21.01 8.12
CA ASP F 83 19.90 -22.03 7.14
C ASP F 83 19.57 -21.44 5.78
N GLU F 84 19.32 -20.13 5.70
CA GLU F 84 19.03 -19.51 4.42
C GLU F 84 20.23 -19.62 3.51
N ALA F 85 20.04 -20.25 2.35
CA ALA F 85 21.10 -20.48 1.38
C ALA F 85 20.47 -21.05 0.12
N ASP F 86 21.31 -21.42 -0.84
CA ASP F 86 20.90 -22.24 -1.97
C ASP F 86 21.36 -23.67 -1.73
N TYR F 87 20.53 -24.62 -2.13
CA TYR F 87 20.79 -26.04 -1.87
C TYR F 87 20.83 -26.79 -3.20
N PHE F 88 21.90 -27.55 -3.40
CA PHE F 88 22.09 -28.33 -4.61
C PHE F 88 22.30 -29.80 -4.26
N CYS F 89 21.71 -30.67 -5.07
CA CYS F 89 21.96 -32.10 -5.01
C CYS F 89 22.90 -32.50 -6.14
N ALA F 90 23.44 -33.72 -6.02
CA ALA F 90 24.35 -34.22 -7.03
C ALA F 90 24.43 -35.74 -6.92
N SER F 91 24.87 -36.36 -8.02
CA SER F 91 25.14 -37.79 -8.07
C SER F 91 25.90 -38.08 -9.36
N ALA F 92 26.59 -39.20 -9.38
CA ALA F 92 27.27 -39.63 -10.59
C ALA F 92 26.26 -40.16 -11.61
N GLU F 93 26.73 -40.36 -12.83
CA GLU F 93 25.93 -40.97 -13.88
C GLU F 93 26.86 -41.66 -14.87
N ASP F 94 26.74 -42.98 -14.96
CA ASP F 94 27.50 -43.83 -15.88
C ASP F 94 28.97 -43.93 -15.50
N SER F 95 29.47 -42.99 -14.69
CA SER F 95 30.87 -42.98 -14.34
C SER F 95 31.07 -42.12 -13.09
N SER F 96 32.06 -42.49 -12.28
CA SER F 96 32.37 -41.73 -11.07
C SER F 96 33.03 -40.39 -11.35
N SER F 97 33.32 -40.08 -12.62
CA SER F 97 33.92 -38.80 -13.00
C SER F 97 32.97 -37.95 -13.84
N ASN F 98 31.73 -38.38 -14.02
CA ASN F 98 30.71 -37.61 -14.71
C ASN F 98 29.63 -37.26 -13.68
N ALA F 99 29.73 -36.07 -13.11
CA ALA F 99 28.84 -35.65 -12.05
C ALA F 99 27.77 -34.72 -12.61
N VAL F 100 26.55 -34.85 -12.08
CA VAL F 100 25.43 -34.00 -12.46
C VAL F 100 24.92 -33.31 -11.21
N PHE F 101 24.81 -31.99 -11.26
CA PHE F 101 24.24 -31.20 -10.18
C PHE F 101 22.77 -30.91 -10.46
N GLY F 102 22.02 -30.72 -9.39
CA GLY F 102 20.63 -30.33 -9.53
C GLY F 102 20.49 -28.86 -9.90
N SER F 103 19.25 -28.48 -10.20
CA SER F 103 18.97 -27.11 -10.62
C SER F 103 19.08 -26.12 -9.46
N GLY F 104 18.98 -26.58 -8.22
CA GLY F 104 19.16 -25.68 -7.10
C GLY F 104 17.85 -25.20 -6.50
N THR F 105 17.86 -24.98 -5.19
CA THR F 105 16.69 -24.53 -4.45
C THR F 105 17.09 -23.41 -3.50
N THR F 106 16.36 -22.31 -3.55
CA THR F 106 16.57 -21.20 -2.62
C THR F 106 15.62 -21.36 -1.43
N LEU F 107 16.19 -21.36 -0.23
CA LEU F 107 15.45 -21.58 1.00
C LEU F 107 15.28 -20.26 1.74
N THR F 108 14.03 -19.80 1.86
CA THR F 108 13.68 -18.62 2.64
C THR F 108 13.04 -19.07 3.94
N VAL F 109 13.54 -18.53 5.06
CA VAL F 109 12.96 -18.80 6.37
C VAL F 109 12.11 -17.59 6.74
N LEU F 110 10.84 -17.83 7.06
CA LEU F 110 9.90 -16.76 7.38
C LEU F 110 9.81 -16.55 8.88
N GLY F 111 9.31 -15.38 9.28
CA GLY F 111 9.12 -15.09 10.68
C GLY F 111 10.32 -14.54 11.41
N GLN F 112 11.28 -13.92 10.68
CA GLN F 112 12.40 -13.36 11.44
C GLN F 112 12.15 -11.89 11.79
N PRO F 113 12.70 -11.42 12.92
CA PRO F 113 12.39 -10.06 13.37
C PRO F 113 12.87 -8.99 12.41
N LYS F 114 12.09 -7.90 12.35
CA LYS F 114 12.46 -6.74 11.57
C LYS F 114 13.65 -6.03 12.21
N SER F 115 14.54 -5.48 11.37
CA SER F 115 15.73 -4.77 11.84
C SER F 115 15.88 -3.48 11.05
N PRO F 116 16.08 -2.35 11.72
CA PRO F 116 16.26 -1.08 11.01
C PRO F 116 17.67 -0.97 10.48
N PRO F 117 17.89 -0.14 9.46
CA PRO F 117 19.24 0.01 8.91
C PRO F 117 20.08 0.98 9.72
N SER F 118 21.33 0.59 9.95
CA SER F 118 22.35 1.51 10.45
C SER F 118 23.08 2.09 9.24
N VAL F 119 23.13 3.42 9.16
CA VAL F 119 23.72 4.09 8.01
C VAL F 119 24.92 4.90 8.47
N THR F 120 25.90 5.02 7.59
CA THR F 120 27.10 5.80 7.84
C THR F 120 27.42 6.59 6.58
N LEU F 121 27.44 7.91 6.71
CA LEU F 121 27.68 8.80 5.58
C LEU F 121 29.12 9.31 5.64
N PHE F 122 29.92 8.89 4.67
CA PHE F 122 31.30 9.36 4.65
C PHE F 122 31.45 10.55 3.70
N PRO F 123 32.22 11.55 4.10
CA PRO F 123 32.52 12.67 3.20
C PRO F 123 33.61 12.27 2.22
N PRO F 124 33.83 13.07 1.18
CA PRO F 124 34.98 12.79 0.31
C PRO F 124 36.28 13.17 1.00
N SER F 125 37.35 12.47 0.63
CA SER F 125 38.63 12.60 1.29
C SER F 125 39.42 13.77 0.69
N THR F 126 40.29 14.35 1.52
CA THR F 126 41.14 15.45 1.07
C THR F 126 41.94 15.07 -0.17
N GLU F 127 42.41 13.81 -0.22
CA GLU F 127 43.19 13.37 -1.37
C GLU F 127 42.35 13.36 -2.63
N GLU F 128 41.12 12.85 -2.56
CA GLU F 128 40.28 12.83 -3.75
C GLU F 128 39.88 14.24 -4.17
N LEU F 129 39.56 15.10 -3.19
CA LEU F 129 39.26 16.50 -3.49
C LEU F 129 40.38 17.13 -4.31
N ASN F 130 41.63 16.77 -4.01
CA ASN F 130 42.78 17.29 -4.73
C ASN F 130 42.80 16.85 -6.18
N GLY F 131 41.93 15.95 -6.59
CA GLY F 131 41.76 15.59 -7.99
C GLY F 131 40.55 16.21 -8.65
N ASN F 132 39.91 17.19 -8.01
CA ASN F 132 38.70 17.87 -8.49
C ASN F 132 37.48 16.96 -8.55
N LYS F 133 37.46 15.90 -7.75
CA LYS F 133 36.29 15.03 -7.64
C LYS F 133 35.95 14.84 -6.17
N ALA F 134 34.69 14.53 -5.90
CA ALA F 134 34.22 14.34 -4.54
C ALA F 134 33.15 13.26 -4.54
N THR F 135 33.45 12.14 -3.89
CA THR F 135 32.53 11.01 -3.81
C THR F 135 32.04 10.86 -2.37
N LEU F 136 30.75 11.05 -2.16
CA LEU F 136 30.12 10.81 -0.88
C LEU F 136 29.62 9.37 -0.82
N VAL F 137 29.89 8.70 0.30
CA VAL F 137 29.68 7.27 0.42
C VAL F 137 28.73 7.01 1.57
N CYS F 138 27.61 6.36 1.29
CA CYS F 138 26.57 6.06 2.27
C CYS F 138 26.49 4.55 2.43
N LEU F 139 26.87 4.04 3.59
CA LEU F 139 26.89 2.61 3.87
C LEU F 139 25.69 2.21 4.72
N ILE F 140 24.93 1.24 4.25
CA ILE F 140 23.70 0.79 4.91
C ILE F 140 23.88 -0.68 5.27
N SER F 141 23.68 -1.00 6.56
CA SER F 141 23.95 -2.36 7.04
C SER F 141 22.92 -2.75 8.08
N ASP F 142 22.80 -4.07 8.27
CA ASP F 142 22.05 -4.66 9.38
C ASP F 142 20.55 -4.36 9.29
N PHE F 143 19.97 -4.44 8.10
CA PHE F 143 18.55 -4.18 7.90
C PHE F 143 17.87 -5.40 7.31
N TYR F 144 16.74 -5.78 7.91
CA TYR F 144 15.86 -6.84 7.44
C TYR F 144 14.43 -6.30 7.41
N PRO F 145 13.67 -6.59 6.34
CA PRO F 145 14.03 -7.38 5.17
C PRO F 145 14.83 -6.59 4.12
N GLY F 146 15.37 -7.29 3.13
CA GLY F 146 16.31 -6.70 2.19
C GLY F 146 15.72 -5.82 1.12
N SER F 147 15.07 -4.73 1.52
CA SER F 147 14.61 -3.71 0.58
C SER F 147 14.74 -2.36 1.26
N VAL F 148 15.14 -1.36 0.49
CA VAL F 148 15.45 -0.05 1.06
C VAL F 148 15.45 0.98 -0.05
N THR F 149 15.14 2.23 0.30
CA THR F 149 15.09 3.34 -0.64
C THR F 149 16.01 4.45 -0.16
N VAL F 150 16.79 5.02 -1.08
CA VAL F 150 17.80 6.01 -0.75
C VAL F 150 17.51 7.28 -1.54
N VAL F 151 17.44 8.41 -0.83
CA VAL F 151 17.21 9.73 -1.43
C VAL F 151 18.33 10.64 -0.98
N TRP F 152 18.93 11.35 -1.93
CA TRP F 152 19.98 12.34 -1.63
C TRP F 152 19.39 13.74 -1.82
N LYS F 153 19.66 14.62 -0.85
CA LYS F 153 19.25 16.01 -0.94
C LYS F 153 20.41 16.90 -0.51
N ALA F 154 20.51 18.05 -1.15
CA ALA F 154 21.49 19.08 -0.79
C ALA F 154 20.75 20.37 -0.51
N ASP F 155 20.82 20.83 0.73
CA ASP F 155 20.10 22.03 1.18
C ASP F 155 18.60 21.88 0.96
N GLY F 156 18.07 20.70 1.30
CA GLY F 156 16.65 20.43 1.22
C GLY F 156 16.12 20.19 -0.18
N SER F 157 16.97 20.15 -1.20
CA SER F 157 16.55 19.93 -2.58
C SER F 157 17.01 18.55 -3.02
N THR F 158 16.07 17.74 -3.49
CA THR F 158 16.38 16.37 -3.89
C THR F 158 17.34 16.35 -5.08
N ILE F 159 18.37 15.51 -5.00
CA ILE F 159 19.37 15.38 -6.05
C ILE F 159 19.09 14.11 -6.82
N THR F 160 19.15 14.18 -8.15
CA THR F 160 18.93 13.03 -9.01
C THR F 160 20.14 12.65 -9.86
N ARG F 161 21.00 13.61 -10.20
CA ARG F 161 22.16 13.33 -11.03
C ARG F 161 23.27 12.66 -10.25
N ASN F 162 23.88 11.64 -10.85
CA ASN F 162 25.11 11.02 -10.36
C ASN F 162 24.92 10.30 -9.03
N VAL F 163 23.76 9.70 -8.82
CA VAL F 163 23.52 8.80 -7.70
C VAL F 163 23.55 7.37 -8.24
N GLU F 164 24.22 6.48 -7.52
CA GLU F 164 24.28 5.06 -7.88
C GLU F 164 24.16 4.25 -6.61
N THR F 165 23.15 3.39 -6.55
CA THR F 165 22.83 2.62 -5.36
C THR F 165 22.84 1.14 -5.67
N THR F 166 23.45 0.36 -4.79
CA THR F 166 23.52 -1.08 -4.97
C THR F 166 22.20 -1.73 -4.56
N ARG F 167 21.98 -2.94 -5.08
CA ARG F 167 20.90 -3.76 -4.59
C ARG F 167 21.22 -4.24 -3.18
N ALA F 168 20.19 -4.73 -2.49
CA ALA F 168 20.39 -5.28 -1.15
C ALA F 168 21.14 -6.60 -1.25
N SER F 169 22.17 -6.76 -0.42
CA SER F 169 23.02 -7.94 -0.43
C SER F 169 22.94 -8.63 0.92
N LYS F 170 22.77 -9.95 0.89
CA LYS F 170 22.60 -10.72 2.12
C LYS F 170 23.94 -10.93 2.81
N GLN F 171 24.03 -10.50 4.06
CA GLN F 171 25.22 -10.75 4.86
C GLN F 171 25.16 -12.18 5.43
N SER F 172 26.14 -12.52 6.26
CA SER F 172 26.16 -13.85 6.86
C SER F 172 25.02 -14.03 7.87
N ASN F 173 24.68 -12.97 8.59
CA ASN F 173 23.70 -13.03 9.66
C ASN F 173 22.25 -13.03 9.17
N SER F 174 22.03 -13.16 7.86
CA SER F 174 20.76 -13.13 7.16
C SER F 174 20.17 -11.73 7.06
N LYS F 175 20.76 -10.73 7.71
CA LYS F 175 20.39 -9.34 7.45
C LYS F 175 20.99 -8.91 6.11
N TYR F 176 20.67 -7.69 5.69
CA TYR F 176 21.08 -7.20 4.39
C TYR F 176 21.91 -5.93 4.52
N ALA F 177 22.72 -5.68 3.50
CA ALA F 177 23.55 -4.48 3.41
C ALA F 177 23.45 -3.91 2.00
N ALA F 178 23.80 -2.64 1.87
CA ALA F 178 23.79 -1.94 0.59
C ALA F 178 24.52 -0.62 0.78
N SER F 179 24.79 0.05 -0.34
CA SER F 179 25.48 1.34 -0.29
C SER F 179 25.03 2.19 -1.46
N SER F 180 25.23 3.49 -1.33
CA SER F 180 24.88 4.47 -2.35
C SER F 180 26.00 5.49 -2.45
N TYR F 181 26.32 5.90 -3.68
CA TYR F 181 27.46 6.77 -3.96
C TYR F 181 26.98 8.00 -4.71
N LEU F 182 27.41 9.17 -4.26
CA LEU F 182 27.13 10.44 -4.91
C LEU F 182 28.44 11.00 -5.46
N SER F 183 28.53 11.09 -6.78
CA SER F 183 29.75 11.53 -7.45
C SER F 183 29.59 12.98 -7.88
N LEU F 184 30.46 13.85 -7.35
CA LEU F 184 30.41 15.27 -7.66
C LEU F 184 31.78 15.76 -8.08
N THR F 185 31.80 16.95 -8.68
CA THR F 185 33.04 17.71 -8.77
C THR F 185 33.38 18.26 -7.40
N SER F 186 34.63 18.70 -7.25
CA SER F 186 35.03 19.28 -5.98
C SER F 186 34.37 20.63 -5.74
N SER F 187 34.13 21.40 -6.79
CA SER F 187 33.46 22.69 -6.63
C SER F 187 32.01 22.50 -6.19
N ASP F 188 31.33 21.48 -6.74
CA ASP F 188 29.96 21.21 -6.33
C ASP F 188 29.90 20.81 -4.86
N TRP F 189 30.92 20.10 -4.39
CA TRP F 189 30.96 19.70 -2.98
C TRP F 189 31.01 20.91 -2.06
N LYS F 190 31.81 21.91 -2.41
CA LYS F 190 31.88 23.13 -1.61
C LYS F 190 30.73 24.09 -1.87
N SER F 191 30.07 23.97 -3.03
CA SER F 191 29.05 24.94 -3.40
C SER F 191 27.82 24.86 -2.50
N LYS F 192 27.52 23.68 -1.98
CA LYS F 192 26.35 23.49 -1.14
C LYS F 192 26.73 23.54 0.33
N GLY F 193 25.72 23.74 1.19
CA GLY F 193 25.95 23.82 2.61
C GLY F 193 25.75 22.51 3.33
N SER F 194 24.93 21.63 2.79
CA SER F 194 24.63 20.36 3.45
C SER F 194 24.34 19.29 2.41
N TYR F 195 24.58 18.04 2.81
CA TYR F 195 24.27 16.88 2.00
C TYR F 195 23.72 15.80 2.92
N SER F 196 22.64 15.13 2.50
CA SER F 196 21.97 14.16 3.34
C SER F 196 21.78 12.84 2.59
N CYS F 197 21.92 11.75 3.33
CA CYS F 197 21.58 10.41 2.84
C CYS F 197 20.36 9.93 3.62
N GLU F 198 19.20 9.95 2.99
CA GLU F 198 17.95 9.55 3.62
C GLU F 198 17.58 8.14 3.16
N VAL F 199 17.45 7.24 4.13
CA VAL F 199 17.33 5.81 3.87
C VAL F 199 16.01 5.34 4.47
N THR F 200 15.04 5.07 3.62
CA THR F 200 13.69 4.68 4.04
C THR F 200 13.57 3.16 4.04
N HIS F 201 13.16 2.61 5.18
CA HIS F 201 13.04 1.16 5.36
C HIS F 201 11.82 0.88 6.22
N GLU F 202 10.84 0.18 5.65
CA GLU F 202 9.61 -0.20 6.35
C GLU F 202 8.89 1.03 6.92
N GLY F 203 8.78 2.06 6.08
CA GLY F 203 8.04 3.27 6.41
C GLY F 203 8.86 4.35 7.09
N SER F 204 9.95 3.98 7.76
CA SER F 204 10.74 4.92 8.54
C SER F 204 12.03 5.25 7.81
N THR F 205 12.36 6.54 7.78
CA THR F 205 13.58 7.03 7.15
C THR F 205 14.66 7.24 8.19
N VAL F 206 15.86 6.78 7.90
CA VAL F 206 17.06 7.05 8.69
C VAL F 206 17.97 7.96 7.87
N THR F 207 18.33 9.10 8.43
CA THR F 207 19.05 10.14 7.71
C THR F 207 20.37 10.47 8.41
N LYS F 208 21.40 10.69 7.62
CA LYS F 208 22.67 11.22 8.09
C LYS F 208 23.12 12.34 7.16
N THR F 209 23.87 13.28 7.72
CA THR F 209 24.21 14.51 7.03
C THR F 209 25.69 14.83 7.22
N VAL F 210 26.28 15.41 6.18
CA VAL F 210 27.64 15.93 6.23
C VAL F 210 27.62 17.36 5.71
N LYS F 211 28.39 18.24 6.37
CA LYS F 211 28.46 19.64 5.98
C LYS F 211 29.89 19.96 5.59
N PRO F 212 30.13 20.38 4.33
CA PRO F 212 31.52 20.64 3.90
C PRO F 212 32.26 21.65 4.75
N SER F 213 31.53 22.50 5.49
CA SER F 213 32.18 23.41 6.42
C SER F 213 32.97 22.66 7.48
N GLU F 214 32.34 21.65 8.09
CA GLU F 214 32.89 21.00 9.27
C GLU F 214 33.59 19.69 8.95
N CYS F 215 34.00 19.46 7.71
CA CYS F 215 34.70 18.22 7.38
C CYS F 215 36.15 18.47 6.99
#